data_3F4L
#
_entry.id   3F4L
#
_cell.length_a   66.189
_cell.length_b   100.785
_cell.length_c   102.166
_cell.angle_alpha   114.40
_cell.angle_beta   103.31
_cell.angle_gamma   101.62
#
_symmetry.space_group_name_H-M   'P 1'
#
loop_
_entity.id
_entity.type
_entity.pdbx_description
1 polymer 'Putative oxidoreductase yhhX'
2 water water
#
_entity_poly.entity_id   1
_entity_poly.type   'polypeptide(L)'
_entity_poly.pdbx_seq_one_letter_code
;(MSE)VINCAFIGFGKSTTRYHLPYVLNRKDSWHVAHIFRRHAKPEEQAPIYSHIHFTSDLDEVLNDPDVKLVVVCTHAD
SHFEYAKRALEAGKNVLVEKPFTPTLAQAKELFALAKSKGLTVTPYQNRRFDSCFLTAKKAIESGKLGEIVEVESHFDYY
RPVAETKPGLPQDGAFYGLGVHT(MSE)DQIISLFGRPDHVAYDIRSLRNKANPDDTFEAQLFYGDLKAIVKTSHLVKID
YPKFIVHGKKGSFIKYGIDQQETSLKANI(MSE)PGEPGFAADDSVGVLEYVNDEGVTVREE(MSE)KPE(MSE)GDYGR
VYDALYQTITHGAPNYVKESEVLTNLEILERGFEQASPSTVTLAK
;
_entity_poly.pdbx_strand_id   A,B,C,D,E,F
#
# COMPACT_ATOMS: atom_id res chain seq x y z
N VAL A 2 -14.39 11.58 -3.33
CA VAL A 2 -14.74 11.16 -1.93
C VAL A 2 -16.02 11.83 -1.44
N ILE A 3 -16.98 11.02 -0.99
CA ILE A 3 -18.24 11.54 -0.47
C ILE A 3 -18.15 11.55 1.05
N ASN A 4 -18.58 12.65 1.67
CA ASN A 4 -18.57 12.76 3.12
C ASN A 4 -19.91 12.22 3.65
N CYS A 5 -19.85 11.43 4.70
CA CYS A 5 -21.06 10.88 5.28
C CYS A 5 -21.05 11.11 6.78
N ALA A 6 -22.15 10.78 7.43
CA ALA A 6 -22.26 10.94 8.87
C ALA A 6 -23.19 9.90 9.46
N PHE A 7 -22.93 9.47 10.68
CA PHE A 7 -23.78 8.48 11.31
C PHE A 7 -24.58 9.04 12.45
N ILE A 8 -25.84 8.63 12.52
CA ILE A 8 -26.71 9.01 13.63
C ILE A 8 -26.76 7.72 14.43
N GLY A 9 -26.03 7.70 15.54
CA GLY A 9 -25.99 6.53 16.38
C GLY A 9 -24.61 5.92 16.34
N PHE A 10 -24.09 5.53 17.50
CA PHE A 10 -22.77 4.92 17.55
C PHE A 10 -22.80 3.67 18.42
N GLY A 11 -23.68 2.74 18.10
CA GLY A 11 -23.79 1.52 18.86
C GLY A 11 -23.01 0.40 18.19
N LYS A 12 -23.37 -0.84 18.52
CA LYS A 12 -22.71 -1.99 17.95
C LYS A 12 -22.89 -2.11 16.44
N SER A 13 -24.10 -1.85 15.96
CA SER A 13 -24.33 -1.95 14.52
C SER A 13 -23.38 -1.03 13.76
N THR A 14 -23.22 0.20 14.24
CA THR A 14 -22.33 1.15 13.57
C THR A 14 -20.87 0.69 13.58
N THR A 15 -20.37 0.21 14.70
CA THR A 15 -18.98 -0.22 14.79
C THR A 15 -18.67 -1.60 14.24
N ARG A 16 -19.70 -2.41 14.01
CA ARG A 16 -19.48 -3.75 13.49
C ARG A 16 -19.89 -3.96 12.04
N TYR A 17 -21.03 -3.42 11.65
CA TYR A 17 -21.50 -3.61 10.28
C TYR A 17 -21.34 -2.46 9.31
N HIS A 18 -20.92 -1.30 9.79
CA HIS A 18 -20.72 -0.16 8.90
C HIS A 18 -19.28 0.32 8.81
N LEU A 19 -18.75 0.80 9.93
CA LEU A 19 -17.40 1.34 9.95
C LEU A 19 -16.28 0.46 9.40
N PRO A 20 -16.29 -0.85 9.75
CA PRO A 20 -15.22 -1.71 9.22
C PRO A 20 -15.14 -1.64 7.70
N TYR A 21 -16.28 -1.50 7.05
CA TYR A 21 -16.37 -1.45 5.60
C TYR A 21 -16.15 -0.05 5.02
N VAL A 22 -16.70 0.95 5.69
CA VAL A 22 -16.55 2.33 5.25
C VAL A 22 -15.13 2.82 5.41
N LEU A 23 -14.49 2.45 6.51
CA LEU A 23 -13.11 2.89 6.76
C LEU A 23 -12.13 2.16 5.84
N ASN A 24 -12.61 1.17 5.09
CA ASN A 24 -11.75 0.46 4.15
C ASN A 24 -11.90 1.09 2.76
N ARG A 25 -12.74 2.12 2.66
CA ARG A 25 -12.99 2.82 1.40
C ARG A 25 -12.69 4.31 1.50
N LYS A 26 -11.58 4.65 2.14
CA LYS A 26 -11.20 6.05 2.31
C LYS A 26 -11.05 6.83 1.00
N ASP A 27 -10.85 6.12 -0.11
CA ASP A 27 -10.72 6.81 -1.40
C ASP A 27 -12.10 7.12 -1.99
N SER A 28 -13.14 6.56 -1.39
CA SER A 28 -14.51 6.75 -1.84
C SER A 28 -15.36 7.54 -0.83
N TRP A 29 -15.16 7.25 0.45
CA TRP A 29 -15.92 7.90 1.51
C TRP A 29 -15.07 8.41 2.66
N HIS A 30 -15.58 9.46 3.32
CA HIS A 30 -14.93 10.05 4.48
C HIS A 30 -16.02 10.29 5.54
N VAL A 31 -15.84 9.70 6.72
CA VAL A 31 -16.81 9.87 7.79
C VAL A 31 -16.52 11.17 8.50
N ALA A 32 -17.33 12.19 8.21
CA ALA A 32 -17.13 13.51 8.78
C ALA A 32 -17.64 13.68 10.19
N HIS A 33 -18.79 13.09 10.48
CA HIS A 33 -19.39 13.20 11.81
C HIS A 33 -20.06 11.93 12.25
N ILE A 34 -20.14 11.77 13.56
CA ILE A 34 -20.85 10.65 14.15
C ILE A 34 -21.56 11.26 15.35
N PHE A 35 -22.89 11.32 15.25
CA PHE A 35 -23.72 11.85 16.31
C PHE A 35 -24.09 10.73 17.26
N ARG A 36 -24.23 11.07 18.53
CA ARG A 36 -24.64 10.13 19.57
C ARG A 36 -25.15 10.96 20.73
N ARG A 37 -26.21 10.48 21.38
CA ARG A 37 -26.80 11.20 22.50
C ARG A 37 -25.81 11.32 23.65
N HIS A 38 -25.08 10.24 23.92
CA HIS A 38 -24.08 10.24 25.00
C HIS A 38 -22.75 9.70 24.49
N ALA A 39 -21.66 10.26 25.00
CA ALA A 39 -20.34 9.83 24.59
C ALA A 39 -20.14 8.36 24.90
N LYS A 40 -19.37 7.68 24.04
CA LYS A 40 -19.10 6.26 24.20
C LYS A 40 -17.59 6.00 24.28
N PRO A 41 -17.18 4.98 25.05
CA PRO A 41 -15.77 4.61 25.24
C PRO A 41 -15.07 4.27 23.94
N GLU A 42 -15.78 3.58 23.05
CA GLU A 42 -15.22 3.18 21.77
C GLU A 42 -14.70 4.34 20.91
N GLU A 43 -15.18 5.56 21.19
CA GLU A 43 -14.74 6.74 20.43
C GLU A 43 -13.22 6.96 20.53
N GLN A 44 -12.59 6.38 21.56
CA GLN A 44 -11.14 6.54 21.75
C GLN A 44 -10.25 5.61 20.94
N ALA A 45 -10.84 4.68 20.20
CA ALA A 45 -10.06 3.77 19.39
C ALA A 45 -9.31 4.57 18.32
N PRO A 46 -8.00 4.36 18.18
CA PRO A 46 -7.23 5.10 17.18
C PRO A 46 -7.83 5.14 15.77
N ILE A 47 -8.50 4.07 15.35
CA ILE A 47 -9.09 4.03 14.02
C ILE A 47 -10.18 5.07 13.79
N TYR A 48 -10.66 5.71 14.87
CA TYR A 48 -11.70 6.73 14.74
C TYR A 48 -11.16 8.14 14.98
N SER A 49 -9.84 8.26 15.11
CA SER A 49 -9.21 9.56 15.39
C SER A 49 -9.55 10.71 14.44
N HIS A 50 -9.88 10.40 13.19
CA HIS A 50 -10.21 11.43 12.20
C HIS A 50 -11.68 11.83 12.21
N ILE A 51 -12.48 11.17 13.04
CA ILE A 51 -13.90 11.45 13.10
C ILE A 51 -14.29 12.44 14.19
N HIS A 52 -15.20 13.34 13.85
CA HIS A 52 -15.72 14.32 14.80
C HIS A 52 -16.98 13.76 15.44
N PHE A 53 -16.90 13.42 16.73
CA PHE A 53 -18.07 12.90 17.44
C PHE A 53 -18.81 14.08 18.06
N THR A 54 -20.14 14.06 18.00
CA THR A 54 -20.92 15.16 18.52
C THR A 54 -22.28 14.74 19.03
N SER A 55 -22.85 15.54 19.91
CA SER A 55 -24.18 15.30 20.47
C SER A 55 -25.13 16.38 19.98
N ASP A 56 -24.65 17.18 19.04
CA ASP A 56 -25.44 18.25 18.44
C ASP A 56 -25.74 17.81 17.00
N LEU A 57 -26.96 17.35 16.78
CA LEU A 57 -27.34 16.85 15.47
C LEU A 57 -27.28 17.94 14.40
N ASP A 58 -27.60 19.18 14.77
CA ASP A 58 -27.56 20.26 13.79
C ASP A 58 -26.17 20.45 13.19
N GLU A 59 -25.14 20.23 14.00
CA GLU A 59 -23.75 20.36 13.53
C GLU A 59 -23.46 19.38 12.39
N VAL A 60 -24.31 18.36 12.26
CA VAL A 60 -24.13 17.38 11.20
C VAL A 60 -25.03 17.71 10.02
N LEU A 61 -26.32 17.89 10.28
CA LEU A 61 -27.27 18.20 9.23
C LEU A 61 -27.01 19.53 8.53
N ASN A 62 -26.28 20.42 9.20
CA ASN A 62 -25.97 21.71 8.60
C ASN A 62 -24.66 21.70 7.83
N ASP A 63 -23.92 20.60 7.91
CA ASP A 63 -22.64 20.50 7.19
C ASP A 63 -22.90 20.37 5.69
N PRO A 64 -22.45 21.37 4.90
CA PRO A 64 -22.61 21.44 3.45
C PRO A 64 -22.02 20.25 2.70
N ASP A 65 -20.92 19.71 3.21
CA ASP A 65 -20.24 18.61 2.55
C ASP A 65 -20.77 17.21 2.86
N VAL A 66 -21.71 17.09 3.78
CA VAL A 66 -22.27 15.77 4.10
C VAL A 66 -23.34 15.44 3.06
N LYS A 67 -23.18 14.32 2.36
CA LYS A 67 -24.14 13.90 1.34
C LYS A 67 -24.98 12.71 1.75
N LEU A 68 -24.48 11.92 2.71
CA LEU A 68 -25.23 10.76 3.16
C LEU A 68 -25.25 10.66 4.69
N VAL A 69 -26.44 10.46 5.23
CA VAL A 69 -26.61 10.31 6.67
C VAL A 69 -27.07 8.87 6.90
N VAL A 70 -26.41 8.17 7.82
CA VAL A 70 -26.76 6.78 8.10
C VAL A 70 -27.40 6.68 9.49
N VAL A 71 -28.69 6.35 9.54
CA VAL A 71 -29.42 6.27 10.79
C VAL A 71 -29.33 4.87 11.41
N CYS A 72 -28.63 4.79 12.54
CA CYS A 72 -28.41 3.53 13.24
C CYS A 72 -28.85 3.59 14.69
N THR A 73 -29.80 4.46 15.00
CA THR A 73 -30.30 4.60 16.38
C THR A 73 -31.35 3.55 16.66
N HIS A 74 -32.13 3.77 17.72
CA HIS A 74 -33.19 2.87 18.11
C HIS A 74 -34.28 2.90 17.03
N ALA A 75 -34.81 1.73 16.70
CA ALA A 75 -35.85 1.61 15.69
C ALA A 75 -36.91 2.72 15.76
N ASP A 76 -37.39 3.01 16.97
CA ASP A 76 -38.43 4.01 17.16
C ASP A 76 -38.09 5.42 16.72
N SER A 77 -36.82 5.70 16.44
CA SER A 77 -36.45 7.05 16.03
C SER A 77 -36.01 7.12 14.57
N HIS A 78 -36.06 5.99 13.87
CA HIS A 78 -35.66 5.95 12.48
C HIS A 78 -36.46 6.88 11.58
N PHE A 79 -37.77 6.87 11.70
CA PHE A 79 -38.58 7.74 10.84
C PHE A 79 -38.23 9.20 11.08
N GLU A 80 -38.21 9.59 12.35
CA GLU A 80 -37.92 10.97 12.74
C GLU A 80 -36.57 11.47 12.24
N TYR A 81 -35.51 10.70 12.47
CA TYR A 81 -34.19 11.10 12.01
C TYR A 81 -34.09 11.12 10.48
N ALA A 82 -34.68 10.12 9.83
CA ALA A 82 -34.65 10.04 8.36
C ALA A 82 -35.33 11.26 7.75
N LYS A 83 -36.51 11.60 8.27
CA LYS A 83 -37.26 12.74 7.78
C LYS A 83 -36.49 14.05 7.99
N ARG A 84 -35.83 14.17 9.14
CA ARG A 84 -35.07 15.36 9.43
C ARG A 84 -33.87 15.48 8.49
N ALA A 85 -33.21 14.35 8.22
CA ALA A 85 -32.06 14.36 7.32
C ALA A 85 -32.51 14.74 5.91
N LEU A 86 -33.61 14.18 5.43
CA LEU A 86 -34.09 14.52 4.09
C LEU A 86 -34.44 16.00 3.98
N GLU A 87 -35.04 16.56 5.03
CA GLU A 87 -35.42 17.97 5.01
C GLU A 87 -34.18 18.86 5.01
N ALA A 88 -33.06 18.32 5.49
CA ALA A 88 -31.81 19.07 5.52
C ALA A 88 -31.08 18.90 4.20
N GLY A 89 -31.72 18.18 3.28
CA GLY A 89 -31.16 17.96 1.96
C GLY A 89 -30.16 16.84 1.84
N LYS A 90 -30.19 15.90 2.77
CA LYS A 90 -29.23 14.79 2.76
C LYS A 90 -29.85 13.49 2.27
N ASN A 91 -29.01 12.67 1.63
CA ASN A 91 -29.43 11.34 1.20
C ASN A 91 -29.42 10.54 2.49
N VAL A 92 -30.29 9.54 2.60
CA VAL A 92 -30.37 8.76 3.83
C VAL A 92 -30.36 7.24 3.67
N LEU A 93 -29.55 6.59 4.51
CA LEU A 93 -29.44 5.13 4.55
C LEU A 93 -29.94 4.76 5.95
N VAL A 94 -30.97 3.92 6.02
CA VAL A 94 -31.54 3.55 7.31
C VAL A 94 -31.43 2.07 7.68
N GLU A 95 -30.97 1.81 8.90
CA GLU A 95 -30.85 0.43 9.38
C GLU A 95 -32.22 -0.15 9.72
N LYS A 96 -32.30 -1.48 9.76
CA LYS A 96 -33.55 -2.17 10.08
C LYS A 96 -34.08 -1.73 11.45
N PRO A 97 -35.39 -1.44 11.55
CA PRO A 97 -36.43 -1.46 10.52
C PRO A 97 -36.49 -0.09 9.84
N PHE A 98 -36.75 -0.08 8.55
CA PHE A 98 -36.84 1.17 7.77
C PHE A 98 -37.73 2.18 8.48
N THR A 99 -38.96 1.76 8.76
CA THR A 99 -39.94 2.60 9.46
C THR A 99 -40.83 1.66 10.25
N PRO A 100 -41.56 2.19 11.24
CA PRO A 100 -42.43 1.32 12.01
C PRO A 100 -43.61 0.83 11.18
N THR A 101 -44.00 1.61 10.20
CA THR A 101 -45.16 1.26 9.36
C THR A 101 -45.00 1.51 7.86
N LEU A 102 -45.92 0.92 7.11
CA LEU A 102 -45.94 1.04 5.65
C LEU A 102 -46.21 2.48 5.22
N ALA A 103 -47.17 3.14 5.88
CA ALA A 103 -47.49 4.52 5.56
C ALA A 103 -46.28 5.44 5.76
N GLN A 104 -45.58 5.31 6.89
CA GLN A 104 -44.41 6.15 7.13
C GLN A 104 -43.35 5.91 6.06
N ALA A 105 -43.21 4.66 5.63
CA ALA A 105 -42.23 4.33 4.60
C ALA A 105 -42.63 5.06 3.33
N LYS A 106 -43.91 4.99 2.99
CA LYS A 106 -44.41 5.64 1.79
C LYS A 106 -44.19 7.15 1.88
N GLU A 107 -44.29 7.69 3.09
CA GLU A 107 -44.12 9.12 3.32
C GLU A 107 -42.65 9.52 3.12
N LEU A 108 -41.75 8.65 3.56
CA LEU A 108 -40.32 8.90 3.43
C LEU A 108 -39.91 8.94 1.94
N PHE A 109 -40.43 8.01 1.15
CA PHE A 109 -40.12 7.97 -0.28
C PHE A 109 -40.67 9.20 -1.02
N ALA A 110 -41.89 9.62 -0.68
CA ALA A 110 -42.49 10.78 -1.32
C ALA A 110 -41.63 12.02 -1.06
N LEU A 111 -41.25 12.22 0.20
CA LEU A 111 -40.42 13.34 0.57
C LEU A 111 -39.09 13.31 -0.19
N ALA A 112 -38.43 12.16 -0.19
CA ALA A 112 -37.15 12.03 -0.90
C ALA A 112 -37.28 12.38 -2.36
N LYS A 113 -38.32 11.84 -3.00
CA LYS A 113 -38.58 12.10 -4.42
C LYS A 113 -38.72 13.59 -4.73
N SER A 114 -39.49 14.30 -3.90
CA SER A 114 -39.71 15.73 -4.10
C SER A 114 -38.44 16.55 -3.98
N LYS A 115 -37.42 15.99 -3.32
CA LYS A 115 -36.16 16.70 -3.15
C LYS A 115 -35.07 16.16 -4.06
N GLY A 116 -35.36 15.09 -4.77
CA GLY A 116 -34.36 14.51 -5.65
C GLY A 116 -33.31 13.78 -4.84
N LEU A 117 -33.70 13.35 -3.64
CA LEU A 117 -32.76 12.64 -2.77
C LEU A 117 -33.07 11.15 -2.73
N THR A 118 -32.13 10.39 -2.18
CA THR A 118 -32.28 8.95 -2.04
C THR A 118 -32.44 8.54 -0.57
N VAL A 119 -33.49 7.78 -0.28
CA VAL A 119 -33.68 7.25 1.07
C VAL A 119 -33.85 5.74 0.86
N THR A 120 -33.08 4.95 1.58
CA THR A 120 -33.13 3.50 1.40
C THR A 120 -32.73 2.73 2.64
N PRO A 121 -33.21 1.49 2.78
CA PRO A 121 -32.84 0.68 3.95
C PRO A 121 -31.46 0.07 3.68
N TYR A 122 -30.86 -0.50 4.72
CA TYR A 122 -29.53 -1.11 4.63
C TYR A 122 -29.75 -2.62 4.52
N GLN A 123 -29.79 -3.14 3.30
CA GLN A 123 -29.99 -4.58 3.10
C GLN A 123 -28.66 -5.22 2.70
N ASN A 124 -27.74 -5.25 3.65
CA ASN A 124 -26.41 -5.79 3.40
C ASN A 124 -26.40 -7.29 3.10
N ARG A 125 -27.42 -8.03 3.53
CA ARG A 125 -27.42 -9.47 3.27
C ARG A 125 -27.67 -9.82 1.80
N ARG A 126 -27.80 -8.79 0.98
CA ARG A 126 -27.96 -9.01 -0.44
C ARG A 126 -26.57 -9.33 -0.96
N PHE A 127 -25.59 -9.13 -0.09
CA PHE A 127 -24.22 -9.42 -0.45
C PHE A 127 -23.61 -10.51 0.41
N ASP A 128 -24.45 -11.39 0.95
CA ASP A 128 -24.00 -12.54 1.73
C ASP A 128 -23.51 -13.55 0.69
N SER A 129 -22.37 -14.20 0.96
CA SER A 129 -21.81 -15.15 0.01
C SER A 129 -22.75 -16.32 -0.31
N CYS A 130 -23.42 -16.84 0.71
CA CYS A 130 -24.36 -17.95 0.53
C CYS A 130 -25.46 -17.55 -0.46
N PHE A 131 -26.08 -16.41 -0.20
CA PHE A 131 -27.13 -15.89 -1.05
C PHE A 131 -26.63 -15.65 -2.48
N LEU A 132 -25.49 -14.98 -2.62
CA LEU A 132 -24.96 -14.70 -3.95
C LEU A 132 -24.68 -15.96 -4.75
N THR A 133 -24.28 -17.04 -4.07
CA THR A 133 -24.02 -18.30 -4.77
C THR A 133 -25.35 -18.85 -5.28
N ALA A 134 -26.39 -18.80 -4.45
CA ALA A 134 -27.69 -19.30 -4.86
C ALA A 134 -28.22 -18.46 -6.04
N LYS A 135 -28.00 -17.15 -5.96
CA LYS A 135 -28.43 -16.23 -7.02
C LYS A 135 -27.71 -16.61 -8.32
N LYS A 136 -26.41 -16.86 -8.24
CA LYS A 136 -25.66 -17.23 -9.42
C LYS A 136 -26.23 -18.51 -10.01
N ALA A 137 -26.48 -19.49 -9.14
CA ALA A 137 -27.05 -20.76 -9.59
C ALA A 137 -28.39 -20.52 -10.27
N ILE A 138 -29.27 -19.75 -9.64
CA ILE A 138 -30.57 -19.45 -10.22
C ILE A 138 -30.41 -18.77 -11.59
N GLU A 139 -29.53 -17.76 -11.65
CA GLU A 139 -29.32 -17.02 -12.88
C GLU A 139 -28.51 -17.77 -13.95
N SER A 140 -27.96 -18.94 -13.62
CA SER A 140 -27.17 -19.69 -14.59
C SER A 140 -28.02 -20.35 -15.68
N GLY A 141 -29.28 -20.64 -15.34
CA GLY A 141 -30.16 -21.30 -16.30
C GLY A 141 -30.03 -22.82 -16.26
N LYS A 142 -29.03 -23.31 -15.54
CA LYS A 142 -28.79 -24.75 -15.43
C LYS A 142 -29.90 -25.56 -14.74
N LEU A 143 -30.62 -24.91 -13.83
CA LEU A 143 -31.69 -25.58 -13.08
C LEU A 143 -33.02 -25.55 -13.84
N GLY A 144 -33.08 -24.74 -14.90
CA GLY A 144 -34.30 -24.65 -15.67
C GLY A 144 -35.33 -23.85 -14.89
N GLU A 145 -36.60 -23.96 -15.25
CA GLU A 145 -37.63 -23.21 -14.55
C GLU A 145 -37.62 -23.49 -13.05
N ILE A 146 -37.46 -22.43 -12.26
CA ILE A 146 -37.40 -22.59 -10.80
C ILE A 146 -38.78 -22.83 -10.21
N VAL A 147 -38.91 -23.84 -9.35
CA VAL A 147 -40.19 -24.12 -8.73
C VAL A 147 -40.17 -23.99 -7.22
N GLU A 148 -38.99 -24.08 -6.61
CA GLU A 148 -38.93 -23.94 -5.17
C GLU A 148 -37.59 -23.42 -4.65
N VAL A 149 -37.68 -22.53 -3.67
CA VAL A 149 -36.53 -21.93 -3.03
C VAL A 149 -36.81 -22.05 -1.54
N GLU A 150 -35.79 -22.43 -0.78
CA GLU A 150 -35.95 -22.56 0.66
C GLU A 150 -34.76 -21.91 1.33
N SER A 151 -35.04 -20.96 2.23
CA SER A 151 -34.00 -20.25 2.97
C SER A 151 -34.15 -20.48 4.47
N HIS A 152 -33.04 -20.81 5.13
CA HIS A 152 -33.04 -21.05 6.56
C HIS A 152 -32.06 -20.12 7.27
N PHE A 153 -32.47 -19.63 8.44
CA PHE A 153 -31.62 -18.78 9.25
C PHE A 153 -31.99 -19.26 10.64
N ASP A 154 -31.32 -20.30 11.11
CA ASP A 154 -31.63 -20.89 12.40
C ASP A 154 -30.52 -20.86 13.44
N TYR A 155 -30.87 -21.25 14.67
CA TYR A 155 -29.95 -21.31 15.80
C TYR A 155 -30.39 -22.44 16.72
N TYR A 156 -29.55 -22.75 17.69
CA TYR A 156 -29.92 -23.70 18.72
C TYR A 156 -29.58 -22.94 20.00
N ARG A 157 -30.56 -22.17 20.48
CA ARG A 157 -30.46 -21.36 21.69
C ARG A 157 -31.76 -21.63 22.43
N PRO A 158 -31.84 -22.76 23.13
CA PRO A 158 -33.03 -23.17 23.89
C PRO A 158 -33.48 -22.29 25.05
N VAL A 159 -32.57 -21.49 25.60
CA VAL A 159 -32.92 -20.63 26.72
C VAL A 159 -33.30 -19.22 26.30
N ALA A 160 -34.48 -18.79 26.73
CA ALA A 160 -34.98 -17.47 26.40
C ALA A 160 -35.57 -16.88 27.68
N GLU A 161 -34.88 -15.90 28.25
CA GLU A 161 -35.37 -15.28 29.47
C GLU A 161 -36.66 -14.54 29.14
N THR A 162 -37.57 -14.51 30.09
CA THR A 162 -38.83 -13.81 29.90
C THR A 162 -38.56 -12.36 29.59
N LYS A 163 -39.16 -11.86 28.51
CA LYS A 163 -38.98 -10.48 28.10
C LYS A 163 -40.11 -10.11 27.15
N PRO A 164 -41.30 -9.82 27.69
CA PRO A 164 -42.47 -9.47 26.90
C PRO A 164 -42.23 -8.36 25.89
N GLY A 165 -43.00 -8.39 24.82
CA GLY A 165 -42.86 -7.39 23.78
C GLY A 165 -43.98 -7.47 22.77
N LEU A 166 -43.89 -6.65 21.73
CA LEU A 166 -44.88 -6.61 20.67
C LEU A 166 -44.41 -7.41 19.46
N PRO A 167 -45.28 -7.56 18.45
CA PRO A 167 -44.88 -8.31 17.26
C PRO A 167 -43.57 -7.80 16.64
N GLN A 168 -43.35 -6.48 16.74
CA GLN A 168 -42.13 -5.87 16.19
C GLN A 168 -40.84 -6.31 16.86
N ASP A 169 -40.94 -6.94 18.03
CA ASP A 169 -39.75 -7.39 18.75
C ASP A 169 -39.42 -8.85 18.48
N GLY A 170 -40.28 -9.52 17.72
CA GLY A 170 -40.06 -10.92 17.43
C GLY A 170 -39.04 -11.23 16.34
N ALA A 171 -38.86 -12.53 16.10
CA ALA A 171 -37.91 -13.01 15.10
C ALA A 171 -38.32 -12.71 13.66
N PHE A 172 -39.63 -12.71 13.39
CA PHE A 172 -40.12 -12.43 12.05
C PHE A 172 -39.72 -11.03 11.59
N TYR A 173 -39.96 -10.02 12.43
CA TYR A 173 -39.56 -8.66 12.08
C TYR A 173 -38.04 -8.57 12.15
N GLY A 174 -37.47 -9.19 13.18
CA GLY A 174 -36.03 -9.14 13.39
C GLY A 174 -35.15 -9.77 12.33
N LEU A 175 -35.43 -11.01 11.96
CA LEU A 175 -34.62 -11.71 10.96
C LEU A 175 -35.31 -11.86 9.61
N GLY A 176 -36.63 -11.98 9.65
CA GLY A 176 -37.38 -12.14 8.42
C GLY A 176 -37.18 -10.97 7.48
N VAL A 177 -36.98 -9.79 8.02
CA VAL A 177 -36.79 -8.60 7.20
C VAL A 177 -35.64 -8.83 6.20
N HIS A 178 -34.60 -9.52 6.64
CA HIS A 178 -33.43 -9.80 5.79
C HIS A 178 -33.62 -10.97 4.83
N THR A 179 -34.11 -12.09 5.36
CA THR A 179 -34.30 -13.25 4.52
C THR A 179 -35.39 -13.04 3.47
N MSE A 180 -36.47 -12.34 3.84
CA MSE A 180 -37.52 -12.09 2.86
C MSE A 180 -37.05 -11.08 1.82
O MSE A 180 -37.44 -11.16 0.66
CB MSE A 180 -38.81 -11.57 3.53
CG MSE A 180 -39.56 -12.63 4.34
SE MSE A 180 -41.47 -12.20 4.41
CE MSE A 180 -41.35 -10.54 5.38
N ASP A 181 -36.22 -10.14 2.23
CA ASP A 181 -35.68 -9.15 1.31
C ASP A 181 -34.88 -9.84 0.20
N GLN A 182 -34.13 -10.88 0.56
CA GLN A 182 -33.35 -11.61 -0.44
C GLN A 182 -34.28 -12.23 -1.48
N ILE A 183 -35.37 -12.85 -1.01
CA ILE A 183 -36.31 -13.49 -1.92
C ILE A 183 -36.97 -12.44 -2.81
N ILE A 184 -37.35 -11.33 -2.20
CA ILE A 184 -37.99 -10.26 -2.95
C ILE A 184 -37.04 -9.68 -4.01
N SER A 185 -35.76 -9.54 -3.69
CA SER A 185 -34.81 -9.00 -4.66
C SER A 185 -34.68 -9.93 -5.87
N LEU A 186 -34.99 -11.22 -5.71
CA LEU A 186 -34.88 -12.18 -6.81
C LEU A 186 -36.15 -12.32 -7.63
N PHE A 187 -37.28 -12.35 -6.93
CA PHE A 187 -38.56 -12.58 -7.57
C PHE A 187 -39.59 -11.46 -7.53
N GLY A 188 -39.38 -10.46 -6.69
CA GLY A 188 -40.33 -9.36 -6.64
C GLY A 188 -41.46 -9.50 -5.64
N ARG A 189 -42.63 -9.03 -6.05
CA ARG A 189 -43.85 -9.04 -5.24
C ARG A 189 -44.65 -10.33 -5.44
N PRO A 190 -44.84 -11.10 -4.36
CA PRO A 190 -45.59 -12.37 -4.46
C PRO A 190 -47.10 -12.15 -4.59
N ASP A 191 -47.78 -13.19 -5.09
CA ASP A 191 -49.23 -13.17 -5.24
C ASP A 191 -49.89 -13.45 -3.90
N HIS A 192 -49.35 -14.42 -3.17
CA HIS A 192 -49.87 -14.84 -1.88
C HIS A 192 -48.76 -15.10 -0.87
N VAL A 193 -49.13 -15.06 0.41
CA VAL A 193 -48.18 -15.35 1.48
C VAL A 193 -48.85 -16.22 2.53
N ALA A 194 -48.18 -17.31 2.90
CA ALA A 194 -48.68 -18.20 3.95
C ALA A 194 -47.78 -17.96 5.17
N TYR A 195 -48.40 -17.72 6.32
CA TYR A 195 -47.66 -17.47 7.56
C TYR A 195 -47.82 -18.55 8.64
N ASP A 196 -46.72 -18.79 9.35
CA ASP A 196 -46.65 -19.70 10.49
C ASP A 196 -45.69 -18.97 11.44
N ILE A 197 -46.23 -18.35 12.48
CA ILE A 197 -45.43 -17.60 13.43
C ILE A 197 -45.72 -18.09 14.85
N ARG A 198 -44.70 -18.64 15.50
CA ARG A 198 -44.88 -19.18 16.84
C ARG A 198 -43.81 -18.77 17.86
N SER A 199 -44.20 -18.82 19.13
CA SER A 199 -43.32 -18.50 20.26
C SER A 199 -43.18 -19.83 21.01
N LEU A 200 -42.06 -20.50 20.81
CA LEU A 200 -41.82 -21.82 21.41
C LEU A 200 -41.02 -21.90 22.71
N ARG A 201 -39.92 -21.17 22.79
CA ARG A 201 -39.06 -21.23 23.97
C ARG A 201 -39.69 -20.67 25.25
N ASN A 202 -40.30 -19.50 25.14
CA ASN A 202 -40.93 -18.87 26.29
C ASN A 202 -42.22 -18.22 25.85
N LYS A 203 -43.35 -18.81 26.23
CA LYS A 203 -44.66 -18.29 25.83
C LYS A 203 -44.93 -16.84 26.22
N ALA A 204 -44.09 -16.26 27.07
CA ALA A 204 -44.30 -14.88 27.46
C ALA A 204 -43.68 -13.92 26.45
N ASN A 205 -42.76 -14.43 25.63
CA ASN A 205 -42.05 -13.62 24.64
C ASN A 205 -42.66 -13.55 23.23
N PRO A 206 -42.20 -12.58 22.42
CA PRO A 206 -42.70 -12.44 21.05
C PRO A 206 -42.22 -13.68 20.29
N ASP A 207 -42.71 -13.88 19.06
CA ASP A 207 -42.33 -15.04 18.26
C ASP A 207 -40.82 -15.24 18.11
N ASP A 208 -40.40 -16.50 18.09
CA ASP A 208 -38.98 -16.84 17.93
C ASP A 208 -38.86 -17.92 16.86
N THR A 209 -39.98 -18.17 16.19
CA THR A 209 -40.06 -19.20 15.16
C THR A 209 -41.01 -18.75 14.08
N PHE A 210 -40.60 -18.88 12.82
CA PHE A 210 -41.47 -18.49 11.73
C PHE A 210 -41.12 -19.14 10.42
N GLU A 211 -42.12 -19.22 9.54
CA GLU A 211 -41.96 -19.74 8.20
C GLU A 211 -42.92 -18.96 7.34
N ALA A 212 -42.37 -18.23 6.37
CA ALA A 212 -43.19 -17.45 5.46
C ALA A 212 -43.02 -18.09 4.09
N GLN A 213 -44.13 -18.28 3.40
CA GLN A 213 -44.12 -18.88 2.08
C GLN A 213 -44.65 -17.85 1.10
N LEU A 214 -43.79 -17.44 0.18
CA LEU A 214 -44.17 -16.44 -0.82
C LEU A 214 -44.42 -17.14 -2.15
N PHE A 215 -45.61 -16.94 -2.71
CA PHE A 215 -45.94 -17.58 -3.97
C PHE A 215 -45.85 -16.64 -5.17
N TYR A 216 -45.17 -17.09 -6.22
CA TYR A 216 -45.05 -16.32 -7.45
C TYR A 216 -45.50 -17.27 -8.54
N GLY A 217 -46.80 -17.24 -8.83
CA GLY A 217 -47.34 -18.14 -9.82
C GLY A 217 -47.18 -19.54 -9.27
N ASP A 218 -46.52 -20.41 -10.02
CA ASP A 218 -46.30 -21.79 -9.61
C ASP A 218 -45.04 -21.93 -8.76
N LEU A 219 -44.32 -20.82 -8.56
CA LEU A 219 -43.11 -20.85 -7.76
C LEU A 219 -43.38 -20.55 -6.29
N LYS A 220 -42.73 -21.29 -5.40
CA LYS A 220 -42.89 -21.07 -3.97
C LYS A 220 -41.52 -20.87 -3.31
N ALA A 221 -41.37 -19.75 -2.61
CA ALA A 221 -40.14 -19.43 -1.91
C ALA A 221 -40.44 -19.47 -0.41
N ILE A 222 -39.68 -20.30 0.30
CA ILE A 222 -39.85 -20.47 1.73
C ILE A 222 -38.74 -19.81 2.54
N VAL A 223 -39.12 -19.03 3.54
CA VAL A 223 -38.16 -18.37 4.41
C VAL A 223 -38.53 -18.78 5.83
N LYS A 224 -37.57 -19.32 6.57
CA LYS A 224 -37.90 -19.74 7.92
C LYS A 224 -36.72 -19.72 8.87
N THR A 225 -37.05 -19.53 10.15
CA THR A 225 -36.05 -19.52 11.20
C THR A 225 -36.64 -20.10 12.47
N SER A 226 -35.78 -20.67 13.29
CA SER A 226 -36.19 -21.25 14.55
C SER A 226 -34.96 -21.19 15.44
N HIS A 227 -35.18 -21.08 16.75
CA HIS A 227 -34.06 -21.05 17.68
C HIS A 227 -33.91 -22.45 18.28
N LEU A 228 -34.55 -23.44 17.66
CA LEU A 228 -34.48 -24.81 18.16
C LEU A 228 -34.11 -25.82 17.07
N VAL A 229 -32.93 -25.63 16.50
CA VAL A 229 -32.44 -26.50 15.43
C VAL A 229 -31.04 -26.96 15.80
N LYS A 230 -30.96 -28.16 16.38
CA LYS A 230 -29.67 -28.71 16.79
C LYS A 230 -28.84 -29.14 15.59
N ILE A 231 -29.49 -29.72 14.58
CA ILE A 231 -28.78 -30.12 13.37
C ILE A 231 -29.29 -29.23 12.24
N ASP A 232 -28.42 -28.32 11.77
CA ASP A 232 -28.78 -27.37 10.74
C ASP A 232 -29.26 -27.92 9.40
N TYR A 233 -30.13 -27.12 8.77
CA TYR A 233 -30.66 -27.43 7.45
C TYR A 233 -29.65 -26.77 6.51
N PRO A 234 -29.80 -27.01 5.20
CA PRO A 234 -28.86 -26.35 4.29
C PRO A 234 -29.26 -24.86 4.41
N LYS A 235 -28.35 -23.94 4.12
CA LYS A 235 -28.66 -22.50 4.19
C LYS A 235 -29.66 -22.14 3.07
N PHE A 236 -29.46 -22.71 1.88
CA PHE A 236 -30.36 -22.48 0.75
C PHE A 236 -30.58 -23.76 -0.02
N ILE A 237 -31.79 -23.92 -0.53
CA ILE A 237 -32.16 -25.06 -1.35
C ILE A 237 -32.93 -24.46 -2.51
N VAL A 238 -32.60 -24.86 -3.74
CA VAL A 238 -33.29 -24.36 -4.92
C VAL A 238 -33.57 -25.55 -5.82
N HIS A 239 -34.82 -25.72 -6.23
CA HIS A 239 -35.20 -26.82 -7.11
C HIS A 239 -35.82 -26.24 -8.36
N GLY A 240 -35.35 -26.71 -9.51
CA GLY A 240 -35.86 -26.26 -10.79
C GLY A 240 -36.27 -27.50 -11.57
N LYS A 241 -36.81 -27.33 -12.77
CA LYS A 241 -37.24 -28.49 -13.55
C LYS A 241 -36.08 -29.34 -14.10
N LYS A 242 -34.89 -28.75 -14.21
CA LYS A 242 -33.74 -29.48 -14.73
C LYS A 242 -32.72 -29.86 -13.66
N GLY A 243 -32.93 -29.43 -12.42
CA GLY A 243 -31.97 -29.76 -11.39
C GLY A 243 -32.13 -29.08 -10.05
N SER A 244 -31.13 -29.24 -9.19
CA SER A 244 -31.16 -28.66 -7.85
C SER A 244 -29.81 -28.04 -7.46
N PHE A 245 -29.88 -27.15 -6.48
CA PHE A 245 -28.72 -26.48 -5.91
C PHE A 245 -28.92 -26.56 -4.40
N ILE A 246 -27.85 -26.89 -3.68
CA ILE A 246 -27.88 -26.99 -2.24
C ILE A 246 -26.63 -26.29 -1.68
N LYS A 247 -26.82 -25.53 -0.60
CA LYS A 247 -25.71 -24.82 0.00
C LYS A 247 -25.81 -24.87 1.51
N TYR A 248 -24.83 -25.51 2.14
CA TYR A 248 -24.78 -25.55 3.60
C TYR A 248 -23.83 -24.43 3.99
N GLY A 249 -24.08 -23.79 5.12
CA GLY A 249 -23.19 -22.74 5.57
C GLY A 249 -23.63 -21.34 5.18
N ILE A 250 -23.45 -20.41 6.12
CA ILE A 250 -23.83 -19.03 5.90
C ILE A 250 -22.59 -18.16 5.67
N ASP A 251 -22.81 -16.98 5.10
CA ASP A 251 -21.74 -16.03 4.85
C ASP A 251 -20.93 -15.89 6.13
N GLN A 252 -19.60 -15.83 6.02
CA GLN A 252 -18.72 -15.77 7.17
C GLN A 252 -18.22 -14.40 7.66
N GLN A 253 -18.67 -13.31 7.03
CA GLN A 253 -18.26 -11.98 7.44
C GLN A 253 -18.57 -11.70 8.91
N GLU A 254 -19.76 -12.07 9.36
CA GLU A 254 -20.12 -11.82 10.75
C GLU A 254 -19.21 -12.61 11.70
N THR A 255 -18.91 -13.84 11.32
CA THR A 255 -18.04 -14.67 12.15
C THR A 255 -16.67 -14.00 12.27
N SER A 256 -16.14 -13.51 11.16
CA SER A 256 -14.84 -12.86 11.21
C SER A 256 -14.89 -11.58 12.04
N LEU A 257 -15.91 -10.75 11.80
CA LEU A 257 -16.07 -9.49 12.52
C LEU A 257 -16.08 -9.73 14.03
N LYS A 258 -16.83 -10.75 14.47
CA LYS A 258 -16.90 -11.06 15.89
C LYS A 258 -15.57 -11.56 16.44
N ALA A 259 -14.78 -12.18 15.57
CA ALA A 259 -13.47 -12.71 15.95
C ALA A 259 -12.40 -11.63 15.86
N ASN A 260 -12.83 -10.40 15.61
CA ASN A 260 -11.94 -9.25 15.53
C ASN A 260 -11.04 -9.25 14.30
N ILE A 261 -11.56 -9.76 13.18
CA ILE A 261 -10.83 -9.77 11.91
C ILE A 261 -11.60 -8.79 11.03
N MSE A 262 -10.94 -7.74 10.60
CA MSE A 262 -11.59 -6.72 9.79
C MSE A 262 -11.50 -6.96 8.28
O MSE A 262 -10.66 -7.72 7.81
CB MSE A 262 -11.01 -5.33 10.12
CG MSE A 262 -11.21 -4.89 11.58
SE MSE A 262 -13.06 -4.79 12.15
CE MSE A 262 -13.15 -6.34 13.31
N PRO A 263 -12.39 -6.31 7.51
CA PRO A 263 -12.40 -6.47 6.05
C PRO A 263 -11.03 -6.15 5.45
N GLY A 264 -10.63 -6.94 4.45
CA GLY A 264 -9.35 -6.71 3.82
C GLY A 264 -8.18 -7.42 4.48
N GLU A 265 -8.35 -7.81 5.73
CA GLU A 265 -7.29 -8.50 6.45
C GLU A 265 -7.23 -9.96 6.01
N PRO A 266 -6.03 -10.56 6.00
CA PRO A 266 -5.94 -11.96 5.59
C PRO A 266 -6.86 -12.88 6.38
N GLY A 267 -7.59 -13.74 5.67
CA GLY A 267 -8.49 -14.66 6.33
C GLY A 267 -9.90 -14.15 6.60
N PHE A 268 -10.16 -12.88 6.26
CA PHE A 268 -11.49 -12.31 6.50
C PHE A 268 -12.57 -13.12 5.78
N ALA A 269 -13.60 -13.49 6.52
CA ALA A 269 -14.71 -14.25 5.95
C ALA A 269 -14.25 -15.53 5.23
N ALA A 270 -13.19 -16.15 5.73
CA ALA A 270 -12.67 -17.39 5.14
C ALA A 270 -13.82 -18.40 5.17
N ASP A 271 -14.09 -19.03 4.03
CA ASP A 271 -15.19 -19.98 3.94
C ASP A 271 -14.74 -21.24 3.21
N ASP A 272 -15.00 -22.40 3.79
CA ASP A 272 -14.60 -23.66 3.16
C ASP A 272 -15.80 -24.48 2.71
N SER A 273 -16.95 -23.84 2.62
CA SER A 273 -18.17 -24.52 2.18
C SER A 273 -18.25 -24.37 0.67
N VAL A 274 -19.16 -25.09 0.06
CA VAL A 274 -19.33 -25.01 -1.39
C VAL A 274 -20.77 -25.23 -1.73
N GLY A 275 -21.21 -24.64 -2.84
CA GLY A 275 -22.58 -24.84 -3.28
C GLY A 275 -22.55 -26.07 -4.15
N VAL A 276 -23.54 -26.95 -3.99
CA VAL A 276 -23.57 -28.15 -4.81
C VAL A 276 -24.71 -28.06 -5.80
N LEU A 277 -24.41 -28.44 -7.02
CA LEU A 277 -25.38 -28.39 -8.10
C LEU A 277 -25.43 -29.75 -8.79
N GLU A 278 -26.64 -30.15 -9.19
CA GLU A 278 -26.84 -31.40 -9.91
C GLU A 278 -27.97 -31.12 -10.85
N TYR A 279 -27.68 -31.15 -12.15
CA TYR A 279 -28.69 -30.87 -13.15
C TYR A 279 -28.53 -31.75 -14.39
N VAL A 280 -29.56 -31.74 -15.22
CA VAL A 280 -29.57 -32.51 -16.46
C VAL A 280 -29.24 -31.54 -17.59
N ASN A 281 -28.15 -31.77 -18.32
CA ASN A 281 -27.78 -30.86 -19.41
C ASN A 281 -28.62 -31.08 -20.66
N ASP A 282 -28.41 -30.22 -21.65
CA ASP A 282 -29.15 -30.28 -22.91
C ASP A 282 -29.07 -31.65 -23.56
N GLU A 283 -27.99 -32.38 -23.29
CA GLU A 283 -27.77 -33.71 -23.86
C GLU A 283 -28.46 -34.80 -23.06
N GLY A 284 -29.06 -34.44 -21.92
CA GLY A 284 -29.75 -35.41 -21.09
C GLY A 284 -28.89 -36.09 -20.04
N VAL A 285 -27.62 -35.72 -19.98
CA VAL A 285 -26.69 -36.31 -19.00
C VAL A 285 -26.76 -35.55 -17.68
N THR A 286 -26.65 -36.27 -16.56
CA THR A 286 -26.67 -35.62 -15.27
C THR A 286 -25.28 -35.08 -14.96
N VAL A 287 -25.20 -33.78 -14.66
CA VAL A 287 -23.94 -33.14 -14.35
C VAL A 287 -23.88 -32.68 -12.89
N ARG A 288 -22.72 -32.89 -12.27
CA ARG A 288 -22.51 -32.50 -10.89
C ARG A 288 -21.48 -31.37 -10.88
N GLU A 289 -21.76 -30.32 -10.12
CA GLU A 289 -20.88 -29.17 -10.02
C GLU A 289 -20.76 -28.71 -8.58
N GLU A 290 -19.54 -28.37 -8.16
CA GLU A 290 -19.33 -27.84 -6.82
C GLU A 290 -18.88 -26.42 -7.06
N MSE A 291 -19.67 -25.47 -6.58
CA MSE A 291 -19.40 -24.04 -6.76
C MSE A 291 -18.71 -23.43 -5.55
O MSE A 291 -19.13 -23.64 -4.40
CB MSE A 291 -20.71 -23.28 -6.97
CG MSE A 291 -21.50 -23.63 -8.21
SE MSE A 291 -23.36 -23.07 -8.03
CE MSE A 291 -23.13 -21.16 -8.28
N LYS A 292 -17.65 -22.69 -5.79
CA LYS A 292 -16.94 -22.03 -4.71
C LYS A 292 -17.80 -20.81 -4.35
N PRO A 293 -18.06 -20.59 -3.06
CA PRO A 293 -18.88 -19.45 -2.62
C PRO A 293 -18.45 -18.14 -3.25
N GLU A 294 -19.41 -17.39 -3.77
CA GLU A 294 -19.11 -16.08 -4.34
C GLU A 294 -18.68 -15.26 -3.13
N MSE A 295 -17.77 -14.32 -3.32
CA MSE A 295 -17.30 -13.50 -2.21
C MSE A 295 -18.33 -12.47 -1.76
O MSE A 295 -18.85 -11.70 -2.56
CB MSE A 295 -16.01 -12.78 -2.57
CG MSE A 295 -15.28 -12.16 -1.39
SE MSE A 295 -14.02 -10.79 -1.93
CE MSE A 295 -14.63 -9.34 -0.78
N GLY A 296 -18.63 -12.47 -0.46
CA GLY A 296 -19.59 -11.51 0.07
C GLY A 296 -18.87 -10.27 0.58
N ASP A 297 -19.56 -9.13 0.51
CA ASP A 297 -18.98 -7.87 0.96
C ASP A 297 -20.07 -6.85 1.27
N TYR A 298 -20.36 -6.65 2.56
CA TYR A 298 -21.40 -5.71 2.95
C TYR A 298 -21.14 -4.29 2.50
N GLY A 299 -19.87 -4.00 2.20
CA GLY A 299 -19.47 -2.67 1.76
C GLY A 299 -19.98 -2.34 0.37
N ARG A 300 -20.47 -3.36 -0.33
CA ARG A 300 -20.99 -3.14 -1.67
C ARG A 300 -22.22 -2.25 -1.63
N VAL A 301 -22.81 -2.09 -0.45
CA VAL A 301 -23.96 -1.22 -0.25
C VAL A 301 -23.45 0.20 -0.45
N TYR A 302 -22.29 0.51 0.13
CA TYR A 302 -21.73 1.83 -0.01
C TYR A 302 -21.19 2.08 -1.42
N ASP A 303 -20.74 1.01 -2.08
CA ASP A 303 -20.25 1.18 -3.44
C ASP A 303 -21.45 1.52 -4.33
N ALA A 304 -22.63 1.02 -3.97
CA ALA A 304 -23.84 1.30 -4.74
C ALA A 304 -24.31 2.73 -4.48
N LEU A 305 -24.28 3.14 -3.21
CA LEU A 305 -24.69 4.49 -2.84
C LEU A 305 -23.77 5.50 -3.53
N TYR A 306 -22.49 5.14 -3.66
CA TYR A 306 -21.54 6.01 -4.33
C TYR A 306 -22.02 6.29 -5.77
N GLN A 307 -22.26 5.22 -6.52
CA GLN A 307 -22.72 5.34 -7.90
C GLN A 307 -24.03 6.09 -7.98
N THR A 308 -24.98 5.72 -7.13
CA THR A 308 -26.27 6.40 -7.13
C THR A 308 -26.14 7.90 -6.91
N ILE A 309 -25.41 8.28 -5.86
CA ILE A 309 -25.21 9.69 -5.52
C ILE A 309 -24.34 10.45 -6.51
N THR A 310 -23.26 9.83 -6.97
CA THR A 310 -22.35 10.50 -7.88
C THR A 310 -22.76 10.46 -9.36
N HIS A 311 -23.24 9.32 -9.82
CA HIS A 311 -23.60 9.18 -11.23
C HIS A 311 -25.08 8.96 -11.51
N GLY A 312 -25.91 9.11 -10.49
CA GLY A 312 -27.34 8.93 -10.70
C GLY A 312 -27.76 7.51 -11.03
N ALA A 313 -26.94 6.53 -10.67
CA ALA A 313 -27.28 5.13 -10.93
C ALA A 313 -28.47 4.76 -10.07
N PRO A 314 -29.30 3.82 -10.55
CA PRO A 314 -30.46 3.42 -9.74
C PRO A 314 -30.01 2.87 -8.40
N ASN A 315 -30.82 3.08 -7.36
CA ASN A 315 -30.48 2.60 -6.02
C ASN A 315 -30.48 1.07 -6.02
N TYR A 316 -29.61 0.47 -5.22
CA TYR A 316 -29.51 -1.00 -5.19
C TYR A 316 -30.79 -1.68 -4.74
N VAL A 317 -31.58 -0.99 -3.92
CA VAL A 317 -32.85 -1.53 -3.44
C VAL A 317 -33.99 -0.73 -4.08
N LYS A 318 -34.95 -1.43 -4.68
CA LYS A 318 -36.07 -0.73 -5.29
C LYS A 318 -37.12 -0.39 -4.25
N GLU A 319 -37.78 0.76 -4.43
CA GLU A 319 -38.82 1.23 -3.52
C GLU A 319 -39.89 0.15 -3.32
N SER A 320 -40.34 -0.46 -4.41
CA SER A 320 -41.37 -1.50 -4.34
C SER A 320 -40.95 -2.70 -3.48
N GLU A 321 -39.67 -3.03 -3.49
CA GLU A 321 -39.19 -4.15 -2.68
C GLU A 321 -39.30 -3.81 -1.20
N VAL A 322 -39.03 -2.56 -0.87
CA VAL A 322 -39.11 -2.13 0.52
C VAL A 322 -40.55 -2.16 1.01
N LEU A 323 -41.47 -1.62 0.20
CA LEU A 323 -42.88 -1.59 0.58
C LEU A 323 -43.47 -3.00 0.67
N THR A 324 -43.05 -3.89 -0.23
CA THR A 324 -43.57 -5.25 -0.21
C THR A 324 -43.11 -5.95 1.08
N ASN A 325 -41.87 -5.71 1.48
CA ASN A 325 -41.33 -6.32 2.70
C ASN A 325 -42.12 -5.88 3.93
N LEU A 326 -42.27 -4.57 4.11
CA LEU A 326 -43.01 -4.02 5.24
C LEU A 326 -44.46 -4.52 5.28
N GLU A 327 -45.10 -4.59 4.12
CA GLU A 327 -46.49 -5.03 4.06
C GLU A 327 -46.61 -6.50 4.47
N ILE A 328 -45.70 -7.34 3.95
CA ILE A 328 -45.72 -8.76 4.28
C ILE A 328 -45.52 -8.96 5.78
N LEU A 329 -44.57 -8.25 6.37
CA LEU A 329 -44.33 -8.37 7.81
C LEU A 329 -45.57 -7.98 8.61
N GLU A 330 -46.17 -6.84 8.27
CA GLU A 330 -47.36 -6.36 8.97
C GLU A 330 -48.52 -7.33 8.89
N ARG A 331 -48.83 -7.79 7.68
CA ARG A 331 -49.95 -8.69 7.48
C ARG A 331 -49.75 -10.07 8.10
N GLY A 332 -48.56 -10.33 8.62
CA GLY A 332 -48.33 -11.62 9.26
C GLY A 332 -49.05 -11.65 10.59
N PHE A 333 -49.34 -10.47 11.12
CA PHE A 333 -50.03 -10.35 12.40
C PHE A 333 -51.46 -9.82 12.20
N GLU A 334 -51.93 -9.90 10.97
CA GLU A 334 -53.28 -9.46 10.61
C GLU A 334 -54.30 -10.36 11.28
N GLN A 335 -54.03 -11.66 11.28
CA GLN A 335 -54.90 -12.64 11.91
C GLN A 335 -54.05 -13.69 12.62
N ALA A 336 -54.68 -14.52 13.43
CA ALA A 336 -53.95 -15.56 14.16
C ALA A 336 -53.25 -16.52 13.21
N SER A 337 -52.09 -17.02 13.65
CA SER A 337 -51.31 -17.97 12.86
C SER A 337 -51.82 -19.40 13.11
N PRO A 338 -51.78 -20.26 12.08
CA PRO A 338 -51.31 -19.99 10.71
C PRO A 338 -52.36 -19.28 9.87
N SER A 339 -51.92 -18.54 8.86
CA SER A 339 -52.84 -17.85 7.99
C SER A 339 -52.26 -17.63 6.59
N THR A 340 -53.10 -17.28 5.64
CA THR A 340 -52.66 -17.02 4.29
C THR A 340 -53.32 -15.72 3.83
N VAL A 341 -52.63 -14.99 2.97
CA VAL A 341 -53.17 -13.73 2.45
C VAL A 341 -52.75 -13.55 0.99
N THR A 342 -53.53 -12.75 0.27
CA THR A 342 -53.24 -12.45 -1.12
C THR A 342 -52.83 -10.99 -1.13
N LEU A 343 -51.75 -10.68 -1.84
CA LEU A 343 -51.26 -9.31 -1.92
C LEU A 343 -51.84 -8.58 -3.13
N ALA A 344 -52.41 -7.40 -2.89
CA ALA A 344 -52.95 -6.61 -3.98
C ALA A 344 -51.73 -6.05 -4.71
N LYS A 345 -50.66 -5.92 -3.93
CA LYS A 345 -49.38 -5.41 -4.41
C LYS A 345 -48.26 -5.89 -3.47
N VAL B 2 -8.42 -0.45 -12.43
CA VAL B 2 -7.94 -1.87 -12.51
C VAL B 2 -8.47 -2.54 -13.76
N ILE B 3 -7.57 -3.18 -14.50
CA ILE B 3 -7.94 -3.87 -15.73
C ILE B 3 -7.97 -5.37 -15.52
N ASN B 4 -9.04 -6.00 -15.98
CA ASN B 4 -9.18 -7.45 -15.86
C ASN B 4 -8.52 -8.12 -17.05
N CYS B 5 -7.65 -9.09 -16.75
CA CYS B 5 -6.97 -9.82 -17.81
C CYS B 5 -7.21 -11.31 -17.67
N ALA B 6 -6.70 -12.07 -18.63
CA ALA B 6 -6.83 -13.51 -18.61
C ALA B 6 -5.66 -14.10 -19.35
N PHE B 7 -5.25 -15.29 -18.92
CA PHE B 7 -4.15 -16.00 -19.56
C PHE B 7 -4.69 -17.25 -20.21
N ILE B 8 -4.09 -17.60 -21.34
CA ILE B 8 -4.43 -18.79 -22.08
C ILE B 8 -3.19 -19.64 -21.83
N GLY B 9 -3.31 -20.59 -20.90
CA GLY B 9 -2.19 -21.47 -20.57
C GLY B 9 -1.78 -21.30 -19.12
N PHE B 10 -1.47 -22.41 -18.45
CA PHE B 10 -1.04 -22.35 -17.07
C PHE B 10 0.25 -23.16 -16.90
N GLY B 11 1.11 -23.06 -17.90
CA GLY B 11 2.39 -23.75 -17.87
C GLY B 11 3.43 -22.93 -17.12
N LYS B 12 4.69 -23.34 -17.21
CA LYS B 12 5.77 -22.65 -16.51
C LYS B 12 5.94 -21.18 -16.88
N SER B 13 5.67 -20.81 -18.14
CA SER B 13 5.82 -19.42 -18.54
C SER B 13 4.79 -18.53 -17.84
N THR B 14 3.59 -19.05 -17.64
CA THR B 14 2.55 -18.26 -16.99
C THR B 14 2.84 -18.05 -15.50
N THR B 15 3.15 -19.13 -14.79
CA THR B 15 3.41 -19.08 -13.35
C THR B 15 4.78 -18.58 -12.92
N ARG B 16 5.80 -18.79 -13.73
CA ARG B 16 7.14 -18.34 -13.36
C ARG B 16 7.54 -17.00 -13.94
N TYR B 17 6.96 -16.64 -15.09
CA TYR B 17 7.36 -15.40 -15.74
C TYR B 17 6.34 -14.27 -15.86
N HIS B 18 5.05 -14.58 -15.75
CA HIS B 18 4.04 -13.52 -15.86
C HIS B 18 3.36 -13.21 -14.54
N LEU B 19 2.72 -14.22 -13.94
CA LEU B 19 2.01 -14.05 -12.67
C LEU B 19 2.81 -13.35 -11.57
N PRO B 20 4.10 -13.66 -11.42
CA PRO B 20 4.86 -12.98 -10.36
C PRO B 20 4.82 -11.45 -10.52
N TYR B 21 4.83 -10.97 -11.75
CA TYR B 21 4.79 -9.52 -12.01
C TYR B 21 3.37 -8.97 -11.97
N VAL B 22 2.43 -9.73 -12.53
CA VAL B 22 1.03 -9.31 -12.57
C VAL B 22 0.42 -9.31 -11.17
N LEU B 23 0.69 -10.36 -10.40
CA LEU B 23 0.16 -10.47 -9.04
C LEU B 23 0.69 -9.40 -8.11
N ASN B 24 1.84 -8.82 -8.45
CA ASN B 24 2.43 -7.76 -7.63
C ASN B 24 1.83 -6.41 -8.05
N ARG B 25 0.84 -6.44 -8.93
CA ARG B 25 0.21 -5.20 -9.42
C ARG B 25 -1.31 -5.24 -9.27
N LYS B 26 -1.80 -5.69 -8.13
CA LYS B 26 -3.24 -5.77 -7.92
C LYS B 26 -3.94 -4.42 -7.93
N ASP B 27 -3.16 -3.35 -7.77
CA ASP B 27 -3.73 -2.01 -7.79
C ASP B 27 -3.99 -1.60 -9.24
N SER B 28 -3.46 -2.37 -10.18
CA SER B 28 -3.61 -2.04 -11.59
C SER B 28 -4.23 -3.14 -12.47
N TRP B 29 -4.03 -4.39 -12.08
CA TRP B 29 -4.55 -5.52 -12.83
C TRP B 29 -5.20 -6.57 -11.95
N HIS B 30 -6.13 -7.31 -12.54
CA HIS B 30 -6.81 -8.39 -11.83
C HIS B 30 -6.89 -9.57 -12.78
N VAL B 31 -6.32 -10.70 -12.37
CA VAL B 31 -6.36 -11.89 -13.19
C VAL B 31 -7.70 -12.57 -12.90
N ALA B 32 -8.65 -12.36 -13.79
CA ALA B 32 -10.00 -12.89 -13.65
C ALA B 32 -10.16 -14.33 -14.09
N HIS B 33 -9.43 -14.72 -15.12
CA HIS B 33 -9.50 -16.08 -15.66
C HIS B 33 -8.18 -16.61 -16.17
N ILE B 34 -8.04 -17.93 -16.10
CA ILE B 34 -6.88 -18.61 -16.65
C ILE B 34 -7.40 -19.89 -17.30
N PHE B 35 -7.22 -19.95 -18.61
CA PHE B 35 -7.65 -21.10 -19.38
C PHE B 35 -6.52 -22.13 -19.38
N ARG B 36 -6.89 -23.40 -19.34
CA ARG B 36 -5.95 -24.51 -19.38
C ARG B 36 -6.73 -25.73 -19.86
N ARG B 37 -6.17 -26.43 -20.84
CA ARG B 37 -6.81 -27.61 -21.40
C ARG B 37 -7.05 -28.66 -20.32
N HIS B 38 -6.06 -28.84 -19.45
CA HIS B 38 -6.15 -29.82 -18.36
C HIS B 38 -5.85 -29.22 -17.00
N ALA B 39 -6.54 -29.69 -15.98
CA ALA B 39 -6.35 -29.18 -14.62
C ALA B 39 -4.91 -29.40 -14.16
N LYS B 40 -4.41 -28.42 -13.42
CA LYS B 40 -3.05 -28.46 -12.87
C LYS B 40 -3.10 -28.36 -11.34
N PRO B 41 -2.33 -29.23 -10.64
CA PRO B 41 -2.28 -29.24 -9.16
C PRO B 41 -2.00 -27.86 -8.56
N GLU B 42 -1.10 -27.13 -9.22
CA GLU B 42 -0.68 -25.81 -8.76
C GLU B 42 -1.82 -24.80 -8.66
N GLU B 43 -2.94 -25.05 -9.32
CA GLU B 43 -4.07 -24.13 -9.24
C GLU B 43 -4.54 -23.94 -7.79
N GLN B 44 -4.14 -24.86 -6.91
CA GLN B 44 -4.56 -24.80 -5.51
C GLN B 44 -3.71 -23.93 -4.60
N ALA B 45 -2.68 -23.27 -5.15
CA ALA B 45 -1.84 -22.42 -4.33
C ALA B 45 -2.64 -21.18 -3.93
N PRO B 46 -2.57 -20.80 -2.63
CA PRO B 46 -3.28 -19.64 -2.11
C PRO B 46 -3.13 -18.36 -2.95
N ILE B 47 -1.98 -18.18 -3.59
CA ILE B 47 -1.77 -16.98 -4.40
C ILE B 47 -2.69 -16.92 -5.61
N TYR B 48 -3.37 -18.01 -5.92
CA TYR B 48 -4.27 -18.02 -7.08
C TYR B 48 -5.74 -18.16 -6.66
N SER B 49 -6.00 -18.18 -5.35
CA SER B 49 -7.38 -18.34 -4.87
C SER B 49 -8.40 -17.41 -5.51
N HIS B 50 -8.00 -16.18 -5.83
CA HIS B 50 -8.89 -15.20 -6.44
C HIS B 50 -9.12 -15.38 -7.95
N ILE B 51 -8.48 -16.39 -8.54
CA ILE B 51 -8.58 -16.64 -9.96
C ILE B 51 -9.55 -17.76 -10.37
N HIS B 52 -10.18 -17.59 -11.53
CA HIS B 52 -11.10 -18.58 -12.05
C HIS B 52 -10.46 -19.40 -13.16
N PHE B 53 -10.18 -20.67 -12.88
CA PHE B 53 -9.58 -21.56 -13.87
C PHE B 53 -10.67 -22.27 -14.67
N THR B 54 -10.41 -22.50 -15.95
CA THR B 54 -11.40 -23.16 -16.80
C THR B 54 -10.80 -23.81 -18.05
N SER B 55 -11.54 -24.77 -18.60
CA SER B 55 -11.11 -25.47 -19.80
C SER B 55 -11.99 -25.06 -20.97
N ASP B 56 -12.88 -24.10 -20.73
CA ASP B 56 -13.77 -23.60 -21.78
C ASP B 56 -13.37 -22.18 -22.15
N LEU B 57 -12.71 -22.03 -23.29
CA LEU B 57 -12.22 -20.73 -23.74
C LEU B 57 -13.32 -19.69 -23.90
N ASP B 58 -14.57 -20.11 -23.96
CA ASP B 58 -15.68 -19.18 -24.12
C ASP B 58 -16.07 -18.43 -22.86
N GLU B 59 -15.84 -19.04 -21.70
CA GLU B 59 -16.18 -18.36 -20.45
C GLU B 59 -15.24 -17.18 -20.30
N VAL B 60 -14.07 -17.28 -20.90
CA VAL B 60 -13.08 -16.21 -20.84
C VAL B 60 -13.34 -15.15 -21.90
N LEU B 61 -13.38 -15.57 -23.16
CA LEU B 61 -13.61 -14.62 -24.25
C LEU B 61 -14.97 -13.92 -24.22
N ASN B 62 -15.93 -14.47 -23.50
CA ASN B 62 -17.25 -13.85 -23.41
C ASN B 62 -17.43 -13.02 -22.16
N ASP B 63 -16.36 -12.85 -21.39
CA ASP B 63 -16.44 -12.05 -20.18
C ASP B 63 -16.32 -10.60 -20.62
N PRO B 64 -17.35 -9.79 -20.34
CA PRO B 64 -17.37 -8.37 -20.72
C PRO B 64 -16.27 -7.56 -20.06
N ASP B 65 -15.88 -7.98 -18.86
CA ASP B 65 -14.87 -7.26 -18.09
C ASP B 65 -13.42 -7.48 -18.51
N VAL B 66 -13.16 -8.56 -19.25
CA VAL B 66 -11.81 -8.86 -19.71
C VAL B 66 -11.37 -7.93 -20.83
N LYS B 67 -10.23 -7.25 -20.64
CA LYS B 67 -9.73 -6.33 -21.67
C LYS B 67 -8.45 -6.84 -22.33
N LEU B 68 -7.74 -7.72 -21.62
CA LEU B 68 -6.49 -8.26 -22.14
C LEU B 68 -6.37 -9.76 -21.97
N VAL B 69 -6.00 -10.43 -23.04
CA VAL B 69 -5.81 -11.87 -23.03
C VAL B 69 -4.35 -12.13 -23.36
N VAL B 70 -3.67 -12.89 -22.50
CA VAL B 70 -2.26 -13.21 -22.69
C VAL B 70 -2.13 -14.65 -23.14
N VAL B 71 -1.53 -14.85 -24.32
CA VAL B 71 -1.37 -16.19 -24.87
C VAL B 71 0.00 -16.79 -24.51
N CYS B 72 -0.03 -17.81 -23.65
CA CYS B 72 1.17 -18.48 -23.18
C CYS B 72 1.19 -19.97 -23.49
N THR B 73 0.35 -20.40 -24.41
CA THR B 73 0.28 -21.80 -24.80
C THR B 73 1.36 -22.20 -25.80
N HIS B 74 1.28 -23.43 -26.31
CA HIS B 74 2.27 -23.89 -27.28
C HIS B 74 2.33 -22.97 -28.49
N ALA B 75 3.53 -22.81 -29.03
CA ALA B 75 3.76 -21.94 -30.18
C ALA B 75 2.78 -22.15 -31.33
N ASP B 76 2.47 -23.42 -31.63
CA ASP B 76 1.56 -23.77 -32.72
C ASP B 76 0.14 -23.21 -32.62
N SER B 77 -0.27 -22.83 -31.42
CA SER B 77 -1.62 -22.32 -31.22
C SER B 77 -1.70 -20.81 -31.01
N HIS B 78 -0.56 -20.13 -31.09
CA HIS B 78 -0.57 -18.70 -30.87
C HIS B 78 -1.45 -17.92 -31.86
N PHE B 79 -1.26 -18.15 -33.15
CA PHE B 79 -2.06 -17.43 -34.14
C PHE B 79 -3.54 -17.65 -33.92
N GLU B 80 -3.94 -18.91 -33.80
CA GLU B 80 -5.34 -19.24 -33.61
C GLU B 80 -5.94 -18.57 -32.39
N TYR B 81 -5.31 -18.71 -31.22
CA TYR B 81 -5.84 -18.09 -30.01
C TYR B 81 -5.84 -16.57 -30.11
N ALA B 82 -4.77 -16.00 -30.65
CA ALA B 82 -4.70 -14.56 -30.80
C ALA B 82 -5.86 -14.08 -31.68
N LYS B 83 -6.06 -14.78 -32.80
CA LYS B 83 -7.13 -14.41 -33.72
C LYS B 83 -8.50 -14.46 -33.02
N ARG B 84 -8.76 -15.52 -32.26
CA ARG B 84 -10.05 -15.64 -31.56
C ARG B 84 -10.25 -14.55 -30.52
N ALA B 85 -9.20 -14.22 -29.77
CA ALA B 85 -9.30 -13.18 -28.75
C ALA B 85 -9.65 -11.84 -29.39
N LEU B 86 -8.98 -11.51 -30.50
CA LEU B 86 -9.27 -10.26 -31.20
C LEU B 86 -10.69 -10.30 -31.74
N GLU B 87 -11.05 -11.42 -32.38
CA GLU B 87 -12.40 -11.56 -32.94
C GLU B 87 -13.46 -11.38 -31.85
N ALA B 88 -13.09 -11.70 -30.60
CA ALA B 88 -14.01 -11.56 -29.48
C ALA B 88 -13.97 -10.15 -28.89
N GLY B 89 -13.11 -9.30 -29.43
CA GLY B 89 -13.01 -7.93 -28.96
C GLY B 89 -12.01 -7.64 -27.86
N LYS B 90 -11.04 -8.53 -27.68
CA LYS B 90 -10.05 -8.35 -26.61
C LYS B 90 -8.67 -7.93 -27.11
N ASN B 91 -7.95 -7.17 -26.28
CA ASN B 91 -6.59 -6.76 -26.61
C ASN B 91 -5.77 -8.04 -26.42
N VAL B 92 -4.63 -8.16 -27.09
CA VAL B 92 -3.85 -9.40 -26.97
C VAL B 92 -2.34 -9.25 -26.85
N LEU B 93 -1.79 -9.97 -25.86
CA LEU B 93 -0.34 -10.01 -25.61
C LEU B 93 0.05 -11.45 -25.87
N VAL B 94 0.99 -11.68 -26.78
CA VAL B 94 1.39 -13.03 -27.12
C VAL B 94 2.86 -13.33 -26.84
N GLU B 95 3.11 -14.47 -26.21
CA GLU B 95 4.48 -14.87 -25.94
C GLU B 95 5.10 -15.37 -27.24
N LYS B 96 6.43 -15.34 -27.32
CA LYS B 96 7.15 -15.80 -28.51
C LYS B 96 6.79 -17.24 -28.82
N PRO B 97 6.55 -17.55 -30.11
CA PRO B 97 6.60 -16.65 -31.27
C PRO B 97 5.27 -15.91 -31.42
N PHE B 98 5.34 -14.65 -31.87
CA PHE B 98 4.14 -13.84 -32.05
C PHE B 98 3.19 -14.62 -32.96
N THR B 99 3.71 -15.05 -34.10
CA THR B 99 2.98 -15.85 -35.07
C THR B 99 4.03 -16.72 -35.74
N PRO B 100 3.60 -17.74 -36.50
CA PRO B 100 4.56 -18.61 -37.17
C PRO B 100 5.17 -17.96 -38.41
N THR B 101 4.40 -17.09 -39.07
CA THR B 101 4.89 -16.44 -40.28
C THR B 101 4.70 -14.93 -40.33
N LEU B 102 5.42 -14.30 -41.25
CA LEU B 102 5.35 -12.86 -41.45
C LEU B 102 3.96 -12.45 -41.92
N ALA B 103 3.40 -13.23 -42.85
CA ALA B 103 2.08 -12.95 -43.38
C ALA B 103 1.00 -13.02 -42.30
N GLN B 104 1.08 -14.03 -41.45
CA GLN B 104 0.10 -14.18 -40.38
C GLN B 104 0.22 -13.03 -39.39
N ALA B 105 1.42 -12.51 -39.24
CA ALA B 105 1.67 -11.37 -38.36
C ALA B 105 0.88 -10.19 -38.90
N LYS B 106 0.98 -9.96 -40.20
CA LYS B 106 0.25 -8.86 -40.85
C LYS B 106 -1.26 -9.05 -40.72
N GLU B 107 -1.71 -10.29 -40.86
CA GLU B 107 -3.13 -10.62 -40.76
C GLU B 107 -3.61 -10.22 -39.38
N LEU B 108 -2.82 -10.59 -38.37
CA LEU B 108 -3.14 -10.28 -36.99
C LEU B 108 -3.17 -8.75 -36.78
N PHE B 109 -2.20 -8.05 -37.35
CA PHE B 109 -2.18 -6.59 -37.20
C PHE B 109 -3.35 -5.92 -37.91
N ALA B 110 -3.76 -6.48 -39.06
CA ALA B 110 -4.89 -5.91 -39.81
C ALA B 110 -6.18 -6.08 -39.00
N LEU B 111 -6.41 -7.28 -38.50
CA LEU B 111 -7.61 -7.55 -37.72
C LEU B 111 -7.69 -6.63 -36.49
N ALA B 112 -6.59 -6.51 -35.77
CA ALA B 112 -6.55 -5.68 -34.57
C ALA B 112 -6.85 -4.21 -34.92
N LYS B 113 -6.32 -3.76 -36.04
CA LYS B 113 -6.56 -2.39 -36.46
C LYS B 113 -8.04 -2.18 -36.78
N SER B 114 -8.64 -3.11 -37.51
CA SER B 114 -10.05 -2.99 -37.87
C SER B 114 -10.96 -3.07 -36.66
N LYS B 115 -10.42 -3.47 -35.52
CA LYS B 115 -11.24 -3.58 -34.32
C LYS B 115 -10.84 -2.56 -33.26
N GLY B 116 -9.89 -1.70 -33.60
CA GLY B 116 -9.44 -0.69 -32.66
C GLY B 116 -8.72 -1.29 -31.47
N LEU B 117 -8.20 -2.50 -31.65
CA LEU B 117 -7.52 -3.20 -30.57
C LEU B 117 -6.00 -3.25 -30.73
N THR B 118 -5.32 -3.62 -29.65
CA THR B 118 -3.87 -3.73 -29.63
C THR B 118 -3.44 -5.20 -29.55
N VAL B 119 -2.64 -5.65 -30.52
CA VAL B 119 -2.11 -7.01 -30.48
C VAL B 119 -0.60 -6.82 -30.48
N THR B 120 0.10 -7.53 -29.61
CA THR B 120 1.54 -7.33 -29.51
C THR B 120 2.29 -8.49 -28.86
N PRO B 121 3.59 -8.61 -29.16
CA PRO B 121 4.38 -9.69 -28.57
C PRO B 121 4.90 -9.27 -27.20
N TYR B 122 5.31 -10.25 -26.40
CA TYR B 122 5.84 -10.01 -25.07
C TYR B 122 7.35 -9.91 -25.21
N GLN B 123 7.87 -8.70 -25.36
CA GLN B 123 9.31 -8.50 -25.51
C GLN B 123 9.83 -7.92 -24.18
N ASN B 124 9.72 -8.73 -23.13
CA ASN B 124 10.13 -8.33 -21.80
C ASN B 124 11.60 -7.95 -21.67
N ARG B 125 12.47 -8.57 -22.47
CA ARG B 125 13.88 -8.27 -22.41
C ARG B 125 14.20 -6.83 -22.81
N ARG B 126 13.20 -6.08 -23.24
CA ARG B 126 13.43 -4.68 -23.55
C ARG B 126 13.60 -3.98 -22.20
N PHE B 127 13.38 -4.73 -21.12
CA PHE B 127 13.53 -4.16 -19.79
C PHE B 127 14.62 -4.81 -18.95
N ASP B 128 15.52 -5.53 -19.61
CA ASP B 128 16.65 -6.17 -18.94
C ASP B 128 17.58 -5.04 -18.48
N SER B 129 18.07 -5.11 -17.25
CA SER B 129 18.96 -4.08 -16.72
C SER B 129 20.21 -3.92 -17.60
N CYS B 130 20.75 -5.04 -18.07
CA CYS B 130 21.93 -5.02 -18.92
C CYS B 130 21.66 -4.21 -20.18
N PHE B 131 20.59 -4.55 -20.88
CA PHE B 131 20.23 -3.83 -22.11
C PHE B 131 19.90 -2.36 -21.84
N LEU B 132 19.23 -2.08 -20.72
CA LEU B 132 18.88 -0.70 -20.40
C LEU B 132 20.12 0.14 -20.18
N THR B 133 21.16 -0.46 -19.60
CA THR B 133 22.41 0.25 -19.36
C THR B 133 23.13 0.55 -20.67
N ALA B 134 23.08 -0.39 -21.61
CA ALA B 134 23.73 -0.19 -22.91
C ALA B 134 23.00 0.92 -23.64
N LYS B 135 21.68 0.85 -23.62
CA LYS B 135 20.83 1.85 -24.26
C LYS B 135 21.15 3.23 -23.67
N LYS B 136 21.35 3.27 -22.36
CA LYS B 136 21.69 4.53 -21.67
C LYS B 136 23.02 5.03 -22.22
N ALA B 137 24.03 4.17 -22.20
CA ALA B 137 25.35 4.52 -22.71
C ALA B 137 25.26 5.05 -24.14
N ILE B 138 24.48 4.37 -24.98
CA ILE B 138 24.31 4.77 -26.37
C ILE B 138 23.61 6.12 -26.53
N GLU B 139 22.52 6.33 -25.80
CA GLU B 139 21.77 7.57 -25.90
C GLU B 139 22.46 8.77 -25.22
N SER B 140 23.41 8.50 -24.35
CA SER B 140 24.12 9.59 -23.66
C SER B 140 24.81 10.47 -24.69
N GLY B 141 25.44 9.84 -25.68
CA GLY B 141 26.14 10.60 -26.71
C GLY B 141 27.62 10.74 -26.40
N LYS B 142 28.08 10.06 -25.34
CA LYS B 142 29.47 10.12 -24.93
C LYS B 142 30.41 9.27 -25.78
N LEU B 143 29.84 8.35 -26.56
CA LEU B 143 30.65 7.47 -27.39
C LEU B 143 30.76 8.02 -28.81
N GLY B 144 30.11 9.15 -29.05
CA GLY B 144 30.14 9.71 -30.39
C GLY B 144 29.35 8.80 -31.31
N GLU B 145 29.59 8.90 -32.61
CA GLU B 145 28.88 8.08 -33.59
C GLU B 145 29.14 6.59 -33.32
N ILE B 146 28.07 5.83 -33.12
CA ILE B 146 28.19 4.40 -32.84
C ILE B 146 28.57 3.63 -34.11
N VAL B 147 29.58 2.79 -34.02
CA VAL B 147 30.00 2.01 -35.18
C VAL B 147 29.84 0.50 -34.99
N GLU B 148 29.79 0.06 -33.74
CA GLU B 148 29.62 -1.37 -33.50
C GLU B 148 28.94 -1.68 -32.18
N VAL B 149 28.07 -2.69 -32.24
CA VAL B 149 27.36 -3.14 -31.06
C VAL B 149 27.41 -4.66 -31.12
N GLU B 150 27.74 -5.29 -30.00
CA GLU B 150 27.78 -6.74 -29.92
C GLU B 150 27.01 -7.20 -28.70
N SER B 151 26.07 -8.10 -28.91
CA SER B 151 25.21 -8.63 -27.86
C SER B 151 25.39 -10.15 -27.81
N HIS B 152 25.68 -10.67 -26.61
CA HIS B 152 25.89 -12.10 -26.44
C HIS B 152 24.86 -12.74 -25.52
N PHE B 153 24.39 -13.93 -25.88
CA PHE B 153 23.44 -14.67 -25.06
C PHE B 153 23.87 -16.12 -25.18
N ASP B 154 24.79 -16.51 -24.30
CA ASP B 154 25.35 -17.86 -24.34
C ASP B 154 25.12 -18.70 -23.09
N TYR B 155 25.39 -19.99 -23.26
CA TYR B 155 25.28 -20.98 -22.20
C TYR B 155 26.45 -21.93 -22.41
N TYR B 156 26.65 -22.83 -21.45
CA TYR B 156 27.64 -23.87 -21.64
C TYR B 156 26.90 -25.14 -21.29
N ARG B 157 26.16 -25.65 -22.27
CA ARG B 157 25.38 -26.88 -22.12
C ARG B 157 25.78 -27.80 -23.26
N PRO B 158 26.93 -28.47 -23.11
CA PRO B 158 27.51 -29.40 -24.09
C PRO B 158 26.65 -30.60 -24.47
N VAL B 159 25.76 -31.03 -23.58
CA VAL B 159 24.91 -32.19 -23.83
C VAL B 159 23.57 -31.81 -24.47
N ALA B 160 23.25 -32.45 -25.58
CA ALA B 160 22.01 -32.19 -26.31
C ALA B 160 21.41 -33.50 -26.83
N GLU B 161 20.25 -33.86 -26.29
CA GLU B 161 19.59 -35.09 -26.70
C GLU B 161 18.89 -34.93 -28.03
N THR B 162 18.71 -36.04 -28.74
CA THR B 162 18.06 -36.01 -30.03
C THR B 162 16.66 -35.41 -29.93
N LYS B 163 16.39 -34.46 -30.81
CA LYS B 163 15.11 -33.75 -30.87
C LYS B 163 14.98 -33.14 -32.25
N PRO B 164 14.66 -33.94 -33.27
CA PRO B 164 14.51 -33.40 -34.62
C PRO B 164 13.48 -32.27 -34.68
N GLY B 165 13.57 -31.42 -35.70
CA GLY B 165 12.62 -30.33 -35.81
C GLY B 165 12.92 -29.37 -36.95
N LEU B 166 12.03 -28.40 -37.15
CA LEU B 166 12.19 -27.40 -38.20
C LEU B 166 12.97 -26.19 -37.67
N PRO B 167 13.40 -25.30 -38.58
CA PRO B 167 14.16 -24.10 -38.19
C PRO B 167 13.53 -23.35 -37.03
N GLN B 168 12.20 -23.32 -37.00
CA GLN B 168 11.47 -22.62 -35.95
C GLN B 168 11.76 -23.17 -34.54
N ASP B 169 12.24 -24.41 -34.48
CA ASP B 169 12.53 -25.04 -33.18
C ASP B 169 13.96 -24.77 -32.74
N GLY B 170 14.71 -24.01 -33.54
CA GLY B 170 16.09 -23.73 -33.21
C GLY B 170 16.32 -22.52 -32.33
N ALA B 171 17.59 -22.32 -31.98
CA ALA B 171 17.98 -21.21 -31.11
C ALA B 171 17.86 -19.84 -31.78
N PHE B 172 18.09 -19.78 -33.09
CA PHE B 172 17.99 -18.49 -33.78
C PHE B 172 16.58 -17.95 -33.56
N TYR B 173 15.58 -18.82 -33.70
CA TYR B 173 14.19 -18.40 -33.49
C TYR B 173 13.87 -18.28 -32.00
N GLY B 174 14.40 -19.21 -31.21
CA GLY B 174 14.11 -19.21 -29.78
C GLY B 174 14.76 -18.12 -28.95
N LEU B 175 15.99 -17.76 -29.28
CA LEU B 175 16.71 -16.72 -28.54
C LEU B 175 16.89 -15.48 -29.36
N GLY B 176 17.22 -15.66 -30.64
CA GLY B 176 17.42 -14.53 -31.51
C GLY B 176 16.26 -13.55 -31.55
N VAL B 177 15.04 -14.04 -31.35
CA VAL B 177 13.89 -13.15 -31.38
C VAL B 177 14.02 -12.04 -30.34
N HIS B 178 14.57 -12.37 -29.18
CA HIS B 178 14.76 -11.39 -28.10
C HIS B 178 15.96 -10.49 -28.32
N THR B 179 17.11 -11.09 -28.61
CA THR B 179 18.30 -10.28 -28.80
C THR B 179 18.20 -9.39 -30.03
N MSE B 180 17.57 -9.87 -31.10
CA MSE B 180 17.44 -9.03 -32.28
C MSE B 180 16.42 -7.92 -32.05
O MSE B 180 16.55 -6.81 -32.58
CB MSE B 180 17.05 -9.84 -33.50
CG MSE B 180 18.16 -10.72 -34.04
SE MSE B 180 17.91 -11.01 -35.91
CE MSE B 180 16.44 -12.27 -35.77
N ASP B 181 15.39 -8.22 -31.26
CA ASP B 181 14.37 -7.24 -30.93
C ASP B 181 15.01 -6.08 -30.19
N GLN B 182 15.99 -6.38 -29.34
CA GLN B 182 16.66 -5.31 -28.61
C GLN B 182 17.33 -4.37 -29.60
N ILE B 183 18.10 -4.94 -30.52
CA ILE B 183 18.82 -4.15 -31.52
C ILE B 183 17.87 -3.34 -32.40
N ILE B 184 16.82 -4.01 -32.88
CA ILE B 184 15.81 -3.37 -33.71
C ILE B 184 15.14 -2.21 -32.97
N SER B 185 14.91 -2.38 -31.68
CA SER B 185 14.28 -1.30 -30.92
C SER B 185 15.20 -0.06 -30.86
N LEU B 186 16.52 -0.27 -30.95
CA LEU B 186 17.46 0.85 -30.91
C LEU B 186 17.75 1.50 -32.26
N PHE B 187 17.85 0.71 -33.31
CA PHE B 187 18.22 1.24 -34.61
C PHE B 187 17.20 1.04 -35.73
N GLY B 188 16.19 0.23 -35.47
CA GLY B 188 15.17 -0.01 -36.47
C GLY B 188 15.50 -1.06 -37.50
N ARG B 189 15.10 -0.82 -38.74
CA ARG B 189 15.30 -1.76 -39.83
C ARG B 189 16.66 -1.62 -40.51
N PRO B 190 17.42 -2.73 -40.59
CA PRO B 190 18.74 -2.76 -41.21
C PRO B 190 18.73 -2.81 -42.74
N ASP B 191 19.85 -2.42 -43.36
CA ASP B 191 19.98 -2.43 -44.81
C ASP B 191 20.34 -3.83 -45.26
N HIS B 192 21.22 -4.47 -44.51
CA HIS B 192 21.66 -5.82 -44.82
C HIS B 192 21.69 -6.65 -43.55
N VAL B 193 21.66 -7.97 -43.73
CA VAL B 193 21.77 -8.91 -42.62
C VAL B 193 22.65 -10.07 -43.11
N ALA B 194 23.70 -10.38 -42.33
CA ALA B 194 24.58 -11.51 -42.61
C ALA B 194 24.21 -12.59 -41.62
N TYR B 195 24.10 -13.83 -42.10
CA TYR B 195 23.71 -14.97 -41.27
C TYR B 195 24.75 -16.09 -41.16
N ASP B 196 24.74 -16.71 -39.99
CA ASP B 196 25.58 -17.87 -39.66
C ASP B 196 24.74 -18.69 -38.69
N ILE B 197 24.19 -19.79 -39.18
CA ILE B 197 23.34 -20.67 -38.38
C ILE B 197 23.89 -22.09 -38.45
N ARG B 198 24.22 -22.68 -37.30
CA ARG B 198 24.79 -24.03 -37.27
C ARG B 198 24.28 -24.85 -36.10
N SER B 199 24.44 -26.17 -36.21
CA SER B 199 24.02 -27.12 -35.18
C SER B 199 25.30 -27.85 -34.75
N LEU B 200 25.81 -27.50 -33.58
CA LEU B 200 27.07 -28.07 -33.09
C LEU B 200 27.04 -29.23 -32.07
N ARG B 201 26.08 -29.21 -31.15
CA ARG B 201 26.03 -30.26 -30.13
C ARG B 201 25.42 -31.58 -30.61
N ASN B 202 24.42 -31.50 -31.50
CA ASN B 202 23.75 -32.69 -32.03
C ASN B 202 23.34 -32.42 -33.46
N LYS B 203 24.11 -32.94 -34.41
CA LYS B 203 23.84 -32.74 -35.84
C LYS B 203 22.42 -33.05 -36.30
N ALA B 204 21.64 -33.72 -35.46
CA ALA B 204 20.27 -34.06 -35.83
C ALA B 204 19.28 -33.00 -35.37
N ASN B 205 19.72 -32.12 -34.46
CA ASN B 205 18.83 -31.09 -33.94
C ASN B 205 18.90 -29.78 -34.69
N PRO B 206 17.89 -28.93 -34.49
CA PRO B 206 17.85 -27.63 -35.14
C PRO B 206 19.02 -26.82 -34.59
N ASP B 207 19.38 -25.73 -35.27
CA ASP B 207 20.50 -24.89 -34.85
C ASP B 207 20.52 -24.54 -33.36
N ASP B 208 21.70 -24.58 -32.77
CA ASP B 208 21.88 -24.25 -31.37
C ASP B 208 22.97 -23.18 -31.33
N THR B 209 23.32 -22.66 -32.50
CA THR B 209 24.38 -21.66 -32.62
C THR B 209 24.12 -20.66 -33.74
N PHE B 210 24.24 -19.38 -33.43
CA PHE B 210 24.04 -18.40 -34.47
C PHE B 210 24.73 -17.07 -34.21
N GLU B 211 24.81 -16.31 -35.29
CA GLU B 211 25.37 -14.96 -35.28
C GLU B 211 24.69 -14.23 -36.41
N ALA B 212 23.99 -13.16 -36.06
CA ALA B 212 23.31 -12.34 -37.04
C ALA B 212 23.93 -10.96 -36.94
N GLN B 213 24.38 -10.45 -38.08
CA GLN B 213 24.98 -9.12 -38.16
C GLN B 213 24.03 -8.21 -38.94
N LEU B 214 23.54 -7.19 -38.26
CA LEU B 214 22.60 -6.25 -38.83
C LEU B 214 23.36 -4.97 -39.18
N PHE B 215 23.27 -4.55 -40.43
CA PHE B 215 23.98 -3.36 -40.86
C PHE B 215 23.08 -2.15 -41.05
N TYR B 216 23.38 -1.07 -40.34
CA TYR B 216 22.64 0.18 -40.44
C TYR B 216 23.64 1.21 -40.94
N GLY B 217 23.73 1.32 -42.26
CA GLY B 217 24.67 2.23 -42.85
C GLY B 217 26.06 1.74 -42.52
N ASP B 218 26.84 2.54 -41.80
CA ASP B 218 28.19 2.15 -41.43
C ASP B 218 28.22 1.43 -40.09
N LEU B 219 27.06 1.31 -39.44
CA LEU B 219 26.97 0.65 -38.15
C LEU B 219 26.67 -0.84 -38.27
N LYS B 220 27.37 -1.65 -37.49
CA LYS B 220 27.16 -3.08 -37.50
C LYS B 220 26.78 -3.56 -36.10
N ALA B 221 25.60 -4.15 -35.96
CA ALA B 221 25.14 -4.67 -34.69
C ALA B 221 25.16 -6.18 -34.80
N ILE B 222 25.91 -6.80 -33.91
CA ILE B 222 26.07 -8.25 -33.90
C ILE B 222 25.35 -8.91 -32.73
N VAL B 223 24.54 -9.91 -33.05
CA VAL B 223 23.81 -10.68 -32.06
C VAL B 223 24.24 -12.12 -32.21
N LYS B 224 24.59 -12.76 -31.10
CA LYS B 224 24.99 -14.15 -31.18
C LYS B 224 24.78 -14.96 -29.91
N THR B 225 24.56 -16.26 -30.11
CA THR B 225 24.39 -17.18 -29.00
C THR B 225 25.01 -18.50 -29.39
N SER B 226 25.45 -19.22 -28.38
CA SER B 226 26.09 -20.52 -28.57
C SER B 226 25.89 -21.28 -27.27
N HIS B 227 25.77 -22.60 -27.34
CA HIS B 227 25.61 -23.38 -26.12
C HIS B 227 26.96 -23.98 -25.75
N LEU B 228 28.04 -23.39 -26.27
CA LEU B 228 29.39 -23.88 -26.00
C LEU B 228 30.39 -22.76 -25.67
N VAL B 229 30.10 -22.04 -24.60
CA VAL B 229 30.96 -20.96 -24.16
C VAL B 229 31.24 -21.14 -22.66
N LYS B 230 32.44 -21.62 -22.33
CA LYS B 230 32.83 -21.84 -20.93
C LYS B 230 33.08 -20.53 -20.21
N ILE B 231 33.86 -19.65 -20.85
CA ILE B 231 34.15 -18.34 -20.28
C ILE B 231 33.34 -17.34 -21.10
N ASP B 232 32.40 -16.67 -20.44
CA ASP B 232 31.54 -15.73 -21.14
C ASP B 232 32.20 -14.49 -21.71
N TYR B 233 31.61 -13.98 -22.79
CA TYR B 233 32.08 -12.74 -23.40
C TYR B 233 31.30 -11.69 -22.62
N PRO B 234 31.57 -10.40 -22.88
CA PRO B 234 30.79 -9.39 -22.14
C PRO B 234 29.34 -9.53 -22.63
N LYS B 235 28.37 -9.16 -21.79
CA LYS B 235 26.97 -9.25 -22.21
C LYS B 235 26.72 -8.30 -23.40
N PHE B 236 27.24 -7.07 -23.30
CA PHE B 236 27.12 -6.06 -24.34
C PHE B 236 28.45 -5.32 -24.53
N ILE B 237 28.74 -4.98 -25.78
CA ILE B 237 29.94 -4.23 -26.15
C ILE B 237 29.49 -3.17 -27.15
N VAL B 238 29.87 -1.91 -26.92
CA VAL B 238 29.52 -0.84 -27.83
C VAL B 238 30.73 0.03 -28.09
N HIS B 239 31.07 0.22 -29.36
CA HIS B 239 32.19 1.07 -29.73
C HIS B 239 31.66 2.22 -30.57
N GLY B 240 32.14 3.41 -30.26
CA GLY B 240 31.75 4.61 -30.98
C GLY B 240 33.03 5.34 -31.33
N LYS B 241 32.96 6.35 -32.19
CA LYS B 241 34.16 7.07 -32.57
C LYS B 241 34.86 7.79 -31.42
N LYS B 242 34.15 8.00 -30.31
CA LYS B 242 34.76 8.69 -29.17
C LYS B 242 35.00 7.81 -27.95
N GLY B 243 34.56 6.56 -28.00
CA GLY B 243 34.75 5.70 -26.84
C GLY B 243 34.08 4.36 -26.92
N SER B 244 34.17 3.61 -25.83
CA SER B 244 33.59 2.27 -25.74
C SER B 244 32.84 2.07 -24.43
N PHE B 245 31.89 1.13 -24.49
CA PHE B 245 31.07 0.73 -23.36
C PHE B 245 31.14 -0.79 -23.29
N ILE B 246 31.47 -1.32 -22.13
CA ILE B 246 31.53 -2.75 -21.95
C ILE B 246 30.68 -3.08 -20.74
N LYS B 247 29.88 -4.13 -20.84
CA LYS B 247 29.04 -4.55 -19.73
C LYS B 247 29.06 -6.06 -19.58
N TYR B 248 29.55 -6.51 -18.43
CA TYR B 248 29.58 -7.94 -18.13
C TYR B 248 28.36 -8.25 -17.28
N GLY B 249 27.83 -9.46 -17.42
CA GLY B 249 26.68 -9.85 -16.63
C GLY B 249 25.32 -9.56 -17.23
N ILE B 250 24.41 -10.52 -17.10
CA ILE B 250 23.07 -10.36 -17.64
C ILE B 250 22.07 -9.98 -16.55
N ASP B 251 20.92 -9.48 -16.97
CA ASP B 251 19.85 -9.12 -16.04
C ASP B 251 19.65 -10.29 -15.05
N GLN B 252 19.41 -9.96 -13.78
CA GLN B 252 19.26 -10.96 -12.73
C GLN B 252 17.83 -11.37 -12.34
N GLN B 253 16.81 -10.85 -13.01
CA GLN B 253 15.45 -11.22 -12.66
C GLN B 253 15.20 -12.71 -12.75
N GLU B 254 15.60 -13.32 -13.86
CA GLU B 254 15.41 -14.75 -14.07
C GLU B 254 16.11 -15.54 -12.96
N THR B 255 17.32 -15.13 -12.61
CA THR B 255 18.07 -15.79 -11.57
C THR B 255 17.28 -15.72 -10.26
N SER B 256 16.77 -14.54 -9.95
CA SER B 256 15.99 -14.34 -8.74
C SER B 256 14.74 -15.20 -8.74
N LEU B 257 14.01 -15.18 -9.85
CA LEU B 257 12.79 -15.98 -9.99
C LEU B 257 13.07 -17.46 -9.78
N LYS B 258 14.10 -17.98 -10.45
CA LYS B 258 14.46 -19.40 -10.32
C LYS B 258 14.88 -19.71 -8.89
N ALA B 259 15.25 -18.67 -8.14
CA ALA B 259 15.67 -18.85 -6.76
C ALA B 259 14.52 -18.62 -5.80
N ASN B 260 13.30 -18.63 -6.35
CA ASN B 260 12.08 -18.45 -5.58
C ASN B 260 11.94 -17.07 -4.94
N ILE B 261 12.61 -16.07 -5.51
CA ILE B 261 12.50 -14.71 -5.01
C ILE B 261 11.57 -14.00 -5.97
N MSE B 262 10.47 -13.46 -5.46
CA MSE B 262 9.48 -12.79 -6.29
C MSE B 262 9.66 -11.28 -6.35
O MSE B 262 10.24 -10.67 -5.45
CB MSE B 262 8.08 -13.12 -5.79
CG MSE B 262 7.77 -14.62 -5.72
SE MSE B 262 7.67 -15.52 -7.45
CE MSE B 262 9.38 -16.41 -7.46
N PRO B 263 9.15 -10.64 -7.42
CA PRO B 263 9.23 -9.19 -7.61
C PRO B 263 8.70 -8.46 -6.38
N GLY B 264 9.42 -7.43 -5.94
CA GLY B 264 8.99 -6.68 -4.78
C GLY B 264 9.64 -7.15 -3.50
N GLU B 265 9.94 -8.44 -3.44
CA GLU B 265 10.57 -9.01 -2.25
C GLU B 265 12.00 -8.51 -2.10
N PRO B 266 12.58 -8.68 -0.90
CA PRO B 266 13.96 -8.22 -0.64
C PRO B 266 15.01 -8.94 -1.47
N GLY B 267 15.87 -8.15 -2.11
CA GLY B 267 16.96 -8.70 -2.91
C GLY B 267 16.59 -9.22 -4.29
N PHE B 268 15.40 -8.89 -4.76
CA PHE B 268 14.97 -9.36 -6.07
C PHE B 268 15.83 -8.77 -7.18
N ALA B 269 16.45 -9.64 -7.96
CA ALA B 269 17.32 -9.23 -9.07
C ALA B 269 18.55 -8.48 -8.60
N ALA B 270 19.11 -8.91 -7.47
CA ALA B 270 20.31 -8.27 -6.93
C ALA B 270 21.40 -8.40 -7.99
N ASP B 271 22.12 -7.31 -8.26
CA ASP B 271 23.17 -7.33 -9.28
C ASP B 271 24.45 -6.59 -8.82
N ASP B 272 25.57 -7.32 -8.77
CA ASP B 272 26.86 -6.73 -8.38
C ASP B 272 27.73 -6.37 -9.58
N SER B 273 27.11 -6.13 -10.73
CA SER B 273 27.88 -5.78 -11.93
C SER B 273 27.72 -4.30 -12.24
N VAL B 274 28.55 -3.80 -13.15
CA VAL B 274 28.50 -2.41 -13.54
C VAL B 274 28.83 -2.25 -15.02
N GLY B 275 28.38 -1.16 -15.60
CA GLY B 275 28.68 -0.91 -16.99
C GLY B 275 29.93 -0.04 -16.99
N VAL B 276 30.89 -0.39 -17.83
CA VAL B 276 32.14 0.36 -17.92
C VAL B 276 32.15 1.25 -19.16
N LEU B 277 32.52 2.52 -18.96
CA LEU B 277 32.55 3.48 -20.04
C LEU B 277 33.90 4.20 -20.09
N GLU B 278 34.46 4.32 -21.28
CA GLU B 278 35.71 5.04 -21.48
C GLU B 278 35.58 5.85 -22.77
N TYR B 279 35.66 7.17 -22.64
CA TYR B 279 35.52 8.01 -23.81
C TYR B 279 36.37 9.26 -23.75
N VAL B 280 36.52 9.88 -24.91
CA VAL B 280 37.31 11.10 -25.02
C VAL B 280 36.32 12.26 -24.97
N ASN B 281 36.50 13.17 -24.02
CA ASN B 281 35.59 14.30 -23.89
C ASN B 281 35.98 15.44 -24.83
N ASP B 282 35.26 16.55 -24.72
CA ASP B 282 35.50 17.71 -25.56
C ASP B 282 36.96 18.17 -25.58
N GLU B 283 37.56 18.29 -24.40
CA GLU B 283 38.95 18.74 -24.30
C GLU B 283 39.95 17.67 -24.72
N GLY B 284 39.46 16.58 -25.31
CA GLY B 284 40.34 15.52 -25.76
C GLY B 284 40.92 14.68 -24.63
N VAL B 285 40.33 14.78 -23.45
CA VAL B 285 40.78 14.02 -22.30
C VAL B 285 40.05 12.67 -22.20
N THR B 286 40.77 11.62 -21.83
CA THR B 286 40.17 10.31 -21.67
C THR B 286 39.40 10.27 -20.34
N VAL B 287 38.09 10.13 -20.44
CA VAL B 287 37.22 10.08 -19.27
C VAL B 287 36.77 8.64 -19.03
N ARG B 288 36.79 8.24 -17.76
CA ARG B 288 36.38 6.89 -17.37
C ARG B 288 35.09 7.02 -16.55
N GLU B 289 34.25 5.99 -16.56
CA GLU B 289 33.00 6.06 -15.82
C GLU B 289 32.39 4.68 -15.56
N GLU B 290 31.94 4.47 -14.33
CA GLU B 290 31.29 3.22 -13.96
C GLU B 290 29.80 3.52 -13.89
N MSE B 291 29.00 2.70 -14.57
CA MSE B 291 27.56 2.89 -14.58
C MSE B 291 26.90 1.80 -13.74
O MSE B 291 27.10 0.60 -13.99
CB MSE B 291 27.00 2.84 -16.00
CG MSE B 291 27.43 4.01 -16.88
SE MSE B 291 26.90 3.76 -18.73
CE MSE B 291 25.10 4.44 -18.64
N LYS B 292 26.12 2.21 -12.75
CA LYS B 292 25.42 1.24 -11.92
C LYS B 292 24.32 0.72 -12.84
N PRO B 293 24.11 -0.60 -12.89
CA PRO B 293 23.07 -1.13 -13.76
C PRO B 293 21.70 -0.55 -13.48
N GLU B 294 20.96 -0.22 -14.55
CA GLU B 294 19.62 0.31 -14.37
C GLU B 294 18.82 -0.84 -13.76
N MSE B 295 17.70 -0.55 -13.12
CA MSE B 295 16.92 -1.63 -12.53
C MSE B 295 16.01 -2.26 -13.58
O MSE B 295 15.27 -1.56 -14.27
CB MSE B 295 16.07 -1.13 -11.38
CG MSE B 295 15.26 -2.24 -10.71
SE MSE B 295 13.76 -1.61 -9.68
CE MSE B 295 12.36 -1.84 -10.99
N GLY B 296 16.07 -3.58 -13.70
CA GLY B 296 15.24 -4.28 -14.66
C GLY B 296 13.94 -4.76 -14.04
N ASP B 297 12.85 -4.57 -14.75
CA ASP B 297 11.52 -4.97 -14.28
C ASP B 297 10.67 -5.41 -15.47
N TYR B 298 10.46 -6.71 -15.62
CA TYR B 298 9.66 -7.23 -16.73
C TYR B 298 8.21 -6.76 -16.60
N GLY B 299 7.83 -6.40 -15.38
CA GLY B 299 6.49 -5.92 -15.12
C GLY B 299 6.22 -4.64 -15.87
N ARG B 300 7.28 -3.98 -16.33
CA ARG B 300 7.10 -2.74 -17.08
C ARG B 300 6.33 -2.99 -18.37
N VAL B 301 6.25 -4.26 -18.78
CA VAL B 301 5.50 -4.60 -19.98
C VAL B 301 4.04 -4.32 -19.67
N TYR B 302 3.55 -4.78 -18.53
CA TYR B 302 2.15 -4.55 -18.18
C TYR B 302 1.85 -3.09 -17.83
N ASP B 303 2.83 -2.39 -17.27
CA ASP B 303 2.62 -0.99 -16.94
C ASP B 303 2.38 -0.21 -18.22
N ALA B 304 3.06 -0.61 -19.29
CA ALA B 304 2.91 0.04 -20.59
C ALA B 304 1.55 -0.28 -21.18
N LEU B 305 1.16 -1.55 -21.09
CA LEU B 305 -0.13 -2.00 -21.62
C LEU B 305 -1.27 -1.31 -20.89
N TYR B 306 -1.07 -1.05 -19.60
CA TYR B 306 -2.09 -0.37 -18.81
C TYR B 306 -2.27 1.04 -19.36
N GLN B 307 -1.16 1.71 -19.67
CA GLN B 307 -1.17 3.06 -20.22
C GLN B 307 -1.86 3.07 -21.58
N THR B 308 -1.58 2.04 -22.39
CA THR B 308 -2.18 1.93 -23.72
C THR B 308 -3.68 1.69 -23.66
N ILE B 309 -4.07 0.70 -22.87
CA ILE B 309 -5.47 0.35 -22.74
C ILE B 309 -6.29 1.40 -22.01
N THR B 310 -5.72 1.98 -20.95
CA THR B 310 -6.42 2.98 -20.17
C THR B 310 -6.34 4.42 -20.67
N HIS B 311 -5.22 4.81 -21.29
CA HIS B 311 -5.09 6.19 -21.77
C HIS B 311 -4.74 6.33 -23.26
N GLY B 312 -4.86 5.25 -24.01
CA GLY B 312 -4.58 5.28 -25.44
C GLY B 312 -3.14 5.52 -25.83
N ALA B 313 -2.22 5.45 -24.88
CA ALA B 313 -0.81 5.66 -25.18
C ALA B 313 -0.33 4.64 -26.20
N PRO B 314 0.70 4.99 -26.99
CA PRO B 314 1.23 4.07 -28.00
C PRO B 314 1.80 2.79 -27.38
N ASN B 315 1.67 1.67 -28.10
CA ASN B 315 2.18 0.39 -27.59
C ASN B 315 3.70 0.47 -27.41
N TYR B 316 4.23 -0.25 -26.43
CA TYR B 316 5.67 -0.21 -26.17
C TYR B 316 6.46 -0.86 -27.31
N VAL B 317 5.81 -1.69 -28.12
CA VAL B 317 6.47 -2.32 -29.26
C VAL B 317 5.79 -1.81 -30.53
N LYS B 318 6.56 -1.32 -31.49
CA LYS B 318 5.97 -0.82 -32.73
C LYS B 318 5.77 -1.95 -33.73
N GLU B 319 4.67 -1.89 -34.46
CA GLU B 319 4.35 -2.89 -35.47
C GLU B 319 5.53 -3.17 -36.40
N SER B 320 6.16 -2.12 -36.92
CA SER B 320 7.29 -2.29 -37.83
C SER B 320 8.41 -3.13 -37.24
N GLU B 321 8.62 -3.00 -35.92
CA GLU B 321 9.67 -3.74 -35.25
C GLU B 321 9.36 -5.24 -35.23
N VAL B 322 8.09 -5.59 -35.07
CA VAL B 322 7.71 -6.99 -35.03
C VAL B 322 7.85 -7.60 -36.42
N LEU B 323 7.40 -6.88 -37.44
CA LEU B 323 7.48 -7.38 -38.81
C LEU B 323 8.94 -7.54 -39.24
N THR B 324 9.78 -6.57 -38.91
CA THR B 324 11.21 -6.63 -39.25
C THR B 324 11.88 -7.85 -38.63
N ASN B 325 11.60 -8.08 -37.36
CA ASN B 325 12.17 -9.22 -36.64
C ASN B 325 11.77 -10.54 -37.33
N LEU B 326 10.49 -10.68 -37.65
CA LEU B 326 10.02 -11.89 -38.30
C LEU B 326 10.63 -12.08 -39.67
N GLU B 327 10.78 -10.99 -40.42
CA GLU B 327 11.35 -11.10 -41.75
C GLU B 327 12.80 -11.56 -41.68
N ILE B 328 13.56 -10.98 -40.75
CA ILE B 328 14.97 -11.34 -40.59
C ILE B 328 15.12 -12.82 -40.22
N LEU B 329 14.31 -13.27 -39.27
CA LEU B 329 14.34 -14.68 -38.87
C LEU B 329 14.01 -15.57 -40.06
N GLU B 330 12.95 -15.21 -40.79
CA GLU B 330 12.52 -15.99 -41.94
C GLU B 330 13.58 -16.09 -43.03
N ARG B 331 14.14 -14.94 -43.43
CA ARG B 331 15.14 -14.91 -44.48
C ARG B 331 16.47 -15.52 -44.09
N GLY B 332 16.66 -15.82 -42.82
CA GLY B 332 17.91 -16.44 -42.40
C GLY B 332 17.94 -17.87 -42.93
N PHE B 333 16.76 -18.39 -43.24
CA PHE B 333 16.63 -19.75 -43.73
C PHE B 333 16.29 -19.81 -45.22
N GLU B 334 16.20 -18.63 -45.84
CA GLU B 334 15.89 -18.51 -47.26
C GLU B 334 16.97 -19.25 -48.05
N GLN B 335 18.23 -18.94 -47.74
CA GLN B 335 19.34 -19.60 -48.42
C GLN B 335 20.27 -20.28 -47.43
N ALA B 336 21.10 -21.19 -47.93
CA ALA B 336 22.04 -21.93 -47.10
C ALA B 336 22.97 -21.02 -46.30
N SER B 337 23.26 -21.42 -45.07
CA SER B 337 24.16 -20.65 -44.21
C SER B 337 25.61 -21.06 -44.51
N PRO B 338 26.55 -20.11 -44.46
CA PRO B 338 26.36 -18.69 -44.15
C PRO B 338 25.97 -17.89 -45.38
N SER B 339 25.26 -16.79 -45.16
CA SER B 339 24.81 -15.94 -46.24
C SER B 339 24.58 -14.50 -45.80
N THR B 340 24.37 -13.63 -46.78
CA THR B 340 24.13 -12.22 -46.54
C THR B 340 23.02 -11.79 -47.47
N VAL B 341 22.04 -11.05 -46.95
CA VAL B 341 20.93 -10.55 -47.77
C VAL B 341 20.83 -9.05 -47.61
N THR B 342 19.96 -8.45 -48.42
CA THR B 342 19.71 -7.02 -48.33
C THR B 342 18.19 -6.90 -48.19
N LEU B 343 17.76 -6.10 -47.23
CA LEU B 343 16.33 -5.89 -47.00
C LEU B 343 15.78 -4.68 -47.73
N ALA B 344 14.71 -4.88 -48.48
CA ALA B 344 14.07 -3.78 -49.20
C ALA B 344 13.18 -3.14 -48.15
N LYS B 345 12.84 -3.95 -47.15
CA LYS B 345 11.99 -3.56 -46.03
C LYS B 345 12.28 -4.46 -44.83
N VAL C 2 77.17 -23.49 -42.46
CA VAL C 2 76.46 -22.18 -42.41
C VAL C 2 75.99 -21.77 -43.81
N ILE C 3 74.81 -21.14 -43.87
CA ILE C 3 74.25 -20.69 -45.15
C ILE C 3 74.44 -19.20 -45.34
N ASN C 4 74.96 -18.81 -46.50
CA ASN C 4 75.18 -17.41 -46.83
C ASN C 4 73.90 -16.80 -47.40
N CYS C 5 73.45 -15.70 -46.81
CA CYS C 5 72.25 -15.02 -47.27
C CYS C 5 72.58 -13.60 -47.71
N ALA C 6 71.60 -12.92 -48.29
CA ALA C 6 71.77 -11.56 -48.76
C ALA C 6 70.46 -10.78 -48.65
N PHE C 7 70.55 -9.49 -48.34
CA PHE C 7 69.37 -8.66 -48.21
C PHE C 7 69.29 -7.59 -49.28
N ILE C 8 68.09 -7.42 -49.84
CA ILE C 8 67.86 -6.41 -50.84
C ILE C 8 67.11 -5.34 -50.05
N GLY C 9 67.79 -4.24 -49.76
CA GLY C 9 67.18 -3.17 -48.98
C GLY C 9 67.81 -3.08 -47.60
N PHE C 10 68.10 -1.86 -47.16
CA PHE C 10 68.68 -1.70 -45.85
C PHE C 10 67.88 -0.64 -45.10
N GLY C 11 66.56 -0.79 -45.17
CA GLY C 11 65.66 0.13 -44.51
C GLY C 11 65.33 -0.40 -43.14
N LYS C 12 64.43 0.29 -42.44
CA LYS C 12 64.04 -0.09 -41.09
C LYS C 12 63.59 -1.54 -40.94
N SER C 13 62.87 -2.08 -41.92
CA SER C 13 62.43 -3.46 -41.79
C SER C 13 63.63 -4.41 -41.70
N THR C 14 64.67 -4.14 -42.49
CA THR C 14 65.88 -4.98 -42.48
C THR C 14 66.61 -4.92 -41.14
N THR C 15 66.81 -3.72 -40.63
CA THR C 15 67.54 -3.51 -39.39
C THR C 15 66.77 -3.70 -38.09
N ARG C 16 65.44 -3.66 -38.15
CA ARG C 16 64.64 -3.84 -36.95
C ARG C 16 64.00 -5.22 -36.82
N TYR C 17 63.50 -5.78 -37.92
CA TYR C 17 62.83 -7.08 -37.86
C TYR C 17 63.56 -8.28 -38.46
N HIS C 18 64.69 -8.06 -39.10
CA HIS C 18 65.42 -9.17 -39.70
C HIS C 18 66.80 -9.38 -39.12
N LEU C 19 67.68 -8.40 -39.35
CA LEU C 19 69.05 -8.48 -38.87
C LEU C 19 69.19 -8.81 -37.38
N PRO C 20 68.36 -8.22 -36.51
CA PRO C 20 68.48 -8.54 -35.08
C PRO C 20 68.39 -10.04 -34.80
N TYR C 21 67.57 -10.74 -35.57
CA TYR C 21 67.39 -12.17 -35.42
C TYR C 21 68.47 -12.96 -36.17
N VAL C 22 68.77 -12.54 -37.39
CA VAL C 22 69.78 -13.22 -38.20
C VAL C 22 71.20 -13.07 -37.65
N LEU C 23 71.56 -11.90 -37.16
CA LEU C 23 72.90 -11.69 -36.62
C LEU C 23 73.10 -12.50 -35.34
N ASN C 24 72.01 -13.02 -34.81
CA ASN C 24 72.05 -13.81 -33.59
C ASN C 24 72.22 -15.29 -33.93
N ARG C 25 72.32 -15.60 -35.22
CA ARG C 25 72.45 -16.99 -35.67
C ARG C 25 73.67 -17.21 -36.57
N LYS C 26 74.80 -16.63 -36.19
CA LYS C 26 76.04 -16.75 -36.96
C LYS C 26 76.53 -18.19 -37.15
N ASP C 27 76.06 -19.10 -36.31
CA ASP C 27 76.47 -20.49 -36.47
C ASP C 27 75.64 -21.13 -37.57
N SER C 28 74.55 -20.47 -37.93
CA SER C 28 73.65 -20.97 -38.96
C SER C 28 73.61 -20.11 -40.23
N TRP C 29 73.66 -18.80 -40.05
CA TRP C 29 73.61 -17.88 -41.19
C TRP C 29 74.76 -16.90 -41.18
N HIS C 30 75.13 -16.44 -42.38
CA HIS C 30 76.17 -15.44 -42.55
C HIS C 30 75.63 -14.43 -43.57
N VAL C 31 75.44 -13.19 -43.16
CA VAL C 31 74.94 -12.17 -44.09
C VAL C 31 76.12 -11.68 -44.93
N ALA C 32 76.25 -12.25 -46.12
CA ALA C 32 77.34 -11.91 -47.03
C ALA C 32 77.19 -10.53 -47.69
N HIS C 33 75.99 -10.23 -48.17
CA HIS C 33 75.74 -8.96 -48.85
C HIS C 33 74.41 -8.30 -48.48
N ILE C 34 74.40 -6.98 -48.58
CA ILE C 34 73.20 -6.20 -48.37
C ILE C 34 73.21 -5.18 -49.51
N PHE C 35 72.21 -5.26 -50.39
CA PHE C 35 72.10 -4.35 -51.51
C PHE C 35 71.28 -3.14 -51.08
N ARG C 36 71.70 -1.96 -51.54
CA ARG C 36 71.00 -0.71 -51.23
C ARG C 36 71.28 0.34 -52.30
N ARG C 37 70.33 1.26 -52.49
CA ARG C 37 70.46 2.34 -53.48
C ARG C 37 71.60 3.28 -53.13
N HIS C 38 71.59 3.79 -51.89
CA HIS C 38 72.62 4.72 -51.44
C HIS C 38 73.26 4.30 -50.13
N ALA C 39 74.54 4.60 -49.97
CA ALA C 39 75.26 4.26 -48.76
C ALA C 39 74.75 5.13 -47.62
N LYS C 40 74.70 4.55 -46.42
CA LYS C 40 74.20 5.25 -45.24
C LYS C 40 75.19 5.08 -44.08
N PRO C 41 75.38 6.13 -43.28
CA PRO C 41 76.31 6.07 -42.13
C PRO C 41 76.03 4.94 -41.14
N GLU C 42 74.80 4.43 -41.15
CA GLU C 42 74.40 3.34 -40.26
C GLU C 42 75.15 2.04 -40.59
N GLU C 43 75.57 1.91 -41.84
CA GLU C 43 76.30 0.72 -42.29
C GLU C 43 77.63 0.58 -41.54
N GLN C 44 78.17 1.69 -41.05
CA GLN C 44 79.44 1.67 -40.33
C GLN C 44 79.38 1.12 -38.90
N ALA C 45 78.18 0.92 -38.38
CA ALA C 45 78.00 0.38 -37.03
C ALA C 45 78.78 -0.93 -36.90
N PRO C 46 79.52 -1.11 -35.80
CA PRO C 46 80.32 -2.32 -35.53
C PRO C 46 79.64 -3.65 -35.81
N ILE C 47 78.36 -3.75 -35.47
CA ILE C 47 77.60 -4.99 -35.68
C ILE C 47 77.47 -5.40 -37.15
N TYR C 48 77.68 -4.48 -38.07
CA TYR C 48 77.58 -4.79 -39.50
C TYR C 48 78.95 -4.91 -40.18
N SER C 49 80.01 -4.77 -39.39
CA SER C 49 81.38 -4.80 -39.93
C SER C 49 81.72 -5.95 -40.89
N HIS C 50 81.14 -7.13 -40.66
CA HIS C 50 81.42 -8.28 -41.50
C HIS C 50 80.58 -8.31 -42.78
N ILE C 51 79.70 -7.32 -42.95
CA ILE C 51 78.81 -7.26 -44.09
C ILE C 51 79.29 -6.45 -45.30
N HIS C 52 79.11 -6.98 -46.50
CA HIS C 52 79.50 -6.28 -47.70
C HIS C 52 78.29 -5.50 -48.26
N PHE C 53 78.31 -4.19 -48.07
CA PHE C 53 77.24 -3.34 -48.58
C PHE C 53 77.55 -2.97 -50.03
N THR C 54 76.58 -3.15 -50.91
CA THR C 54 76.76 -2.86 -52.31
C THR C 54 75.54 -2.23 -52.99
N SER C 55 75.80 -1.53 -54.08
CA SER C 55 74.75 -0.89 -54.85
C SER C 55 74.61 -1.60 -56.19
N ASP C 56 75.27 -2.75 -56.33
CA ASP C 56 75.20 -3.54 -57.56
C ASP C 56 74.57 -4.89 -57.27
N LEU C 57 73.34 -5.06 -57.73
CA LEU C 57 72.58 -6.29 -57.51
C LEU C 57 73.25 -7.54 -58.08
N ASP C 58 73.97 -7.38 -59.19
CA ASP C 58 74.65 -8.51 -59.82
C ASP C 58 75.70 -9.15 -58.91
N GLU C 59 76.39 -8.33 -58.12
CA GLU C 59 77.41 -8.82 -57.21
C GLU C 59 76.82 -9.76 -56.17
N VAL C 60 75.51 -9.60 -55.95
CA VAL C 60 74.81 -10.42 -54.98
C VAL C 60 74.18 -11.64 -55.64
N LEU C 61 73.47 -11.43 -56.75
CA LEU C 61 72.80 -12.52 -57.45
C LEU C 61 73.73 -13.50 -58.15
N ASN C 62 74.94 -13.06 -58.47
CA ASN C 62 75.90 -13.95 -59.15
C ASN C 62 76.95 -14.50 -58.19
N ASP C 63 76.69 -14.36 -56.90
CA ASP C 63 77.60 -14.90 -55.88
C ASP C 63 77.15 -16.35 -55.69
N PRO C 64 77.96 -17.31 -56.17
CA PRO C 64 77.65 -18.73 -56.07
C PRO C 64 77.26 -19.21 -54.67
N ASP C 65 77.88 -18.62 -53.65
CA ASP C 65 77.62 -19.00 -52.26
C ASP C 65 76.31 -18.56 -51.63
N VAL C 66 75.68 -17.53 -52.17
CA VAL C 66 74.42 -17.08 -51.60
C VAL C 66 73.30 -18.05 -51.97
N LYS C 67 72.58 -18.54 -50.96
CA LYS C 67 71.48 -19.48 -51.18
C LYS C 67 70.13 -18.82 -50.91
N LEU C 68 70.13 -17.69 -50.22
CA LEU C 68 68.88 -16.99 -49.90
C LEU C 68 69.01 -15.47 -50.03
N VAL C 69 68.00 -14.89 -50.67
CA VAL C 69 67.91 -13.46 -50.89
C VAL C 69 66.61 -13.01 -50.19
N VAL C 70 66.71 -12.04 -49.30
CA VAL C 70 65.55 -11.53 -48.55
C VAL C 70 65.17 -10.16 -49.11
N VAL C 71 63.97 -10.05 -49.68
CA VAL C 71 63.51 -8.80 -50.28
C VAL C 71 62.79 -7.89 -49.28
N CYS C 72 63.43 -6.79 -48.91
CA CYS C 72 62.88 -5.84 -47.94
C CYS C 72 62.68 -4.42 -48.47
N THR C 73 62.43 -4.28 -49.76
CA THR C 73 62.21 -2.97 -50.35
C THR C 73 60.74 -2.66 -50.52
N HIS C 74 60.45 -1.48 -51.07
CA HIS C 74 59.08 -1.04 -51.30
C HIS C 74 58.25 -2.20 -51.88
N ALA C 75 56.98 -2.27 -51.47
CA ALA C 75 56.10 -3.35 -51.94
C ALA C 75 56.03 -3.52 -53.45
N ASP C 76 55.99 -2.43 -54.21
CA ASP C 76 55.90 -2.50 -55.66
C ASP C 76 57.12 -3.13 -56.35
N SER C 77 58.22 -3.32 -55.62
CA SER C 77 59.42 -3.89 -56.22
C SER C 77 59.63 -5.35 -55.87
N HIS C 78 58.83 -5.87 -54.96
CA HIS C 78 58.95 -7.26 -54.52
C HIS C 78 58.90 -8.26 -55.65
N PHE C 79 57.87 -8.14 -56.48
CA PHE C 79 57.70 -9.06 -57.60
C PHE C 79 58.92 -9.15 -58.50
N GLU C 80 59.40 -8.00 -58.96
CA GLU C 80 60.53 -7.98 -59.87
C GLU C 80 61.83 -8.43 -59.21
N TYR C 81 62.08 -8.02 -57.98
CA TYR C 81 63.30 -8.45 -57.30
C TYR C 81 63.25 -9.95 -57.05
N ALA C 82 62.06 -10.45 -56.70
CA ALA C 82 61.88 -11.87 -56.44
C ALA C 82 62.14 -12.68 -57.71
N LYS C 83 61.66 -12.18 -58.85
CA LYS C 83 61.84 -12.85 -60.13
C LYS C 83 63.30 -12.85 -60.55
N ARG C 84 63.97 -11.70 -60.37
CA ARG C 84 65.38 -11.60 -60.74
C ARG C 84 66.24 -12.52 -59.87
N ALA C 85 65.85 -12.68 -58.62
CA ALA C 85 66.60 -13.54 -57.71
C ALA C 85 66.38 -15.01 -58.07
N LEU C 86 65.14 -15.38 -58.33
CA LEU C 86 64.80 -16.76 -58.69
C LEU C 86 65.49 -17.20 -59.97
N GLU C 87 65.44 -16.35 -60.99
CA GLU C 87 66.08 -16.66 -62.26
C GLU C 87 67.58 -16.86 -62.05
N ALA C 88 68.17 -16.11 -61.12
CA ALA C 88 69.59 -16.22 -60.82
C ALA C 88 69.90 -17.54 -60.14
N GLY C 89 68.86 -18.21 -59.63
CA GLY C 89 69.04 -19.48 -58.96
C GLY C 89 69.03 -19.44 -57.44
N LYS C 90 68.54 -18.35 -56.86
CA LYS C 90 68.53 -18.22 -55.42
C LYS C 90 67.14 -18.47 -54.83
N ASN C 91 67.11 -18.88 -53.57
CA ASN C 91 65.85 -19.10 -52.88
C ASN C 91 65.48 -17.70 -52.42
N VAL C 92 64.19 -17.40 -52.28
CA VAL C 92 63.78 -16.06 -51.90
C VAL C 92 62.77 -15.95 -50.77
N LEU C 93 63.01 -14.98 -49.88
CA LEU C 93 62.11 -14.71 -48.77
C LEU C 93 61.60 -13.30 -49.04
N VAL C 94 60.28 -13.14 -49.12
CA VAL C 94 59.74 -11.81 -49.42
C VAL C 94 58.90 -11.23 -48.30
N GLU C 95 59.19 -10.00 -47.92
CA GLU C 95 58.42 -9.34 -46.88
C GLU C 95 57.01 -9.06 -47.39
N LYS C 96 56.12 -8.75 -46.47
CA LYS C 96 54.73 -8.44 -46.81
C LYS C 96 54.76 -7.08 -47.52
N PRO C 97 54.04 -6.94 -48.64
CA PRO C 97 53.18 -7.92 -49.32
C PRO C 97 53.96 -8.83 -50.28
N PHE C 98 53.63 -10.11 -50.29
CA PHE C 98 54.28 -11.08 -51.17
C PHE C 98 54.27 -10.50 -52.58
N THR C 99 53.07 -10.28 -53.12
CA THR C 99 52.90 -9.68 -54.44
C THR C 99 51.60 -8.87 -54.39
N PRO C 100 51.41 -7.94 -55.33
CA PRO C 100 50.18 -7.14 -55.31
C PRO C 100 48.92 -7.93 -55.69
N THR C 101 49.09 -8.93 -56.55
CA THR C 101 47.95 -9.74 -57.02
C THR C 101 48.20 -11.24 -56.88
N LEU C 102 47.15 -12.02 -57.05
CA LEU C 102 47.23 -13.48 -56.93
C LEU C 102 47.92 -14.07 -58.16
N ALA C 103 47.64 -13.49 -59.32
CA ALA C 103 48.22 -13.96 -60.58
C ALA C 103 49.73 -13.86 -60.51
N GLN C 104 50.23 -12.72 -60.05
CA GLN C 104 51.67 -12.52 -59.93
C GLN C 104 52.31 -13.56 -59.00
N ALA C 105 51.62 -13.90 -57.91
CA ALA C 105 52.14 -14.89 -56.97
C ALA C 105 52.27 -16.25 -57.65
N LYS C 106 51.30 -16.59 -58.49
CA LYS C 106 51.33 -17.86 -59.21
C LYS C 106 52.50 -17.89 -60.18
N GLU C 107 52.85 -16.74 -60.74
CA GLU C 107 53.96 -16.66 -61.68
C GLU C 107 55.26 -16.99 -60.95
N LEU C 108 55.40 -16.43 -59.75
CA LEU C 108 56.58 -16.65 -58.91
C LEU C 108 56.72 -18.12 -58.51
N PHE C 109 55.62 -18.72 -58.05
CA PHE C 109 55.67 -20.13 -57.67
C PHE C 109 56.04 -21.01 -58.85
N ALA C 110 55.53 -20.65 -60.03
CA ALA C 110 55.82 -21.41 -61.25
C ALA C 110 57.29 -21.27 -61.62
N LEU C 111 57.82 -20.07 -61.50
CA LEU C 111 59.22 -19.83 -61.83
C LEU C 111 60.07 -20.58 -60.81
N ALA C 112 59.74 -20.42 -59.54
CA ALA C 112 60.47 -21.07 -58.45
C ALA C 112 60.54 -22.58 -58.66
N LYS C 113 59.39 -23.20 -58.88
CA LYS C 113 59.33 -24.63 -59.07
C LYS C 113 60.15 -25.09 -60.29
N SER C 114 60.17 -24.27 -61.34
CA SER C 114 60.92 -24.62 -62.54
C SER C 114 62.40 -24.77 -62.27
N LYS C 115 62.85 -24.29 -61.11
CA LYS C 115 64.27 -24.39 -60.75
C LYS C 115 64.49 -25.10 -59.42
N GLY C 116 63.51 -25.86 -58.98
CA GLY C 116 63.64 -26.57 -57.71
C GLY C 116 64.03 -25.63 -56.58
N LEU C 117 63.60 -24.37 -56.69
CA LEU C 117 63.90 -23.35 -55.68
C LEU C 117 62.69 -23.02 -54.83
N THR C 118 62.92 -22.33 -53.73
CA THR C 118 61.84 -21.94 -52.83
C THR C 118 61.66 -20.43 -52.79
N VAL C 119 60.40 -19.99 -52.90
CA VAL C 119 60.06 -18.57 -52.82
C VAL C 119 58.90 -18.50 -51.84
N THR C 120 59.06 -17.71 -50.79
CA THR C 120 58.03 -17.63 -49.75
C THR C 120 57.93 -16.28 -49.06
N PRO C 121 56.73 -15.94 -48.55
CA PRO C 121 56.52 -14.67 -47.85
C PRO C 121 57.12 -14.75 -46.45
N TYR C 122 57.30 -13.60 -45.82
CA TYR C 122 57.84 -13.53 -44.46
C TYR C 122 56.70 -13.46 -43.44
N GLN C 123 56.12 -14.61 -43.10
CA GLN C 123 55.02 -14.64 -42.13
C GLN C 123 55.57 -14.82 -40.71
N ASN C 124 56.29 -13.81 -40.24
CA ASN C 124 56.91 -13.83 -38.91
C ASN C 124 55.96 -13.88 -37.73
N ARG C 125 54.72 -13.42 -37.91
CA ARG C 125 53.79 -13.46 -36.79
C ARG C 125 53.26 -14.85 -36.47
N ARG C 126 53.74 -15.86 -37.20
CA ARG C 126 53.35 -17.22 -36.90
C ARG C 126 54.11 -17.57 -35.63
N PHE C 127 55.01 -16.67 -35.22
CA PHE C 127 55.80 -16.87 -34.03
C PHE C 127 55.59 -15.78 -32.97
N ASP C 128 54.39 -15.20 -32.95
CA ASP C 128 54.03 -14.20 -31.95
C ASP C 128 53.68 -15.02 -30.71
N SER C 129 54.08 -14.55 -29.54
CA SER C 129 53.79 -15.27 -28.30
C SER C 129 52.29 -15.45 -28.07
N CYS C 130 51.52 -14.39 -28.30
CA CYS C 130 50.08 -14.48 -28.09
C CYS C 130 49.51 -15.60 -28.98
N PHE C 131 49.91 -15.62 -30.24
CA PHE C 131 49.44 -16.65 -31.17
C PHE C 131 49.93 -18.04 -30.77
N LEU C 132 51.19 -18.15 -30.36
CA LEU C 132 51.75 -19.44 -29.96
C LEU C 132 51.06 -20.00 -28.70
N THR C 133 50.66 -19.12 -27.80
CA THR C 133 49.99 -19.53 -26.57
C THR C 133 48.65 -20.16 -26.90
N ALA C 134 47.92 -19.53 -27.82
CA ALA C 134 46.60 -20.03 -28.22
C ALA C 134 46.78 -21.35 -28.97
N LYS C 135 47.85 -21.41 -29.77
CA LYS C 135 48.17 -22.59 -30.55
C LYS C 135 48.43 -23.74 -29.57
N LYS C 136 49.19 -23.44 -28.51
CA LYS C 136 49.49 -24.41 -27.48
C LYS C 136 48.19 -24.88 -26.82
N ALA C 137 47.37 -23.92 -26.39
CA ALA C 137 46.09 -24.23 -25.76
C ALA C 137 45.25 -25.16 -26.65
N ILE C 138 45.24 -24.87 -27.94
CA ILE C 138 44.48 -25.67 -28.89
C ILE C 138 45.01 -27.10 -29.00
N GLU C 139 46.33 -27.21 -29.09
CA GLU C 139 46.97 -28.51 -29.23
C GLU C 139 46.95 -29.32 -27.94
N SER C 140 46.76 -28.65 -26.80
CA SER C 140 46.74 -29.34 -25.53
C SER C 140 45.53 -30.25 -25.42
N GLY C 141 44.59 -30.08 -26.34
CA GLY C 141 43.40 -30.91 -26.34
C GLY C 141 42.46 -30.62 -25.18
N LYS C 142 42.91 -29.80 -24.24
CA LYS C 142 42.11 -29.47 -23.06
C LYS C 142 40.75 -28.84 -23.39
N LEU C 143 40.63 -28.20 -24.54
CA LEU C 143 39.37 -27.57 -24.92
C LEU C 143 38.44 -28.45 -25.75
N GLY C 144 38.88 -29.67 -26.06
CA GLY C 144 38.06 -30.56 -26.85
C GLY C 144 37.98 -30.04 -28.27
N GLU C 145 36.98 -30.50 -29.03
CA GLU C 145 36.81 -30.06 -30.41
C GLU C 145 36.61 -28.55 -30.47
N ILE C 146 37.41 -27.86 -31.29
CA ILE C 146 37.31 -26.41 -31.43
C ILE C 146 36.10 -26.00 -32.27
N VAL C 147 35.29 -25.07 -31.75
CA VAL C 147 34.13 -24.61 -32.49
C VAL C 147 34.26 -23.14 -32.91
N GLU C 148 35.12 -22.37 -32.26
CA GLU C 148 35.30 -20.99 -32.66
C GLU C 148 36.62 -20.39 -32.21
N VAL C 149 37.18 -19.53 -33.07
CA VAL C 149 38.43 -18.84 -32.78
C VAL C 149 38.22 -17.38 -33.19
N GLU C 150 38.65 -16.45 -32.35
CA GLU C 150 38.49 -15.03 -32.65
C GLU C 150 39.80 -14.30 -32.43
N SER C 151 40.27 -13.60 -33.44
CA SER C 151 41.53 -12.86 -33.36
C SER C 151 41.29 -11.38 -33.62
N HIS C 152 41.86 -10.53 -32.77
CA HIS C 152 41.71 -9.07 -32.87
C HIS C 152 43.04 -8.35 -33.01
N PHE C 153 43.07 -7.30 -33.83
CA PHE C 153 44.27 -6.48 -33.99
C PHE C 153 43.69 -5.08 -34.12
N ASP C 154 43.51 -4.42 -32.99
CA ASP C 154 42.87 -3.11 -32.99
C ASP C 154 43.73 -1.96 -32.48
N TYR C 155 43.21 -0.75 -32.68
CA TYR C 155 43.85 0.48 -32.21
C TYR C 155 42.73 1.45 -31.92
N TYR C 156 43.09 2.55 -31.27
CA TYR C 156 42.15 3.63 -31.09
C TYR C 156 42.93 4.81 -31.66
N ARG C 157 42.68 5.11 -32.94
CA ARG C 157 43.34 6.20 -33.68
C ARG C 157 42.25 6.82 -34.57
N PRO C 158 41.39 7.66 -33.98
CA PRO C 158 40.27 8.32 -34.65
C PRO C 158 40.57 9.29 -35.79
N VAL C 159 41.73 9.94 -35.74
CA VAL C 159 42.09 10.90 -36.77
C VAL C 159 42.74 10.26 -37.99
N ALA C 160 42.11 10.42 -39.15
CA ALA C 160 42.64 9.90 -40.39
C ALA C 160 42.59 10.98 -41.45
N GLU C 161 43.74 11.57 -41.78
CA GLU C 161 43.76 12.62 -42.80
C GLU C 161 43.36 11.96 -44.10
N THR C 162 42.94 12.75 -45.08
CA THR C 162 42.52 12.19 -46.36
C THR C 162 43.71 11.72 -47.20
N LYS C 163 43.73 10.42 -47.48
CA LYS C 163 44.78 9.79 -48.27
C LYS C 163 44.17 8.71 -49.16
N PRO C 164 43.74 9.08 -50.38
CA PRO C 164 43.15 8.10 -51.29
C PRO C 164 44.13 6.99 -51.64
N GLY C 165 43.62 5.77 -51.78
CA GLY C 165 44.47 4.64 -52.12
C GLY C 165 43.68 3.50 -52.74
N LEU C 166 44.31 2.33 -52.83
CA LEU C 166 43.65 1.15 -53.40
C LEU C 166 43.39 0.12 -52.29
N PRO C 167 42.68 -0.97 -52.61
CA PRO C 167 42.40 -2.02 -51.63
C PRO C 167 43.67 -2.40 -50.88
N GLN C 168 44.76 -2.56 -51.61
CA GLN C 168 46.04 -2.94 -51.03
C GLN C 168 46.58 -1.97 -49.97
N ASP C 169 46.05 -0.74 -49.93
CA ASP C 169 46.51 0.24 -48.95
C ASP C 169 45.62 0.25 -47.72
N GLY C 170 44.64 -0.64 -47.71
CA GLY C 170 43.69 -0.70 -46.61
C GLY C 170 44.09 -1.66 -45.50
N ALA C 171 43.29 -1.65 -44.44
CA ALA C 171 43.54 -2.48 -43.26
C ALA C 171 43.41 -3.99 -43.51
N PHE C 172 42.44 -4.38 -44.34
CA PHE C 172 42.25 -5.80 -44.60
C PHE C 172 43.54 -6.36 -45.18
N TYR C 173 44.08 -5.66 -46.17
CA TYR C 173 45.33 -6.10 -46.80
C TYR C 173 46.53 -5.90 -45.87
N GLY C 174 46.56 -4.77 -45.17
CA GLY C 174 47.67 -4.47 -44.29
C GLY C 174 47.84 -5.30 -43.03
N LEU C 175 46.73 -5.61 -42.36
CA LEU C 175 46.75 -6.40 -41.12
C LEU C 175 46.15 -7.79 -41.33
N GLY C 176 45.14 -7.86 -42.19
CA GLY C 176 44.50 -9.12 -42.46
C GLY C 176 45.46 -10.15 -43.03
N VAL C 177 46.47 -9.69 -43.76
CA VAL C 177 47.44 -10.59 -44.35
C VAL C 177 48.07 -11.49 -43.28
N HIS C 178 48.44 -10.89 -42.15
CA HIS C 178 49.06 -11.62 -41.05
C HIS C 178 48.08 -12.41 -40.18
N THR C 179 47.00 -11.78 -39.76
CA THR C 179 46.03 -12.46 -38.90
C THR C 179 45.33 -13.62 -39.60
N MSE C 180 45.05 -13.47 -40.89
CA MSE C 180 44.42 -14.56 -41.61
C MSE C 180 45.41 -15.70 -41.85
O MSE C 180 45.03 -16.86 -41.89
CB MSE C 180 43.83 -14.09 -42.94
CG MSE C 180 42.56 -13.29 -42.80
SE MSE C 180 41.40 -13.49 -44.33
CE MSE C 180 42.61 -12.80 -45.69
N ASP C 181 46.68 -15.34 -42.00
CA ASP C 181 47.70 -16.36 -42.22
C ASP C 181 47.75 -17.27 -41.00
N GLN C 182 47.74 -16.68 -39.80
CA GLN C 182 47.78 -17.46 -38.57
C GLN C 182 46.65 -18.48 -38.58
N ILE C 183 45.44 -18.03 -38.91
CA ILE C 183 44.28 -18.91 -38.94
C ILE C 183 44.44 -19.98 -40.02
N ILE C 184 44.92 -19.58 -41.19
CA ILE C 184 45.12 -20.52 -42.27
C ILE C 184 46.21 -21.55 -41.91
N SER C 185 47.21 -21.12 -41.15
CA SER C 185 48.28 -22.03 -40.75
C SER C 185 47.76 -23.10 -39.80
N LEU C 186 46.70 -22.77 -39.07
CA LEU C 186 46.11 -23.70 -38.11
C LEU C 186 45.04 -24.60 -38.71
N PHE C 187 44.20 -24.04 -39.59
CA PHE C 187 43.10 -24.82 -40.15
C PHE C 187 43.08 -25.07 -41.64
N GLY C 188 43.96 -24.42 -42.40
CA GLY C 188 43.96 -24.65 -43.84
C GLY C 188 43.02 -23.76 -44.63
N ARG C 189 42.49 -24.31 -45.74
CA ARG C 189 41.59 -23.60 -46.63
C ARG C 189 40.11 -23.76 -46.21
N PRO C 190 39.43 -22.63 -45.94
CA PRO C 190 38.01 -22.64 -45.53
C PRO C 190 37.04 -22.90 -46.67
N ASP C 191 35.82 -23.29 -46.33
CA ASP C 191 34.78 -23.55 -47.33
C ASP C 191 34.08 -22.26 -47.75
N HIS C 192 33.87 -21.37 -46.80
CA HIS C 192 33.22 -20.09 -47.05
C HIS C 192 33.91 -18.99 -46.24
N VAL C 193 33.72 -17.75 -46.67
CA VAL C 193 34.26 -16.59 -45.99
C VAL C 193 33.20 -15.50 -46.05
N ALA C 194 32.94 -14.85 -44.91
CA ALA C 194 31.99 -13.77 -44.84
C ALA C 194 32.80 -12.48 -44.63
N TYR C 195 32.53 -11.46 -45.43
CA TYR C 195 33.26 -10.20 -45.33
C TYR C 195 32.47 -9.01 -44.85
N ASP C 196 33.14 -8.20 -44.05
CA ASP C 196 32.59 -6.92 -43.58
C ASP C 196 33.81 -6.00 -43.69
N ILE C 197 33.80 -5.13 -44.69
CA ILE C 197 34.91 -4.21 -44.92
C ILE C 197 34.33 -2.81 -44.96
N ARG C 198 34.80 -1.93 -44.08
CA ARG C 198 34.28 -0.57 -44.05
C ARG C 198 35.36 0.49 -43.86
N SER C 199 35.04 1.71 -44.25
CA SER C 199 35.94 2.87 -44.10
C SER C 199 35.16 3.78 -43.15
N LEU C 200 35.57 3.77 -41.88
CA LEU C 200 34.86 4.53 -40.85
C LEU C 200 35.39 5.92 -40.51
N ARG C 201 36.68 6.05 -40.35
CA ARG C 201 37.26 7.34 -39.99
C ARG C 201 37.19 8.40 -41.07
N ASN C 202 37.45 7.97 -42.31
CA ASN C 202 37.44 8.90 -43.43
C ASN C 202 36.98 8.20 -44.69
N LYS C 203 35.75 8.48 -45.10
CA LYS C 203 35.14 7.86 -46.28
C LYS C 203 35.90 8.00 -47.60
N ALA C 204 36.88 8.89 -47.64
CA ALA C 204 37.68 9.08 -48.84
C ALA C 204 38.80 8.04 -48.87
N ASN C 205 39.07 7.43 -47.71
CA ASN C 205 40.15 6.44 -47.57
C ASN C 205 39.81 4.96 -47.73
N PRO C 206 40.83 4.13 -48.01
CA PRO C 206 40.59 2.70 -48.15
C PRO C 206 40.11 2.19 -46.80
N ASP C 207 39.54 0.99 -46.77
CA ASP C 207 39.02 0.39 -45.54
C ASP C 207 39.99 0.51 -44.36
N ASP C 208 39.46 0.77 -43.16
CA ASP C 208 40.27 0.85 -41.95
C ASP C 208 39.66 -0.07 -40.90
N THR C 209 38.60 -0.77 -41.32
CA THR C 209 37.86 -1.65 -40.42
C THR C 209 37.46 -2.88 -41.19
N PHE C 210 37.56 -4.05 -40.57
CA PHE C 210 37.16 -5.27 -41.26
C PHE C 210 36.96 -6.48 -40.36
N GLU C 211 36.10 -7.37 -40.82
CA GLU C 211 35.83 -8.64 -40.15
C GLU C 211 35.64 -9.70 -41.21
N ALA C 212 36.50 -10.71 -41.17
CA ALA C 212 36.44 -11.82 -42.10
C ALA C 212 36.16 -13.07 -41.27
N GLN C 213 35.12 -13.80 -41.63
CA GLN C 213 34.76 -15.01 -40.93
C GLN C 213 35.08 -16.17 -41.88
N LEU C 214 35.98 -17.05 -41.45
CA LEU C 214 36.39 -18.20 -42.26
C LEU C 214 35.72 -19.46 -41.72
N PHE C 215 34.91 -20.11 -42.55
CA PHE C 215 34.21 -21.31 -42.14
C PHE C 215 34.90 -22.61 -42.56
N TYR C 216 35.17 -23.47 -41.57
CA TYR C 216 35.80 -24.76 -41.80
C TYR C 216 34.80 -25.80 -41.30
N GLY C 217 33.90 -26.23 -42.17
CA GLY C 217 32.90 -27.17 -41.72
C GLY C 217 32.05 -26.43 -40.70
N ASP C 218 32.03 -26.88 -39.46
CA ASP C 218 31.26 -26.23 -38.40
C ASP C 218 32.08 -25.25 -37.57
N LEU C 219 33.39 -25.34 -37.71
CA LEU C 219 34.29 -24.45 -36.97
C LEU C 219 34.31 -23.09 -37.64
N LYS C 220 34.25 -22.03 -36.83
CA LYS C 220 34.30 -20.68 -37.37
C LYS C 220 35.43 -19.86 -36.75
N ALA C 221 36.28 -19.31 -37.61
CA ALA C 221 37.38 -18.49 -37.16
C ALA C 221 37.09 -17.05 -37.59
N ILE C 222 37.14 -16.12 -36.63
CA ILE C 222 36.88 -14.72 -36.92
C ILE C 222 38.17 -13.92 -36.82
N VAL C 223 38.38 -13.04 -37.80
CA VAL C 223 39.56 -12.21 -37.80
C VAL C 223 39.06 -10.77 -37.96
N LYS C 224 39.50 -9.87 -37.08
CA LYS C 224 39.03 -8.50 -37.23
C LYS C 224 39.91 -7.41 -36.65
N THR C 225 39.78 -6.22 -37.25
CA THR C 225 40.54 -5.08 -36.84
C THR C 225 39.75 -3.81 -37.06
N SER C 226 39.97 -2.85 -36.17
CA SER C 226 39.30 -1.56 -36.24
C SER C 226 40.26 -0.53 -35.68
N HIS C 227 40.13 0.72 -36.11
CA HIS C 227 40.97 1.80 -35.59
C HIS C 227 40.17 2.58 -34.58
N LEU C 228 38.99 2.06 -34.24
CA LEU C 228 38.11 2.75 -33.31
C LEU C 228 37.69 1.91 -32.11
N VAL C 229 38.67 1.35 -31.40
CA VAL C 229 38.39 0.53 -30.24
C VAL C 229 39.09 1.15 -29.02
N LYS C 230 38.33 1.83 -28.18
CA LYS C 230 38.89 2.49 -27.00
C LYS C 230 39.23 1.48 -25.91
N ILE C 231 38.37 0.49 -25.73
CA ILE C 231 38.59 -0.57 -24.73
C ILE C 231 38.83 -1.84 -25.52
N ASP C 232 40.04 -2.38 -25.39
CA ASP C 232 40.42 -3.57 -26.13
C ASP C 232 39.67 -4.85 -25.83
N TYR C 233 39.63 -5.69 -26.86
CA TYR C 233 39.02 -7.01 -26.78
C TYR C 233 40.23 -7.90 -26.46
N PRO C 234 39.98 -9.20 -26.22
CA PRO C 234 41.07 -10.12 -25.93
C PRO C 234 41.81 -10.27 -27.28
N LYS C 235 43.10 -10.57 -27.24
CA LYS C 235 43.88 -10.76 -28.47
C LYS C 235 43.40 -12.03 -29.19
N PHE C 236 43.17 -13.09 -28.42
CA PHE C 236 42.70 -14.36 -28.96
C PHE C 236 41.66 -14.97 -28.03
N ILE C 237 40.64 -15.57 -28.64
CA ILE C 237 39.59 -16.24 -27.89
C ILE C 237 39.40 -17.58 -28.58
N VAL C 238 39.47 -18.68 -27.83
CA VAL C 238 39.26 -19.99 -28.43
C VAL C 238 38.22 -20.74 -27.60
N HIS C 239 37.17 -21.23 -28.27
CA HIS C 239 36.12 -21.97 -27.57
C HIS C 239 36.06 -23.39 -28.12
N GLY C 240 35.97 -24.36 -27.21
CA GLY C 240 35.87 -25.76 -27.60
C GLY C 240 34.72 -26.38 -26.85
N LYS C 241 34.36 -27.61 -27.20
CA LYS C 241 33.27 -28.27 -26.52
C LYS C 241 33.54 -28.55 -25.05
N LYS C 242 34.81 -28.51 -24.66
CA LYS C 242 35.19 -28.78 -23.27
C LYS C 242 35.72 -27.59 -22.49
N GLY C 243 35.88 -26.44 -23.14
CA GLY C 243 36.41 -25.28 -22.43
C GLY C 243 36.71 -24.07 -23.28
N SER C 244 37.30 -23.05 -22.66
CA SER C 244 37.64 -21.81 -23.35
C SER C 244 39.05 -21.32 -23.05
N PHE C 245 39.61 -20.57 -24.00
CA PHE C 245 40.93 -19.97 -23.87
C PHE C 245 40.74 -18.49 -24.18
N ILE C 246 41.30 -17.65 -23.33
CA ILE C 246 41.22 -16.20 -23.48
C ILE C 246 42.60 -15.61 -23.24
N LYS C 247 42.99 -14.65 -24.07
CA LYS C 247 44.31 -14.04 -23.95
C LYS C 247 44.30 -12.56 -24.33
N TYR C 248 44.63 -11.71 -23.36
CA TYR C 248 44.73 -10.29 -23.60
C TYR C 248 46.20 -10.02 -23.84
N GLY C 249 46.50 -8.97 -24.58
CA GLY C 249 47.88 -8.62 -24.85
C GLY C 249 48.48 -9.31 -26.07
N ILE C 250 49.22 -8.54 -26.85
CA ILE C 250 49.84 -9.05 -28.07
C ILE C 250 51.33 -9.20 -27.81
N ASP C 251 51.99 -10.02 -28.63
CA ASP C 251 53.44 -10.26 -28.54
C ASP C 251 54.20 -8.95 -28.33
N GLN C 252 55.23 -8.98 -27.49
CA GLN C 252 56.00 -7.77 -27.20
C GLN C 252 57.36 -7.62 -27.91
N GLN C 253 57.67 -8.51 -28.85
CA GLN C 253 58.94 -8.40 -29.56
C GLN C 253 59.07 -7.02 -30.22
N GLU C 254 58.01 -6.54 -30.86
CA GLU C 254 58.06 -5.23 -31.52
C GLU C 254 58.21 -4.07 -30.52
N THR C 255 57.55 -4.16 -29.37
CA THR C 255 57.66 -3.12 -28.36
C THR C 255 59.11 -3.07 -27.85
N SER C 256 59.75 -4.24 -27.76
CA SER C 256 61.14 -4.31 -27.31
C SER C 256 62.05 -3.72 -28.37
N LEU C 257 61.88 -4.17 -29.61
CA LEU C 257 62.68 -3.68 -30.74
C LEU C 257 62.61 -2.16 -30.88
N LYS C 258 61.40 -1.59 -30.73
CA LYS C 258 61.25 -0.14 -30.85
C LYS C 258 61.97 0.59 -29.71
N ALA C 259 62.28 -0.14 -28.64
CA ALA C 259 62.96 0.43 -27.48
C ALA C 259 64.47 0.13 -27.45
N ASN C 260 64.98 -0.42 -28.54
CA ASN C 260 66.40 -0.78 -28.65
C ASN C 260 66.82 -1.97 -27.82
N ILE C 261 65.91 -2.93 -27.68
CA ILE C 261 66.21 -4.15 -26.92
C ILE C 261 66.25 -5.27 -27.95
N MSE C 262 67.45 -5.80 -28.19
CA MSE C 262 67.62 -6.85 -29.18
C MSE C 262 67.32 -8.26 -28.69
O MSE C 262 67.38 -8.56 -27.50
CB MSE C 262 69.05 -6.80 -29.73
CG MSE C 262 69.40 -5.51 -30.45
SE MSE C 262 68.13 -5.02 -31.85
CE MSE C 262 67.31 -3.50 -31.01
N PRO C 263 66.95 -9.15 -29.63
CA PRO C 263 66.62 -10.54 -29.32
C PRO C 263 67.70 -11.15 -28.44
N GLY C 264 67.29 -11.95 -27.46
CA GLY C 264 68.24 -12.59 -26.58
C GLY C 264 68.62 -11.73 -25.39
N GLU C 265 68.91 -10.46 -25.64
CA GLU C 265 69.29 -9.51 -24.59
C GLU C 265 68.26 -9.52 -23.45
N PRO C 266 68.66 -9.06 -22.25
CA PRO C 266 67.78 -9.02 -21.09
C PRO C 266 66.53 -8.15 -21.22
N GLY C 267 65.39 -8.71 -20.80
CA GLY C 267 64.13 -7.99 -20.87
C GLY C 267 63.49 -7.95 -22.24
N PHE C 268 63.89 -8.88 -23.11
CA PHE C 268 63.35 -8.92 -24.46
C PHE C 268 61.93 -9.47 -24.46
N ALA C 269 61.01 -8.70 -25.05
CA ALA C 269 59.61 -9.10 -25.13
C ALA C 269 59.04 -9.44 -23.75
N ALA C 270 59.42 -8.65 -22.75
CA ALA C 270 58.94 -8.85 -21.38
C ALA C 270 57.42 -8.74 -21.40
N ASP C 271 56.75 -9.83 -21.07
CA ASP C 271 55.29 -9.85 -21.09
C ASP C 271 54.69 -10.21 -19.73
N ASP C 272 53.80 -9.36 -19.23
CA ASP C 272 53.15 -9.59 -17.95
C ASP C 272 51.72 -10.10 -18.08
N SER C 273 51.31 -10.43 -19.31
CA SER C 273 49.96 -10.93 -19.57
C SER C 273 49.94 -12.45 -19.40
N VAL C 274 48.74 -13.01 -19.31
CA VAL C 274 48.61 -14.45 -19.15
C VAL C 274 47.46 -15.02 -19.95
N GLY C 275 47.63 -16.25 -20.42
CA GLY C 275 46.58 -16.91 -21.15
C GLY C 275 45.70 -17.65 -20.16
N VAL C 276 44.40 -17.34 -20.18
CA VAL C 276 43.45 -17.97 -19.27
C VAL C 276 42.76 -19.17 -19.90
N LEU C 277 42.76 -20.29 -19.18
CA LEU C 277 42.13 -21.50 -19.69
C LEU C 277 41.18 -22.08 -18.64
N GLU C 278 39.95 -22.35 -19.06
CA GLU C 278 38.96 -22.96 -18.17
C GLU C 278 38.28 -24.07 -18.94
N TYR C 279 38.39 -25.29 -18.43
CA TYR C 279 37.80 -26.44 -19.09
C TYR C 279 37.33 -27.48 -18.08
N VAL C 280 36.69 -28.53 -18.60
CA VAL C 280 36.19 -29.63 -17.78
C VAL C 280 37.14 -30.81 -18.00
N ASN C 281 37.89 -31.18 -16.98
CA ASN C 281 38.83 -32.29 -17.10
C ASN C 281 38.11 -33.63 -17.27
N ASP C 282 38.86 -34.70 -17.46
CA ASP C 282 38.28 -36.03 -17.66
C ASP C 282 37.45 -36.56 -16.50
N GLU C 283 37.45 -35.83 -15.38
CA GLU C 283 36.67 -36.23 -14.21
C GLU C 283 35.44 -35.34 -14.11
N GLY C 284 35.12 -34.66 -15.21
CA GLY C 284 33.96 -33.79 -15.23
C GLY C 284 34.11 -32.61 -14.31
N VAL C 285 35.35 -32.32 -13.90
CA VAL C 285 35.61 -31.21 -13.00
C VAL C 285 36.13 -29.95 -13.71
N THR C 286 35.49 -28.83 -13.43
CA THR C 286 35.87 -27.56 -14.03
C THR C 286 37.15 -27.02 -13.39
N VAL C 287 38.19 -26.88 -14.21
CA VAL C 287 39.49 -26.38 -13.76
C VAL C 287 39.89 -25.08 -14.49
N ARG C 288 40.61 -24.22 -13.78
CA ARG C 288 41.05 -22.95 -14.35
C ARG C 288 42.57 -22.82 -14.16
N GLU C 289 43.26 -22.45 -15.22
CA GLU C 289 44.71 -22.29 -15.16
C GLU C 289 45.15 -21.01 -15.86
N GLU C 290 46.27 -20.46 -15.41
CA GLU C 290 46.80 -19.27 -16.04
C GLU C 290 48.02 -19.74 -16.79
N MSE C 291 48.06 -19.47 -18.09
CA MSE C 291 49.18 -19.90 -18.92
C MSE C 291 50.25 -18.83 -19.08
O MSE C 291 49.93 -17.67 -19.38
CB MSE C 291 48.67 -20.32 -20.30
CG MSE C 291 47.82 -21.57 -20.30
SE MSE C 291 47.10 -21.94 -22.06
CE MSE C 291 48.72 -22.57 -22.93
N LYS C 292 51.49 -19.22 -18.88
CA LYS C 292 52.60 -18.30 -19.05
C LYS C 292 52.70 -18.13 -20.56
N PRO C 293 52.85 -16.88 -21.03
CA PRO C 293 52.95 -16.67 -22.47
C PRO C 293 54.13 -17.43 -23.07
N GLU C 294 53.90 -18.08 -24.21
CA GLU C 294 54.97 -18.81 -24.88
C GLU C 294 55.93 -17.77 -25.44
N MSE C 295 57.23 -18.05 -25.41
CA MSE C 295 58.19 -17.09 -25.93
C MSE C 295 58.03 -16.94 -27.44
O MSE C 295 57.89 -17.92 -28.15
CB MSE C 295 59.61 -17.51 -25.60
CG MSE C 295 60.65 -16.50 -26.07
SE MSE C 295 62.47 -17.05 -25.66
CE MSE C 295 62.83 -18.13 -27.24
N GLY C 296 58.04 -15.70 -27.91
CA GLY C 296 57.92 -15.46 -29.33
C GLY C 296 59.28 -15.23 -29.95
N ASP C 297 59.50 -15.77 -31.15
CA ASP C 297 60.78 -15.61 -31.82
C ASP C 297 60.63 -15.59 -33.34
N TYR C 298 60.67 -14.38 -33.89
CA TYR C 298 60.55 -14.20 -35.33
C TYR C 298 61.68 -14.89 -36.07
N GLY C 299 62.81 -15.06 -35.37
CA GLY C 299 63.95 -15.74 -35.98
C GLY C 299 63.64 -17.16 -36.39
N ARG C 300 62.55 -17.72 -35.87
CA ARG C 300 62.20 -19.08 -36.22
C ARG C 300 61.85 -19.24 -37.70
N VAL C 301 61.74 -18.12 -38.42
CA VAL C 301 61.47 -18.21 -39.85
C VAL C 301 62.79 -18.68 -40.48
N TYR C 302 63.89 -18.09 -40.03
CA TYR C 302 65.19 -18.47 -40.55
C TYR C 302 65.59 -19.90 -40.16
N ASP C 303 65.18 -20.35 -38.98
CA ASP C 303 65.51 -21.71 -38.58
C ASP C 303 64.79 -22.65 -39.54
N ALA C 304 63.56 -22.31 -39.89
CA ALA C 304 62.77 -23.11 -40.81
C ALA C 304 63.41 -23.12 -42.19
N LEU C 305 63.85 -21.95 -42.64
CA LEU C 305 64.47 -21.83 -43.95
C LEU C 305 65.77 -22.63 -44.04
N TYR C 306 66.52 -22.68 -42.95
CA TYR C 306 67.77 -23.44 -42.92
C TYR C 306 67.49 -24.90 -43.23
N GLN C 307 66.49 -25.48 -42.57
CA GLN C 307 66.12 -26.87 -42.77
C GLN C 307 65.68 -27.11 -44.21
N THR C 308 64.82 -26.21 -44.72
CA THR C 308 64.34 -26.34 -46.08
C THR C 308 65.49 -26.31 -47.09
N ILE C 309 66.44 -25.41 -46.88
CA ILE C 309 67.58 -25.31 -47.81
C ILE C 309 68.65 -26.38 -47.57
N THR C 310 69.03 -26.56 -46.31
CA THR C 310 70.06 -27.52 -45.95
C THR C 310 69.60 -28.98 -46.01
N HIS C 311 68.34 -29.25 -45.68
CA HIS C 311 67.86 -30.63 -45.69
C HIS C 311 66.66 -30.91 -46.58
N GLY C 312 66.09 -29.88 -47.18
CA GLY C 312 64.94 -30.08 -48.05
C GLY C 312 63.64 -30.26 -47.29
N ALA C 313 63.58 -29.73 -46.07
CA ALA C 313 62.36 -29.83 -45.27
C ALA C 313 61.30 -28.96 -45.94
N PRO C 314 60.02 -29.36 -45.85
CA PRO C 314 58.98 -28.54 -46.49
C PRO C 314 59.03 -27.13 -45.91
N ASN C 315 58.77 -26.12 -46.74
CA ASN C 315 58.80 -24.74 -46.28
C ASN C 315 57.78 -24.51 -45.17
N TYR C 316 58.11 -23.63 -44.22
CA TYR C 316 57.20 -23.36 -43.11
C TYR C 316 55.86 -22.80 -43.58
N VAL C 317 55.84 -22.24 -44.80
CA VAL C 317 54.62 -21.70 -45.38
C VAL C 317 54.33 -22.45 -46.69
N LYS C 318 53.23 -23.21 -46.71
CA LYS C 318 52.88 -23.96 -47.91
C LYS C 318 52.36 -23.02 -48.99
N GLU C 319 52.65 -23.37 -50.25
CA GLU C 319 52.23 -22.56 -51.38
C GLU C 319 50.72 -22.33 -51.37
N SER C 320 49.98 -23.37 -51.02
CA SER C 320 48.53 -23.31 -50.99
C SER C 320 48.03 -22.29 -49.96
N GLU C 321 48.72 -22.20 -48.83
CA GLU C 321 48.34 -21.26 -47.78
C GLU C 321 48.48 -19.82 -48.27
N VAL C 322 49.51 -19.56 -49.07
CA VAL C 322 49.75 -18.22 -49.61
C VAL C 322 48.68 -17.88 -50.66
N LEU C 323 48.39 -18.83 -51.54
CA LEU C 323 47.40 -18.63 -52.59
C LEU C 323 46.00 -18.46 -51.98
N THR C 324 45.70 -19.23 -50.95
CA THR C 324 44.41 -19.12 -50.28
C THR C 324 44.21 -17.72 -49.70
N ASN C 325 45.23 -17.25 -48.97
CA ASN C 325 45.21 -15.94 -48.34
C ASN C 325 44.95 -14.83 -49.35
N LEU C 326 45.71 -14.85 -50.45
CA LEU C 326 45.57 -13.85 -51.50
C LEU C 326 44.22 -13.95 -52.17
N GLU C 327 43.74 -15.17 -52.39
CA GLU C 327 42.43 -15.33 -53.02
C GLU C 327 41.34 -14.74 -52.12
N ILE C 328 41.44 -15.05 -50.82
CA ILE C 328 40.48 -14.57 -49.83
C ILE C 328 40.47 -13.05 -49.76
N LEU C 329 41.65 -12.43 -49.76
CA LEU C 329 41.74 -10.97 -49.72
C LEU C 329 41.10 -10.36 -50.96
N GLU C 330 41.45 -10.88 -52.15
CA GLU C 330 40.89 -10.33 -53.39
C GLU C 330 39.38 -10.54 -53.52
N ARG C 331 38.90 -11.70 -53.11
CA ARG C 331 37.46 -11.95 -53.25
C ARG C 331 36.64 -11.09 -52.29
N GLY C 332 37.31 -10.48 -51.32
CA GLY C 332 36.60 -9.61 -50.39
C GLY C 332 36.15 -8.35 -51.10
N PHE C 333 36.68 -8.13 -52.30
CA PHE C 333 36.32 -6.94 -53.07
C PHE C 333 35.51 -7.26 -54.32
N GLU C 334 35.11 -8.52 -54.43
CA GLU C 334 34.31 -9.00 -55.54
C GLU C 334 32.99 -8.25 -55.63
N GLN C 335 32.38 -8.02 -54.47
CA GLN C 335 31.11 -7.31 -54.41
C GLN C 335 31.14 -6.35 -53.24
N ALA C 336 30.21 -5.40 -53.23
CA ALA C 336 30.15 -4.43 -52.15
C ALA C 336 29.92 -5.17 -50.84
N SER C 337 30.58 -4.70 -49.77
CA SER C 337 30.46 -5.30 -48.45
C SER C 337 29.14 -4.88 -47.80
N PRO C 338 28.53 -5.78 -47.01
CA PRO C 338 28.96 -7.14 -46.65
C PRO C 338 28.60 -8.18 -47.70
N SER C 339 29.38 -9.25 -47.75
CA SER C 339 29.11 -10.32 -48.70
C SER C 339 29.68 -11.61 -48.15
N THR C 340 29.27 -12.73 -48.74
CA THR C 340 29.73 -14.05 -48.33
C THR C 340 30.05 -14.80 -49.62
N VAL C 341 31.14 -15.54 -49.62
CA VAL C 341 31.53 -16.30 -50.81
C VAL C 341 31.87 -17.72 -50.42
N THR C 342 31.78 -18.62 -51.39
CA THR C 342 32.12 -20.01 -51.17
C THR C 342 33.44 -20.22 -51.91
N LEU C 343 34.45 -20.66 -51.19
CA LEU C 343 35.76 -20.86 -51.79
C LEU C 343 35.90 -22.21 -52.48
N ALA C 344 36.54 -22.19 -53.64
CA ALA C 344 36.80 -23.42 -54.38
C ALA C 344 38.18 -23.86 -53.93
N LYS C 345 39.14 -22.93 -54.00
CA LYS C 345 40.52 -23.18 -53.60
C LYS C 345 40.83 -22.35 -52.35
N VAL D 2 2.98 12.34 -10.00
CA VAL D 2 4.35 12.36 -9.41
C VAL D 2 5.18 13.51 -9.96
N ILE D 3 5.70 14.35 -9.07
CA ILE D 3 6.52 15.50 -9.43
C ILE D 3 7.99 15.20 -9.19
N ASN D 4 8.83 15.44 -10.20
CA ASN D 4 10.26 15.21 -10.07
C ASN D 4 10.90 16.45 -9.47
N CYS D 5 11.76 16.25 -8.47
CA CYS D 5 12.42 17.37 -7.83
C CYS D 5 13.91 17.10 -7.75
N ALA D 6 14.66 18.14 -7.41
CA ALA D 6 16.10 18.01 -7.29
C ALA D 6 16.56 18.85 -6.12
N PHE D 7 17.67 18.46 -5.51
CA PHE D 7 18.20 19.20 -4.39
C PHE D 7 19.56 19.78 -4.73
N ILE D 8 19.78 21.02 -4.30
CA ILE D 8 21.06 21.67 -4.48
C ILE D 8 21.71 21.61 -3.10
N GLY D 9 22.68 20.72 -2.95
CA GLY D 9 23.36 20.56 -1.68
C GLY D 9 23.02 19.21 -1.08
N PHE D 10 24.01 18.53 -0.50
CA PHE D 10 23.76 17.23 0.10
C PHE D 10 24.36 17.18 1.49
N GLY D 11 24.19 18.27 2.24
CA GLY D 11 24.68 18.35 3.61
C GLY D 11 23.64 17.81 4.57
N LYS D 12 23.85 18.01 5.86
CA LYS D 12 22.91 17.52 6.88
C LYS D 12 21.48 18.06 6.79
N SER D 13 21.29 19.28 6.32
CA SER D 13 19.94 19.81 6.21
C SER D 13 19.14 19.00 5.19
N THR D 14 19.79 18.62 4.09
CA THR D 14 19.13 17.82 3.04
C THR D 14 18.77 16.41 3.54
N THR D 15 19.73 15.71 4.13
CA THR D 15 19.51 14.35 4.62
C THR D 15 18.66 14.24 5.89
N ARG D 16 18.65 15.30 6.70
CA ARG D 16 17.88 15.26 7.94
C ARG D 16 16.50 15.92 7.90
N TYR D 17 16.39 17.08 7.25
CA TYR D 17 15.11 17.78 7.24
C TYR D 17 14.26 17.73 5.97
N HIS D 18 14.81 17.25 4.87
CA HIS D 18 14.05 17.19 3.64
C HIS D 18 13.80 15.78 3.14
N LEU D 19 14.86 15.11 2.71
CA LEU D 19 14.74 13.75 2.20
C LEU D 19 13.88 12.80 3.01
N PRO D 20 14.06 12.77 4.35
CA PRO D 20 13.26 11.88 5.20
C PRO D 20 11.75 12.02 4.95
N TYR D 21 11.34 13.24 4.62
CA TYR D 21 9.93 13.53 4.36
C TYR D 21 9.56 13.28 2.90
N VAL D 22 10.45 13.67 1.99
CA VAL D 22 10.20 13.49 0.57
C VAL D 22 10.26 12.01 0.16
N LEU D 23 11.20 11.27 0.75
CA LEU D 23 11.29 9.84 0.43
C LEU D 23 10.11 9.05 0.99
N ASN D 24 9.32 9.67 1.86
CA ASN D 24 8.15 8.98 2.42
C ASN D 24 6.90 9.34 1.61
N ARG D 25 7.10 10.03 0.49
CA ARG D 25 6.00 10.45 -0.40
C ARG D 25 6.31 10.09 -1.86
N LYS D 26 6.88 8.91 -2.09
CA LYS D 26 7.23 8.50 -3.45
C LYS D 26 6.07 8.44 -4.41
N ASP D 27 4.86 8.33 -3.87
CA ASP D 27 3.68 8.28 -4.73
C ASP D 27 3.34 9.69 -5.19
N SER D 28 4.11 10.66 -4.72
CA SER D 28 3.87 12.06 -5.06
C SER D 28 5.11 12.80 -5.56
N TRP D 29 6.27 12.40 -5.06
CA TRP D 29 7.52 13.04 -5.47
C TRP D 29 8.60 12.05 -5.85
N HIS D 30 9.45 12.48 -6.77
CA HIS D 30 10.57 11.67 -7.21
C HIS D 30 11.80 12.54 -7.20
N VAL D 31 12.82 12.12 -6.47
CA VAL D 31 14.06 12.89 -6.44
C VAL D 31 14.90 12.42 -7.62
N ALA D 32 14.90 13.20 -8.69
CA ALA D 32 15.65 12.86 -9.90
C ALA D 32 17.14 13.14 -9.77
N HIS D 33 17.48 14.32 -9.23
CA HIS D 33 18.88 14.70 -9.06
C HIS D 33 19.16 15.34 -7.71
N ILE D 34 20.43 15.26 -7.30
CA ILE D 34 20.91 15.89 -6.08
C ILE D 34 22.29 16.42 -6.46
N PHE D 35 22.42 17.75 -6.46
CA PHE D 35 23.68 18.40 -6.80
C PHE D 35 24.55 18.61 -5.56
N ARG D 36 25.85 18.35 -5.72
CA ARG D 36 26.81 18.52 -4.63
C ARG D 36 28.17 18.90 -5.25
N ARG D 37 28.85 19.87 -4.66
CA ARG D 37 30.15 20.29 -5.17
C ARG D 37 31.18 19.19 -4.97
N HIS D 38 31.13 18.52 -3.83
CA HIS D 38 32.05 17.43 -3.54
C HIS D 38 31.20 16.21 -3.19
N ALA D 39 31.57 15.06 -3.72
CA ALA D 39 30.84 13.83 -3.44
C ALA D 39 30.92 13.50 -1.96
N LYS D 40 29.87 12.88 -1.43
CA LYS D 40 29.84 12.51 -0.02
C LYS D 40 29.61 11.02 0.23
N PRO D 41 30.19 10.50 1.32
CA PRO D 41 30.09 9.09 1.72
C PRO D 41 28.66 8.61 1.83
N GLU D 42 27.78 9.48 2.31
CA GLU D 42 26.38 9.12 2.49
C GLU D 42 25.70 8.74 1.17
N GLU D 43 26.27 9.14 0.04
CA GLU D 43 25.67 8.81 -1.26
C GLU D 43 25.53 7.31 -1.45
N GLN D 44 26.29 6.53 -0.70
CA GLN D 44 26.23 5.07 -0.82
C GLN D 44 25.20 4.41 0.09
N ALA D 45 24.33 5.21 0.70
CA ALA D 45 23.30 4.64 1.57
C ALA D 45 22.25 3.98 0.67
N PRO D 46 21.81 2.77 1.02
CA PRO D 46 20.81 2.08 0.19
C PRO D 46 19.58 2.92 -0.13
N ILE D 47 19.10 3.69 0.84
CA ILE D 47 17.92 4.51 0.62
C ILE D 47 18.06 5.56 -0.47
N TYR D 48 19.31 5.85 -0.88
CA TYR D 48 19.54 6.85 -1.92
C TYR D 48 19.87 6.20 -3.26
N SER D 49 19.89 4.87 -3.30
CA SER D 49 20.23 4.12 -4.51
C SER D 49 19.61 4.59 -5.81
N HIS D 50 18.36 5.04 -5.77
CA HIS D 50 17.64 5.50 -6.95
C HIS D 50 17.92 6.95 -7.35
N ILE D 51 18.77 7.64 -6.60
CA ILE D 51 19.05 9.06 -6.88
C ILE D 51 20.31 9.33 -7.69
N HIS D 52 20.21 10.27 -8.62
CA HIS D 52 21.34 10.63 -9.46
C HIS D 52 22.07 11.82 -8.87
N PHE D 53 23.26 11.57 -8.34
CA PHE D 53 24.09 12.63 -7.76
C PHE D 53 25.01 13.15 -8.85
N THR D 54 25.32 14.44 -8.78
CA THR D 54 26.19 15.06 -9.76
C THR D 54 26.83 16.30 -9.22
N SER D 55 27.90 16.74 -9.89
CA SER D 55 28.61 17.95 -9.50
C SER D 55 28.48 18.96 -10.64
N ASP D 56 27.60 18.65 -11.58
CA ASP D 56 27.34 19.52 -12.71
C ASP D 56 25.90 20.01 -12.60
N LEU D 57 25.74 21.25 -12.17
CA LEU D 57 24.43 21.86 -11.98
C LEU D 57 23.56 21.85 -13.23
N ASP D 58 24.16 22.16 -14.37
CA ASP D 58 23.42 22.21 -15.61
C ASP D 58 22.62 20.94 -15.90
N GLU D 59 23.17 19.77 -15.64
CA GLU D 59 22.44 18.53 -15.88
C GLU D 59 21.08 18.60 -15.18
N VAL D 60 21.08 19.23 -14.01
CA VAL D 60 19.85 19.38 -13.22
C VAL D 60 18.88 20.40 -13.82
N LEU D 61 19.33 21.64 -13.90
CA LEU D 61 18.50 22.73 -14.43
C LEU D 61 18.05 22.49 -15.87
N ASN D 62 18.78 21.64 -16.59
CA ASN D 62 18.45 21.33 -17.97
C ASN D 62 17.49 20.15 -18.12
N ASP D 63 17.22 19.45 -17.01
CA ASP D 63 16.32 18.32 -17.09
C ASP D 63 14.90 18.83 -17.30
N PRO D 64 14.23 18.35 -18.35
CA PRO D 64 12.87 18.74 -18.73
C PRO D 64 11.79 18.33 -17.72
N ASP D 65 12.00 17.21 -17.05
CA ASP D 65 11.01 16.69 -16.11
C ASP D 65 11.04 17.27 -14.69
N VAL D 66 12.10 17.96 -14.34
CA VAL D 66 12.21 18.55 -13.00
C VAL D 66 11.32 19.79 -12.90
N LYS D 67 10.54 19.88 -11.82
CA LYS D 67 9.64 21.03 -11.63
C LYS D 67 9.97 21.81 -10.38
N LEU D 68 10.68 21.18 -9.45
CA LEU D 68 11.04 21.82 -8.20
C LEU D 68 12.50 21.63 -7.83
N VAL D 69 13.17 22.75 -7.57
CA VAL D 69 14.58 22.76 -7.15
C VAL D 69 14.60 23.21 -5.69
N VAL D 70 15.24 22.44 -4.82
CA VAL D 70 15.30 22.83 -3.41
C VAL D 70 16.74 23.20 -3.06
N VAL D 71 16.95 24.45 -2.66
CA VAL D 71 18.28 24.95 -2.32
C VAL D 71 18.64 24.77 -0.84
N CYS D 72 19.59 23.87 -0.58
CA CYS D 72 20.01 23.57 0.79
C CYS D 72 21.51 23.73 1.03
N THR D 73 22.13 24.67 0.32
CA THR D 73 23.55 24.92 0.47
C THR D 73 23.79 26.01 1.51
N HIS D 74 24.97 26.60 1.49
CA HIS D 74 25.32 27.67 2.43
C HIS D 74 24.47 28.91 2.16
N ALA D 75 24.18 29.66 3.21
CA ALA D 75 23.36 30.87 3.11
C ALA D 75 23.87 31.84 2.04
N ASP D 76 25.19 31.99 1.94
CA ASP D 76 25.80 32.90 0.98
C ASP D 76 25.50 32.61 -0.48
N SER D 77 25.15 31.38 -0.79
CA SER D 77 24.87 31.00 -2.17
C SER D 77 23.40 30.84 -2.52
N HIS D 78 22.52 31.05 -1.54
CA HIS D 78 21.08 30.89 -1.80
C HIS D 78 20.49 31.75 -2.91
N PHE D 79 20.80 33.05 -2.91
CA PHE D 79 20.27 33.95 -3.93
C PHE D 79 20.70 33.53 -5.34
N GLU D 80 21.99 33.26 -5.50
CA GLU D 80 22.54 32.86 -6.78
C GLU D 80 21.82 31.61 -7.31
N TYR D 81 21.95 30.50 -6.58
CA TYR D 81 21.32 29.25 -6.99
C TYR D 81 19.84 29.41 -7.28
N ALA D 82 19.13 30.14 -6.44
CA ALA D 82 17.69 30.33 -6.65
C ALA D 82 17.45 31.05 -7.98
N LYS D 83 18.26 32.06 -8.26
CA LYS D 83 18.13 32.84 -9.50
C LYS D 83 18.25 31.97 -10.75
N ARG D 84 19.34 31.20 -10.83
CA ARG D 84 19.56 30.33 -11.97
C ARG D 84 18.46 29.29 -12.15
N ALA D 85 17.99 28.72 -11.03
CA ALA D 85 16.92 27.72 -11.09
C ALA D 85 15.64 28.29 -11.70
N LEU D 86 15.28 29.51 -11.30
CA LEU D 86 14.08 30.15 -11.84
C LEU D 86 14.29 30.48 -13.31
N GLU D 87 15.49 30.94 -13.65
CA GLU D 87 15.79 31.28 -15.03
C GLU D 87 15.82 30.03 -15.91
N ALA D 88 16.00 28.88 -15.27
CA ALA D 88 16.02 27.60 -15.99
C ALA D 88 14.58 27.11 -16.04
N GLY D 89 13.67 27.91 -15.50
CA GLY D 89 12.26 27.56 -15.50
C GLY D 89 11.76 26.63 -14.40
N LYS D 90 12.49 26.52 -13.29
CA LYS D 90 12.06 25.64 -12.20
C LYS D 90 11.44 26.39 -11.03
N ASN D 91 10.57 25.70 -10.28
CA ASN D 91 9.97 26.29 -9.10
C ASN D 91 11.07 26.10 -8.08
N VAL D 92 11.17 27.00 -7.10
CA VAL D 92 12.23 26.89 -6.13
C VAL D 92 11.80 27.00 -4.67
N LEU D 93 12.44 26.19 -3.83
CA LEU D 93 12.22 26.18 -2.40
C LEU D 93 13.58 26.49 -1.80
N VAL D 94 13.65 27.53 -0.99
CA VAL D 94 14.93 27.92 -0.40
C VAL D 94 14.97 27.79 1.12
N GLU D 95 16.01 27.12 1.62
CA GLU D 95 16.16 26.98 3.07
C GLU D 95 16.55 28.31 3.67
N LYS D 96 16.20 28.50 4.94
CA LYS D 96 16.54 29.74 5.65
C LYS D 96 18.06 29.87 5.60
N PRO D 97 18.58 31.10 5.35
CA PRO D 97 17.87 32.36 5.10
C PRO D 97 17.43 32.42 3.63
N PHE D 98 16.22 32.91 3.40
CA PHE D 98 15.69 33.03 2.05
C PHE D 98 16.73 33.76 1.20
N THR D 99 17.08 34.96 1.63
CA THR D 99 18.08 35.78 0.95
C THR D 99 18.78 36.62 2.02
N PRO D 100 20.01 37.07 1.75
CA PRO D 100 20.76 37.87 2.72
C PRO D 100 20.13 39.24 3.02
N THR D 101 19.36 39.77 2.07
CA THR D 101 18.73 41.07 2.26
C THR D 101 17.30 41.14 1.74
N LEU D 102 16.57 42.13 2.23
CA LEU D 102 15.18 42.37 1.85
C LEU D 102 15.10 42.71 0.36
N ALA D 103 16.06 43.50 -0.10
CA ALA D 103 16.13 43.91 -1.50
C ALA D 103 16.23 42.71 -2.44
N GLN D 104 17.13 41.77 -2.12
CA GLN D 104 17.30 40.60 -2.97
C GLN D 104 16.04 39.71 -2.97
N ALA D 105 15.37 39.60 -1.83
CA ALA D 105 14.17 38.79 -1.75
C ALA D 105 13.15 39.32 -2.75
N LYS D 106 13.14 40.63 -2.95
CA LYS D 106 12.21 41.25 -3.89
C LYS D 106 12.55 40.91 -5.34
N GLU D 107 13.84 40.81 -5.66
CA GLU D 107 14.26 40.49 -7.03
C GLU D 107 13.84 39.07 -7.36
N LEU D 108 14.00 38.17 -6.39
CA LEU D 108 13.65 36.78 -6.58
C LEU D 108 12.15 36.65 -6.84
N PHE D 109 11.36 37.39 -6.07
CA PHE D 109 9.92 37.34 -6.25
C PHE D 109 9.51 37.92 -7.60
N ALA D 110 10.20 38.98 -8.01
CA ALA D 110 9.91 39.62 -9.29
C ALA D 110 10.26 38.66 -10.43
N LEU D 111 11.47 38.11 -10.39
CA LEU D 111 11.91 37.18 -11.42
C LEU D 111 10.95 35.99 -11.55
N ALA D 112 10.56 35.43 -10.41
CA ALA D 112 9.66 34.28 -10.37
C ALA D 112 8.28 34.56 -10.95
N LYS D 113 7.73 35.72 -10.62
CA LYS D 113 6.41 36.08 -11.12
C LYS D 113 6.39 36.31 -12.63
N SER D 114 7.50 36.81 -13.16
CA SER D 114 7.61 37.08 -14.59
C SER D 114 7.68 35.77 -15.38
N LYS D 115 8.05 34.69 -14.72
CA LYS D 115 8.14 33.39 -15.36
C LYS D 115 6.99 32.47 -14.93
N GLY D 116 5.99 33.03 -14.26
CA GLY D 116 4.86 32.23 -13.82
C GLY D 116 5.23 31.10 -12.88
N LEU D 117 6.35 31.28 -12.17
CA LEU D 117 6.84 30.27 -11.24
C LEU D 117 6.69 30.66 -9.77
N THR D 118 6.88 29.68 -8.89
CA THR D 118 6.79 29.88 -7.46
C THR D 118 8.16 29.81 -6.79
N VAL D 119 8.46 30.79 -5.97
CA VAL D 119 9.71 30.80 -5.21
C VAL D 119 9.30 31.11 -3.77
N THR D 120 9.63 30.21 -2.85
CA THR D 120 9.26 30.41 -1.45
C THR D 120 10.26 29.80 -0.47
N PRO D 121 10.27 30.32 0.77
CA PRO D 121 11.19 29.79 1.79
C PRO D 121 10.63 28.52 2.41
N TYR D 122 11.49 27.75 3.05
CA TYR D 122 11.10 26.51 3.71
C TYR D 122 10.72 26.81 5.16
N GLN D 123 9.47 27.19 5.39
CA GLN D 123 9.01 27.51 6.74
C GLN D 123 8.32 26.28 7.32
N ASN D 124 9.07 25.20 7.50
CA ASN D 124 8.52 23.97 8.01
C ASN D 124 7.91 24.09 9.41
N ARG D 125 8.38 25.05 10.19
CA ARG D 125 7.85 25.21 11.54
C ARG D 125 6.41 25.70 11.65
N ARG D 126 5.78 25.94 10.50
CA ARG D 126 4.38 26.33 10.49
C ARG D 126 3.60 25.04 10.72
N PHE D 127 4.34 23.93 10.75
CA PHE D 127 3.72 22.63 10.95
C PHE D 127 4.21 21.92 12.21
N ASP D 128 4.76 22.69 13.16
CA ASP D 128 5.20 22.11 14.42
C ASP D 128 3.95 21.80 15.25
N SER D 129 3.95 20.69 15.97
CA SER D 129 2.79 20.30 16.79
C SER D 129 2.42 21.37 17.82
N CYS D 130 3.43 21.94 18.47
CA CYS D 130 3.20 22.97 19.47
C CYS D 130 2.49 24.18 18.87
N PHE D 131 3.03 24.71 17.77
CA PHE D 131 2.42 25.85 17.10
C PHE D 131 1.01 25.54 16.56
N LEU D 132 0.83 24.37 15.97
CA LEU D 132 -0.47 24.02 15.44
C LEU D 132 -1.52 23.93 16.55
N THR D 133 -1.11 23.53 17.75
CA THR D 133 -2.06 23.43 18.87
C THR D 133 -2.44 24.81 19.37
N ALA D 134 -1.49 25.75 19.31
CA ALA D 134 -1.74 27.12 19.74
C ALA D 134 -2.67 27.78 18.71
N LYS D 135 -2.42 27.51 17.43
CA LYS D 135 -3.23 28.08 16.34
C LYS D 135 -4.68 27.62 16.49
N LYS D 136 -4.86 26.35 16.84
CA LYS D 136 -6.20 25.79 17.03
C LYS D 136 -6.91 26.48 18.20
N ALA D 137 -6.19 26.69 19.29
CA ALA D 137 -6.79 27.36 20.45
C ALA D 137 -7.29 28.72 19.99
N ILE D 138 -6.42 29.46 19.32
CA ILE D 138 -6.77 30.78 18.82
C ILE D 138 -8.00 30.74 17.92
N GLU D 139 -8.00 29.86 16.94
CA GLU D 139 -9.13 29.79 16.00
C GLU D 139 -10.41 29.20 16.59
N SER D 140 -10.32 28.62 17.78
CA SER D 140 -11.49 28.01 18.44
C SER D 140 -12.51 29.04 18.89
N GLY D 141 -12.02 30.23 19.26
CA GLY D 141 -12.90 31.29 19.73
C GLY D 141 -13.08 31.26 21.24
N LYS D 142 -12.71 30.13 21.85
CA LYS D 142 -12.85 29.96 23.29
C LYS D 142 -12.12 31.02 24.14
N LEU D 143 -11.06 31.59 23.60
CA LEU D 143 -10.29 32.60 24.34
C LEU D 143 -10.82 34.02 24.18
N GLY D 144 -11.75 34.21 23.25
CA GLY D 144 -12.30 35.55 23.03
C GLY D 144 -11.29 36.40 22.28
N GLU D 145 -11.43 37.71 22.33
CA GLU D 145 -10.48 38.58 21.62
C GLU D 145 -9.06 38.37 22.19
N ILE D 146 -8.12 38.03 21.31
CA ILE D 146 -6.74 37.78 21.74
C ILE D 146 -6.03 39.09 22.07
N VAL D 147 -5.30 39.12 23.19
CA VAL D 147 -4.58 40.33 23.55
C VAL D 147 -3.09 40.09 23.75
N GLU D 148 -2.68 38.82 23.86
CA GLU D 148 -1.26 38.56 24.02
C GLU D 148 -0.86 37.15 23.69
N VAL D 149 0.22 37.04 22.94
CA VAL D 149 0.80 35.76 22.54
C VAL D 149 2.28 35.81 22.92
N GLU D 150 2.78 34.70 23.47
CA GLU D 150 4.18 34.64 23.86
C GLU D 150 4.74 33.31 23.37
N SER D 151 5.84 33.39 22.63
CA SER D 151 6.50 32.21 22.07
C SER D 151 7.95 32.16 22.52
N HIS D 152 8.37 31.01 23.07
CA HIS D 152 9.74 30.82 23.54
C HIS D 152 10.46 29.71 22.78
N PHE D 153 11.77 29.88 22.61
CA PHE D 153 12.60 28.89 21.94
C PHE D 153 13.92 29.04 22.66
N ASP D 154 14.07 28.37 23.80
CA ASP D 154 15.27 28.50 24.61
C ASP D 154 16.07 27.22 24.75
N TYR D 155 17.22 27.36 25.38
CA TYR D 155 18.13 26.25 25.65
C TYR D 155 18.88 26.61 26.93
N TYR D 156 19.63 25.65 27.46
CA TYR D 156 20.48 25.93 28.59
C TYR D 156 21.81 25.35 28.13
N ARG D 157 22.56 26.18 27.39
CA ARG D 157 23.86 25.84 26.85
C ARG D 157 24.72 27.05 27.22
N PRO D 158 25.11 27.15 28.50
CA PRO D 158 25.91 28.26 29.00
C PRO D 158 27.30 28.41 28.37
N VAL D 159 27.94 27.30 28.02
CA VAL D 159 29.27 27.34 27.41
C VAL D 159 29.23 27.59 25.90
N ALA D 160 29.61 28.79 25.48
CA ALA D 160 29.62 29.13 24.07
C ALA D 160 31.05 29.32 23.59
N GLU D 161 31.45 28.49 22.64
CA GLU D 161 32.79 28.60 22.09
C GLU D 161 32.89 29.92 21.34
N THR D 162 34.11 30.47 21.28
CA THR D 162 34.31 31.73 20.59
C THR D 162 34.14 31.51 19.09
N LYS D 163 33.23 32.27 18.49
CA LYS D 163 32.93 32.19 17.06
C LYS D 163 32.45 33.54 16.55
N PRO D 164 33.38 34.47 16.26
CA PRO D 164 33.01 35.79 15.75
C PRO D 164 32.11 35.71 14.52
N GLY D 165 31.40 36.79 14.25
CA GLY D 165 30.51 36.81 13.10
C GLY D 165 29.73 38.12 13.04
N LEU D 166 28.76 38.19 12.14
CA LEU D 166 27.93 39.38 11.99
C LEU D 166 26.51 39.10 12.51
N PRO D 167 25.64 40.11 12.51
CA PRO D 167 24.26 39.92 12.99
C PRO D 167 23.55 38.74 12.34
N GLN D 168 23.87 38.50 11.08
CA GLN D 168 23.27 37.41 10.33
C GLN D 168 23.69 36.05 10.90
N ASP D 169 24.69 36.05 11.77
CA ASP D 169 25.18 34.82 12.38
C ASP D 169 24.67 34.67 13.82
N GLY D 170 23.78 35.57 14.24
CA GLY D 170 23.27 35.52 15.59
C GLY D 170 21.97 34.73 15.75
N ALA D 171 21.51 34.63 16.99
CA ALA D 171 20.29 33.90 17.31
C ALA D 171 19.03 34.56 16.74
N PHE D 172 19.00 35.89 16.67
CA PHE D 172 17.81 36.57 16.15
C PHE D 172 17.55 36.10 14.73
N TYR D 173 18.59 36.15 13.88
CA TYR D 173 18.44 35.69 12.50
C TYR D 173 18.28 34.17 12.45
N GLY D 174 19.09 33.48 13.24
CA GLY D 174 19.04 32.02 13.24
C GLY D 174 17.72 31.42 13.70
N LEU D 175 17.25 31.83 14.86
CA LEU D 175 16.00 31.29 15.41
C LEU D 175 14.78 32.18 15.23
N GLY D 176 15.01 33.49 15.28
CA GLY D 176 13.92 34.44 15.13
C GLY D 176 13.20 34.38 13.79
N VAL D 177 13.90 33.94 12.76
CA VAL D 177 13.29 33.84 11.43
C VAL D 177 12.08 32.91 11.47
N HIS D 178 12.21 31.77 12.15
CA HIS D 178 11.12 30.80 12.27
C HIS D 178 10.02 31.20 13.25
N THR D 179 10.41 31.58 14.46
CA THR D 179 9.44 31.95 15.49
C THR D 179 8.64 33.20 15.10
N MSE D 180 9.28 34.16 14.44
CA MSE D 180 8.52 35.35 14.03
C MSE D 180 7.62 35.01 12.84
O MSE D 180 6.57 35.63 12.66
CB MSE D 180 9.43 36.51 13.66
CG MSE D 180 10.05 37.21 14.85
SE MSE D 180 10.63 39.00 14.39
CE MSE D 180 11.94 38.53 13.02
N ASP D 181 8.03 34.04 12.04
CA ASP D 181 7.22 33.64 10.90
C ASP D 181 5.90 33.00 11.37
N GLN D 182 5.94 32.31 12.50
CA GLN D 182 4.74 31.69 13.04
C GLN D 182 3.77 32.80 13.42
N ILE D 183 4.29 33.81 14.11
CA ILE D 183 3.48 34.95 14.53
C ILE D 183 2.95 35.72 13.34
N ILE D 184 3.81 35.99 12.36
CA ILE D 184 3.39 36.72 11.17
C ILE D 184 2.34 35.93 10.38
N SER D 185 2.45 34.60 10.41
CA SER D 185 1.48 33.78 9.68
C SER D 185 0.10 33.87 10.31
N LEU D 186 0.06 34.17 11.61
CA LEU D 186 -1.21 34.28 12.34
C LEU D 186 -1.85 35.67 12.28
N PHE D 187 -1.03 36.70 12.48
CA PHE D 187 -1.54 38.07 12.54
C PHE D 187 -1.12 39.02 11.45
N GLY D 188 -0.18 38.59 10.62
CA GLY D 188 0.27 39.45 9.53
C GLY D 188 1.35 40.46 9.86
N ARG D 189 1.21 41.65 9.33
CA ARG D 189 2.17 42.72 9.52
C ARG D 189 1.84 43.61 10.72
N PRO D 190 2.76 43.70 11.69
CA PRO D 190 2.55 44.51 12.89
C PRO D 190 2.72 46.00 12.64
N ASP D 191 2.26 46.81 13.59
CA ASP D 191 2.37 48.28 13.51
C ASP D 191 3.73 48.72 14.02
N HIS D 192 4.19 48.08 15.09
CA HIS D 192 5.46 48.40 15.71
C HIS D 192 6.18 47.14 16.17
N VAL D 193 7.48 47.28 16.43
CA VAL D 193 8.30 46.18 16.93
C VAL D 193 9.29 46.72 17.97
N ALA D 194 9.34 46.07 19.12
CA ALA D 194 10.25 46.44 20.20
C ALA D 194 11.34 45.38 20.22
N TYR D 195 12.60 45.81 20.28
CA TYR D 195 13.74 44.89 20.28
C TYR D 195 14.62 44.93 21.51
N ASP D 196 15.13 43.75 21.86
CA ASP D 196 16.07 43.55 22.95
C ASP D 196 16.96 42.42 22.41
N ILE D 197 18.16 42.79 21.99
CA ILE D 197 19.10 41.83 21.43
C ILE D 197 20.43 41.92 22.17
N ARG D 198 20.93 40.78 22.64
CA ARG D 198 22.18 40.77 23.38
C ARG D 198 22.98 39.47 23.35
N SER D 199 24.28 39.60 23.59
CA SER D 199 25.21 38.48 23.61
C SER D 199 25.58 38.28 25.06
N LEU D 200 25.04 37.22 25.67
CA LEU D 200 25.30 36.94 27.08
C LEU D 200 26.42 35.96 27.43
N ARG D 201 26.49 34.84 26.71
CA ARG D 201 27.50 33.83 27.02
C ARG D 201 28.95 34.19 26.67
N ASN D 202 29.17 34.60 25.42
CA ASN D 202 30.52 34.95 24.98
C ASN D 202 30.50 36.29 24.24
N LYS D 203 30.96 37.33 24.92
CA LYS D 203 31.00 38.68 24.36
C LYS D 203 31.65 38.83 22.99
N ALA D 204 32.40 37.82 22.56
CA ALA D 204 33.07 37.89 21.26
C ALA D 204 32.18 37.34 20.15
N ASN D 205 31.04 36.77 20.52
CA ASN D 205 30.11 36.17 19.54
C ASN D 205 28.90 37.03 19.20
N PRO D 206 28.18 36.68 18.12
CA PRO D 206 26.99 37.42 17.72
C PRO D 206 25.94 37.20 18.81
N ASP D 207 24.87 38.00 18.77
CA ASP D 207 23.80 37.89 19.77
C ASP D 207 23.33 36.44 19.99
N ASP D 208 23.10 36.06 21.24
CA ASP D 208 22.63 34.71 21.56
C ASP D 208 21.35 34.79 22.39
N THR D 209 20.85 36.02 22.56
CA THR D 209 19.67 36.28 23.34
C THR D 209 18.82 37.38 22.71
N PHE D 210 17.51 37.17 22.62
CA PHE D 210 16.65 38.18 22.07
C PHE D 210 15.19 38.08 22.45
N GLU D 211 14.50 39.18 22.27
CA GLU D 211 13.07 39.30 22.51
C GLU D 211 12.57 40.35 21.53
N ALA D 212 11.59 39.98 20.73
CA ALA D 212 11.01 40.90 19.78
C ALA D 212 9.53 40.93 20.12
N GLN D 213 9.00 42.13 20.31
CA GLN D 213 7.59 42.29 20.61
C GLN D 213 6.93 42.92 19.39
N LEU D 214 5.95 42.22 18.84
CA LEU D 214 5.24 42.68 17.66
C LEU D 214 3.87 43.20 18.07
N PHE D 215 3.58 44.44 17.72
CA PHE D 215 2.31 45.05 18.10
C PHE D 215 1.30 45.16 16.99
N TYR D 216 0.12 44.58 17.22
CA TYR D 216 -1.00 44.61 16.26
C TYR D 216 -2.17 45.25 16.98
N GLY D 217 -2.28 46.57 16.87
CA GLY D 217 -3.36 47.27 17.56
C GLY D 217 -3.18 47.09 19.05
N ASP D 218 -4.18 46.49 19.71
CA ASP D 218 -4.12 46.24 21.14
C ASP D 218 -3.39 44.94 21.44
N LEU D 219 -3.27 44.09 20.42
CA LEU D 219 -2.62 42.80 20.57
C LEU D 219 -1.10 42.87 20.51
N LYS D 220 -0.42 42.15 21.42
CA LYS D 220 1.03 42.12 21.44
C LYS D 220 1.57 40.67 21.39
N ALA D 221 2.41 40.39 20.41
CA ALA D 221 2.99 39.06 20.24
C ALA D 221 4.45 39.11 20.62
N ILE D 222 4.85 38.26 21.57
CA ILE D 222 6.22 38.22 22.03
C ILE D 222 6.94 36.96 21.59
N VAL D 223 8.10 37.15 20.98
CA VAL D 223 8.96 36.07 20.51
C VAL D 223 10.30 36.22 21.23
N LYS D 224 10.77 35.16 21.86
CA LYS D 224 12.05 35.27 22.55
C LYS D 224 12.82 33.97 22.69
N THR D 225 14.14 34.08 22.76
CA THR D 225 15.00 32.93 22.90
C THR D 225 16.21 33.34 23.71
N SER D 226 16.73 32.39 24.47
CA SER D 226 17.90 32.60 25.31
C SER D 226 18.58 31.24 25.45
N HIS D 227 19.90 31.24 25.57
CA HIS D 227 20.63 29.99 25.75
C HIS D 227 20.92 29.80 27.23
N LEU D 228 20.25 30.60 28.05
CA LEU D 228 20.44 30.55 29.50
C LEU D 228 19.12 30.41 30.25
N VAL D 229 18.42 29.31 29.99
CA VAL D 229 17.14 29.03 30.65
C VAL D 229 17.18 27.60 31.22
N LYS D 230 17.42 27.48 32.51
CA LYS D 230 17.49 26.16 33.14
C LYS D 230 16.10 25.56 33.34
N ILE D 231 15.16 26.37 33.83
CA ILE D 231 13.78 25.91 34.00
C ILE D 231 12.97 26.57 32.89
N ASP D 232 12.60 25.78 31.89
CA ASP D 232 11.85 26.27 30.74
C ASP D 232 10.54 26.97 31.03
N TYR D 233 10.20 27.92 30.15
CA TYR D 233 8.92 28.64 30.23
C TYR D 233 8.03 27.78 29.32
N PRO D 234 6.74 28.14 29.24
CA PRO D 234 5.87 27.34 28.36
C PRO D 234 6.33 27.66 26.92
N LYS D 235 6.13 26.72 25.99
CA LYS D 235 6.52 26.96 24.59
C LYS D 235 5.62 28.06 23.99
N PHE D 236 4.35 28.04 24.38
CA PHE D 236 3.39 29.03 23.92
C PHE D 236 2.43 29.42 25.03
N ILE D 237 2.13 30.71 25.09
CA ILE D 237 1.21 31.26 26.05
C ILE D 237 0.32 32.20 25.26
N VAL D 238 -0.98 32.02 25.39
CA VAL D 238 -1.92 32.89 24.68
C VAL D 238 -2.97 33.39 25.67
N HIS D 239 -3.21 34.70 25.68
CA HIS D 239 -4.23 35.26 26.57
C HIS D 239 -5.23 36.04 25.76
N GLY D 240 -6.51 35.82 26.06
CA GLY D 240 -7.59 36.51 25.38
C GLY D 240 -8.54 37.06 26.43
N LYS D 241 -9.49 37.87 26.03
CA LYS D 241 -10.42 38.43 26.99
C LYS D 241 -11.28 37.39 27.74
N LYS D 242 -11.46 36.21 27.16
CA LYS D 242 -12.27 35.16 27.78
C LYS D 242 -11.50 33.97 28.33
N GLY D 243 -10.18 33.96 28.20
CA GLY D 243 -9.43 32.81 28.70
C GLY D 243 -7.95 32.76 28.36
N SER D 244 -7.30 31.65 28.70
CA SER D 244 -5.88 31.46 28.44
C SER D 244 -5.58 30.05 27.90
N PHE D 245 -4.48 29.95 27.18
CA PHE D 245 -4.01 28.69 26.62
C PHE D 245 -2.52 28.63 26.98
N ILE D 246 -2.07 27.50 27.51
CA ILE D 246 -0.68 27.29 27.88
C ILE D 246 -0.22 25.96 27.32
N LYS D 247 1.00 25.92 26.79
CA LYS D 247 1.55 24.69 26.23
C LYS D 247 3.03 24.57 26.51
N TYR D 248 3.42 23.53 27.23
CA TYR D 248 4.83 23.27 27.52
C TYR D 248 5.30 22.22 26.51
N GLY D 249 6.54 22.34 26.07
CA GLY D 249 7.03 21.34 25.13
C GLY D 249 7.02 21.78 23.68
N ILE D 250 8.12 21.49 22.99
CA ILE D 250 8.27 21.85 21.59
C ILE D 250 8.04 20.62 20.71
N ASP D 251 7.69 20.85 19.45
CA ASP D 251 7.47 19.77 18.49
C ASP D 251 8.65 18.79 18.59
N GLN D 252 8.35 17.49 18.53
CA GLN D 252 9.36 16.46 18.67
C GLN D 252 9.97 15.84 17.41
N GLN D 253 9.65 16.38 16.24
CA GLN D 253 10.19 15.86 14.99
C GLN D 253 11.72 15.93 14.96
N GLU D 254 12.27 17.09 15.30
CA GLU D 254 13.72 17.26 15.31
C GLU D 254 14.44 16.28 16.23
N THR D 255 13.86 16.00 17.38
CA THR D 255 14.47 15.07 18.34
C THR D 255 14.50 13.68 17.72
N SER D 256 13.40 13.32 17.06
CA SER D 256 13.31 12.01 16.43
C SER D 256 14.31 11.88 15.27
N LEU D 257 14.38 12.91 14.45
CA LEU D 257 15.28 12.90 13.31
C LEU D 257 16.75 12.79 13.72
N LYS D 258 17.12 13.42 14.83
CA LYS D 258 18.49 13.35 15.32
C LYS D 258 18.78 11.98 15.93
N ALA D 259 17.72 11.28 16.32
CA ALA D 259 17.86 9.95 16.92
C ALA D 259 17.60 8.84 15.91
N ASN D 260 17.73 9.16 14.63
CA ASN D 260 17.52 8.17 13.57
C ASN D 260 16.13 7.55 13.47
N ILE D 261 15.09 8.32 13.76
CA ILE D 261 13.72 7.81 13.65
C ILE D 261 13.09 8.61 12.51
N MSE D 262 12.71 7.91 11.45
CA MSE D 262 12.12 8.55 10.27
C MSE D 262 10.61 8.68 10.31
O MSE D 262 9.92 7.88 10.97
CB MSE D 262 12.53 7.79 9.01
CG MSE D 262 14.03 7.68 8.83
SE MSE D 262 14.92 9.40 8.77
CE MSE D 262 15.67 9.45 10.54
N PRO D 263 10.06 9.68 9.59
CA PRO D 263 8.60 9.90 9.55
C PRO D 263 7.89 8.61 9.15
N GLY D 264 6.81 8.28 9.85
CA GLY D 264 6.08 7.07 9.53
C GLY D 264 6.54 5.86 10.30
N GLU D 265 7.66 5.97 11.02
CA GLU D 265 8.17 4.85 11.78
C GLU D 265 7.64 4.93 13.22
N PRO D 266 7.47 3.78 13.88
CA PRO D 266 6.97 3.80 15.26
C PRO D 266 7.77 4.72 16.19
N GLY D 267 7.06 5.54 16.94
CA GLY D 267 7.72 6.46 17.86
C GLY D 267 8.14 7.79 17.26
N PHE D 268 7.95 7.99 15.96
CA PHE D 268 8.34 9.26 15.35
C PHE D 268 7.59 10.44 15.96
N ALA D 269 8.33 11.42 16.47
CA ALA D 269 7.73 12.59 17.06
C ALA D 269 6.87 12.32 18.31
N ALA D 270 7.11 11.18 18.97
CA ALA D 270 6.36 10.83 20.17
C ALA D 270 6.36 12.04 21.09
N ASP D 271 5.19 12.36 21.65
CA ASP D 271 5.07 13.52 22.51
C ASP D 271 3.89 13.34 23.48
N ASP D 272 4.16 13.45 24.78
CA ASP D 272 3.10 13.29 25.77
C ASP D 272 2.54 14.61 26.31
N SER D 273 3.25 15.71 26.06
CA SER D 273 2.81 17.03 26.53
C SER D 273 1.40 17.34 26.00
N VAL D 274 0.73 18.31 26.61
CA VAL D 274 -0.61 18.70 26.18
C VAL D 274 -0.83 20.21 26.31
N GLY D 275 -1.76 20.72 25.52
CA GLY D 275 -2.09 22.13 25.57
C GLY D 275 -3.16 22.32 26.62
N VAL D 276 -3.00 23.31 27.48
CA VAL D 276 -3.97 23.55 28.54
C VAL D 276 -4.82 24.77 28.24
N LEU D 277 -6.12 24.62 28.45
CA LEU D 277 -7.05 25.70 28.19
C LEU D 277 -7.93 25.93 29.43
N GLU D 278 -8.18 27.20 29.72
CA GLU D 278 -9.03 27.60 30.83
C GLU D 278 -9.71 28.87 30.35
N TYR D 279 -11.04 28.81 30.23
CA TYR D 279 -11.80 29.95 29.74
C TYR D 279 -13.21 30.05 30.33
N VAL D 280 -13.85 31.20 30.12
CA VAL D 280 -15.18 31.40 30.65
C VAL D 280 -16.18 31.27 29.51
N ASN D 281 -17.17 30.38 29.68
CA ASN D 281 -18.16 30.17 28.65
C ASN D 281 -19.20 31.28 28.66
N ASP D 282 -20.18 31.18 27.75
CA ASP D 282 -21.24 32.17 27.64
C ASP D 282 -22.07 32.27 28.92
N GLU D 283 -22.12 31.18 29.67
CA GLU D 283 -22.87 31.14 30.92
C GLU D 283 -22.06 31.76 32.04
N GLY D 284 -20.84 32.20 31.74
CA GLY D 284 -20.00 32.81 32.75
C GLY D 284 -19.26 31.82 33.63
N VAL D 285 -19.32 30.54 33.28
CA VAL D 285 -18.65 29.50 34.07
C VAL D 285 -17.23 29.21 33.56
N THR D 286 -16.30 28.95 34.46
CA THR D 286 -14.94 28.63 34.06
C THR D 286 -14.87 27.17 33.62
N VAL D 287 -14.31 26.95 32.45
CA VAL D 287 -14.17 25.62 31.88
C VAL D 287 -12.68 25.30 31.69
N ARG D 288 -12.28 24.10 32.10
CA ARG D 288 -10.89 23.68 31.94
C ARG D 288 -10.83 22.49 30.98
N GLU D 289 -9.88 22.54 30.04
CA GLU D 289 -9.70 21.49 29.03
C GLU D 289 -8.23 21.15 28.79
N GLU D 290 -7.98 19.90 28.39
CA GLU D 290 -6.64 19.42 28.07
C GLU D 290 -6.68 19.17 26.56
N MSE D 291 -5.70 19.68 25.83
CA MSE D 291 -5.67 19.49 24.38
C MSE D 291 -4.55 18.55 23.95
O MSE D 291 -3.38 18.78 24.28
CB MSE D 291 -5.44 20.82 23.66
CG MSE D 291 -6.57 21.83 23.72
SE MSE D 291 -6.03 23.47 22.84
CE MSE D 291 -6.42 22.99 21.01
N LYS D 292 -4.89 17.50 23.22
CA LYS D 292 -3.86 16.58 22.72
C LYS D 292 -3.15 17.39 21.65
N PRO D 293 -1.80 17.40 21.65
CA PRO D 293 -1.07 18.18 20.64
C PRO D 293 -1.47 17.77 19.23
N GLU D 294 -1.57 18.75 18.34
CA GLU D 294 -1.91 18.47 16.96
C GLU D 294 -0.69 17.77 16.37
N MSE D 295 -0.91 16.79 15.49
CA MSE D 295 0.20 16.08 14.88
C MSE D 295 1.05 17.02 14.02
O MSE D 295 0.53 17.81 13.24
CB MSE D 295 -0.33 14.94 14.00
CG MSE D 295 0.76 14.23 13.20
SE MSE D 295 0.06 13.36 11.61
CE MSE D 295 -0.03 14.90 10.44
N GLY D 296 2.37 16.93 14.18
CA GLY D 296 3.27 17.78 13.40
C GLY D 296 3.85 17.02 12.22
N ASP D 297 4.01 17.69 11.09
CA ASP D 297 4.54 17.03 9.89
C ASP D 297 5.16 18.03 8.92
N TYR D 298 6.50 18.13 8.92
CA TYR D 298 7.17 19.06 8.01
C TYR D 298 6.87 18.74 6.55
N GLY D 299 6.63 17.47 6.27
CA GLY D 299 6.35 17.05 4.92
C GLY D 299 5.17 17.79 4.31
N ARG D 300 4.32 18.36 5.17
CA ARG D 300 3.16 19.10 4.70
C ARG D 300 3.55 20.30 3.83
N VAL D 301 4.83 20.69 3.88
CA VAL D 301 5.28 21.78 3.02
C VAL D 301 5.24 21.23 1.59
N TYR D 302 5.78 20.04 1.40
CA TYR D 302 5.78 19.42 0.07
C TYR D 302 4.37 19.09 -0.40
N ASP D 303 3.49 18.73 0.53
CA ASP D 303 2.11 18.45 0.14
C ASP D 303 1.48 19.74 -0.37
N ALA D 304 1.89 20.88 0.18
CA ALA D 304 1.35 22.17 -0.25
C ALA D 304 1.96 22.55 -1.59
N LEU D 305 3.26 22.33 -1.73
CA LEU D 305 3.96 22.64 -2.98
C LEU D 305 3.37 21.81 -4.10
N TYR D 306 2.91 20.61 -3.77
CA TYR D 306 2.29 19.72 -4.73
C TYR D 306 0.95 20.31 -5.18
N GLN D 307 0.14 20.76 -4.22
CA GLN D 307 -1.17 21.36 -4.52
C GLN D 307 -0.97 22.55 -5.45
N THR D 308 0.02 23.39 -5.12
CA THR D 308 0.33 24.58 -5.92
C THR D 308 0.81 24.27 -7.33
N ILE D 309 1.84 23.43 -7.43
CA ILE D 309 2.42 23.03 -8.72
C ILE D 309 1.49 22.18 -9.59
N THR D 310 0.80 21.24 -8.97
CA THR D 310 -0.10 20.34 -9.70
C THR D 310 -1.50 20.88 -10.01
N HIS D 311 -2.12 21.55 -9.05
CA HIS D 311 -3.47 22.07 -9.26
C HIS D 311 -3.56 23.59 -9.20
N GLY D 312 -2.41 24.26 -9.15
CA GLY D 312 -2.38 25.70 -9.11
C GLY D 312 -2.83 26.38 -7.81
N ALA D 313 -2.98 25.61 -6.74
CA ALA D 313 -3.40 26.17 -5.46
C ALA D 313 -2.42 27.25 -5.00
N PRO D 314 -2.86 28.15 -4.10
CA PRO D 314 -1.95 29.20 -3.65
C PRO D 314 -0.84 28.68 -2.74
N ASN D 315 0.35 29.26 -2.84
CA ASN D 315 1.49 28.84 -2.04
C ASN D 315 1.16 28.87 -0.55
N TYR D 316 1.78 27.99 0.23
CA TYR D 316 1.48 27.96 1.66
C TYR D 316 1.95 29.25 2.34
N VAL D 317 3.04 29.84 1.85
CA VAL D 317 3.54 31.08 2.43
C VAL D 317 3.27 32.25 1.48
N LYS D 318 2.77 33.36 2.02
CA LYS D 318 2.49 34.53 1.20
C LYS D 318 3.72 35.42 1.07
N GLU D 319 3.90 36.04 -0.09
CA GLU D 319 5.06 36.90 -0.33
C GLU D 319 5.25 37.99 0.73
N SER D 320 4.15 38.66 1.10
CA SER D 320 4.22 39.72 2.09
C SER D 320 4.78 39.26 3.43
N GLU D 321 4.52 38.01 3.80
CA GLU D 321 4.99 37.47 5.07
C GLU D 321 6.52 37.31 5.08
N VAL D 322 7.08 36.89 3.96
CA VAL D 322 8.53 36.71 3.86
C VAL D 322 9.18 38.09 3.99
N LEU D 323 8.64 39.06 3.24
CA LEU D 323 9.17 40.42 3.24
C LEU D 323 9.05 41.10 4.61
N THR D 324 8.00 40.80 5.34
CA THR D 324 7.80 41.42 6.66
C THR D 324 8.85 40.87 7.63
N ASN D 325 9.12 39.57 7.54
CA ASN D 325 10.11 38.92 8.40
C ASN D 325 11.51 39.49 8.16
N LEU D 326 11.91 39.56 6.90
CA LEU D 326 13.22 40.09 6.55
C LEU D 326 13.36 41.55 6.97
N GLU D 327 12.31 42.33 6.81
CA GLU D 327 12.37 43.74 7.21
C GLU D 327 12.58 43.81 8.72
N ILE D 328 11.72 43.13 9.47
CA ILE D 328 11.82 43.14 10.92
C ILE D 328 13.21 42.74 11.41
N LEU D 329 13.82 41.75 10.78
CA LEU D 329 15.15 41.32 11.19
C LEU D 329 16.21 42.39 10.92
N GLU D 330 16.21 42.95 9.71
CA GLU D 330 17.21 43.96 9.37
C GLU D 330 17.11 45.18 10.28
N ARG D 331 15.90 45.69 10.48
CA ARG D 331 15.71 46.87 11.31
C ARG D 331 16.08 46.68 12.77
N GLY D 332 16.19 45.43 13.21
CA GLY D 332 16.55 45.17 14.60
C GLY D 332 17.96 45.60 14.90
N PHE D 333 18.82 45.58 13.88
CA PHE D 333 20.21 45.98 14.04
C PHE D 333 20.45 47.34 13.43
N GLU D 334 19.37 48.11 13.29
CA GLU D 334 19.42 49.43 12.70
C GLU D 334 19.95 50.45 13.71
N GLN D 335 19.70 50.17 14.99
CA GLN D 335 20.14 51.03 16.07
C GLN D 335 20.46 50.17 17.28
N ALA D 336 21.15 50.74 18.25
CA ALA D 336 21.54 49.99 19.44
C ALA D 336 20.33 49.41 20.17
N SER D 337 20.55 48.28 20.85
CA SER D 337 19.51 47.62 21.62
C SER D 337 19.53 48.11 23.06
N PRO D 338 18.34 48.31 23.67
CA PRO D 338 17.02 48.09 23.08
C PRO D 338 16.53 49.29 22.27
N SER D 339 15.56 49.04 21.41
CA SER D 339 14.98 50.08 20.57
C SER D 339 13.58 49.66 20.17
N THR D 340 12.87 50.59 19.55
CA THR D 340 11.50 50.36 19.09
C THR D 340 11.35 51.09 17.77
N VAL D 341 10.58 50.53 16.84
CA VAL D 341 10.36 51.17 15.55
C VAL D 341 8.91 50.97 15.13
N THR D 342 8.47 51.76 14.14
CA THR D 342 7.13 51.61 13.62
C THR D 342 7.31 51.20 12.17
N LEU D 343 6.58 50.17 11.75
CA LEU D 343 6.67 49.67 10.39
C LEU D 343 5.64 50.30 9.47
N ALA D 344 6.05 50.61 8.25
CA ALA D 344 5.16 51.15 7.25
C ALA D 344 4.70 49.90 6.52
N LYS D 345 5.65 48.99 6.34
CA LYS D 345 5.41 47.71 5.68
C LYS D 345 5.94 46.59 6.58
N VAL E 2 10.22 53.50 73.08
CA VAL E 2 8.80 53.54 72.61
C VAL E 2 8.49 54.90 71.98
N ILE E 3 8.18 54.89 70.68
CA ILE E 3 7.89 56.11 69.94
C ILE E 3 6.41 56.36 69.67
N ASN E 4 5.97 57.58 69.92
CA ASN E 4 4.59 57.98 69.69
C ASN E 4 4.37 58.32 68.22
N CYS E 5 3.32 57.76 67.65
CA CYS E 5 2.99 58.02 66.26
C CYS E 5 1.51 58.37 66.12
N ALA E 6 1.15 58.92 64.98
CA ALA E 6 -0.23 59.29 64.72
C ALA E 6 -0.56 58.99 63.25
N PHE E 7 -1.79 58.56 62.99
CA PHE E 7 -2.19 58.25 61.63
C PHE E 7 -3.15 59.30 61.07
N ILE E 8 -2.95 59.63 59.80
CA ILE E 8 -3.82 60.57 59.11
C ILE E 8 -4.73 59.71 58.24
N GLY E 9 -5.93 59.46 58.73
CA GLY E 9 -6.87 58.64 58.00
C GLY E 9 -7.12 57.31 58.70
N PHE E 10 -8.36 56.88 58.67
CA PHE E 10 -8.71 55.62 59.31
C PHE E 10 -9.51 54.78 58.34
N GLY E 11 -9.07 54.77 57.09
CA GLY E 11 -9.75 53.98 56.07
C GLY E 11 -9.25 52.54 56.08
N LYS E 12 -9.72 51.76 55.12
CA LYS E 12 -9.35 50.36 54.99
C LYS E 12 -7.84 50.14 55.06
N SER E 13 -7.09 51.05 54.45
CA SER E 13 -5.62 50.93 54.44
C SER E 13 -5.04 50.97 55.84
N THR E 14 -5.47 51.93 56.66
CA THR E 14 -4.97 52.06 58.02
C THR E 14 -5.29 50.85 58.88
N THR E 15 -6.54 50.40 58.83
CA THR E 15 -6.98 49.27 59.64
C THR E 15 -6.54 47.90 59.14
N ARG E 16 -6.11 47.82 57.88
CA ARG E 16 -5.70 46.54 57.32
C ARG E 16 -4.21 46.34 57.15
N TYR E 17 -3.52 47.33 56.60
CA TYR E 17 -2.10 47.21 56.36
C TYR E 17 -1.17 47.89 57.36
N HIS E 18 -1.72 48.70 58.26
CA HIS E 18 -0.90 49.40 59.24
C HIS E 18 -1.10 48.99 60.69
N LEU E 19 -2.26 49.34 61.25
CA LEU E 19 -2.56 49.04 62.64
C LEU E 19 -2.32 47.59 63.07
N PRO E 20 -2.79 46.60 62.29
CA PRO E 20 -2.55 45.21 62.72
C PRO E 20 -1.08 44.98 63.03
N TYR E 21 -0.20 45.62 62.28
CA TYR E 21 1.24 45.47 62.49
C TYR E 21 1.76 46.38 63.60
N VAL E 22 1.30 47.62 63.62
CA VAL E 22 1.74 48.57 64.62
C VAL E 22 1.28 48.19 66.04
N LEU E 23 0.05 47.67 66.15
CA LEU E 23 -0.48 47.29 67.46
C LEU E 23 0.16 46.02 68.02
N ASN E 24 0.96 45.34 67.22
CA ASN E 24 1.64 44.12 67.67
C ASN E 24 3.02 44.51 68.17
N ARG E 25 3.34 45.80 68.06
CA ARG E 25 4.64 46.30 68.48
C ARG E 25 4.51 47.37 69.56
N LYS E 26 3.64 47.12 70.54
CA LYS E 26 3.41 48.07 71.61
C LYS E 26 4.64 48.42 72.46
N ASP E 27 5.66 47.57 72.46
CA ASP E 27 6.86 47.89 73.23
C ASP E 27 7.83 48.70 72.37
N SER E 28 7.37 49.15 71.21
CA SER E 28 8.21 49.93 70.31
C SER E 28 7.46 51.14 69.72
N TRP E 29 6.14 51.03 69.63
CA TRP E 29 5.34 52.12 69.08
C TRP E 29 4.06 52.33 69.87
N HIS E 30 3.63 53.57 69.96
CA HIS E 30 2.39 53.89 70.66
C HIS E 30 1.57 54.80 69.75
N VAL E 31 0.34 54.38 69.45
CA VAL E 31 -0.50 55.21 68.59
C VAL E 31 -1.25 56.19 69.47
N ALA E 32 -0.78 57.44 69.46
CA ALA E 32 -1.35 58.50 70.27
C ALA E 32 -2.60 59.13 69.65
N HIS E 33 -2.56 59.34 68.35
CA HIS E 33 -3.67 59.96 67.64
C HIS E 33 -3.99 59.29 66.30
N ILE E 34 -5.23 59.47 65.88
CA ILE E 34 -5.69 59.00 64.59
C ILE E 34 -6.68 60.06 64.13
N PHE E 35 -6.26 60.86 63.14
CA PHE E 35 -7.10 61.91 62.60
C PHE E 35 -7.99 61.36 61.49
N ARG E 36 -9.23 61.82 61.44
CA ARG E 36 -10.18 61.39 60.40
C ARG E 36 -11.32 62.39 60.31
N ARG E 37 -12.13 62.24 59.25
CA ARG E 37 -13.28 63.13 59.05
C ARG E 37 -14.58 62.45 59.47
N HIS E 38 -14.65 61.12 59.32
CA HIS E 38 -15.85 60.36 59.67
C HIS E 38 -15.77 59.53 60.95
N ALA E 39 -15.67 58.22 60.79
CA ALA E 39 -15.57 57.29 61.91
C ALA E 39 -15.56 55.84 61.43
N LYS E 40 -15.96 54.92 62.31
CA LYS E 40 -16.03 53.49 61.99
C LYS E 40 -16.27 52.62 63.22
N PRO E 41 -17.06 51.54 63.08
CA PRO E 41 -17.34 50.65 64.21
C PRO E 41 -16.05 50.16 64.86
N GLU E 42 -14.93 50.39 64.17
CA GLU E 42 -13.63 50.01 64.67
C GLU E 42 -13.33 50.85 65.91
N GLU E 43 -13.57 52.15 65.82
CA GLU E 43 -13.33 53.04 66.94
C GLU E 43 -13.76 52.39 68.24
N GLN E 44 -15.01 51.93 68.28
CA GLN E 44 -15.57 51.29 69.46
C GLN E 44 -15.00 49.90 69.75
N ALA E 45 -14.09 49.43 68.89
CA ALA E 45 -13.49 48.13 69.09
C ALA E 45 -12.45 48.20 70.20
N PRO E 46 -12.41 47.18 71.08
CA PRO E 46 -11.47 47.10 72.20
C PRO E 46 -10.01 47.33 71.82
N ILE E 47 -9.64 46.85 70.64
CA ILE E 47 -8.27 46.99 70.16
C ILE E 47 -7.83 48.44 69.91
N TYR E 48 -8.78 49.34 69.72
CA TYR E 48 -8.44 50.75 69.48
C TYR E 48 -8.80 51.61 70.69
N SER E 49 -9.16 50.97 71.79
CA SER E 49 -9.55 51.68 73.01
C SER E 49 -8.47 52.58 73.61
N HIS E 50 -7.21 52.35 73.26
CA HIS E 50 -6.13 53.16 73.83
C HIS E 50 -5.80 54.34 72.93
N ILE E 51 -6.45 54.39 71.76
CA ILE E 51 -6.19 55.44 70.80
C ILE E 51 -7.15 56.63 70.87
N HIS E 52 -6.61 57.81 70.63
CA HIS E 52 -7.39 59.05 70.64
C HIS E 52 -7.79 59.47 69.22
N PHE E 53 -9.05 59.26 68.87
CA PHE E 53 -9.52 59.65 67.53
C PHE E 53 -9.97 61.10 67.56
N THR E 54 -9.48 61.88 66.60
CA THR E 54 -9.82 63.29 66.52
C THR E 54 -10.13 63.74 65.09
N SER E 55 -10.71 64.92 64.96
CA SER E 55 -11.04 65.49 63.66
C SER E 55 -10.34 66.83 63.54
N ASP E 56 -9.45 67.11 64.49
CA ASP E 56 -8.68 68.35 64.50
C ASP E 56 -7.22 68.01 64.23
N LEU E 57 -6.78 68.29 63.01
CA LEU E 57 -5.41 68.01 62.60
C LEU E 57 -4.40 68.72 63.50
N ASP E 58 -4.72 69.94 63.91
CA ASP E 58 -3.83 70.71 64.78
C ASP E 58 -3.41 69.95 66.04
N GLU E 59 -4.37 69.28 66.67
CA GLU E 59 -4.10 68.51 67.88
C GLU E 59 -2.99 67.49 67.66
N VAL E 60 -3.02 66.84 66.51
CA VAL E 60 -2.02 65.83 66.17
C VAL E 60 -0.65 66.44 65.88
N LEU E 61 -0.63 67.41 64.96
CA LEU E 61 0.61 68.06 64.56
C LEU E 61 1.22 68.96 65.64
N ASN E 62 0.41 69.38 66.61
CA ASN E 62 0.91 70.24 67.68
C ASN E 62 1.34 69.44 68.91
N ASP E 63 1.13 68.12 68.88
CA ASP E 63 1.52 67.26 70.02
C ASP E 63 3.04 67.11 69.96
N PRO E 64 3.75 67.72 70.92
CA PRO E 64 5.23 67.63 70.96
C PRO E 64 5.77 66.22 71.12
N ASP E 65 4.94 65.30 71.59
CA ASP E 65 5.38 63.92 71.81
C ASP E 65 5.40 63.01 70.57
N VAL E 66 4.66 63.40 69.53
CA VAL E 66 4.61 62.62 68.30
C VAL E 66 5.83 62.83 67.41
N LYS E 67 6.45 61.74 66.99
CA LYS E 67 7.64 61.82 66.14
C LYS E 67 7.39 61.26 64.73
N LEU E 68 6.29 60.56 64.55
CA LEU E 68 5.97 60.00 63.24
C LEU E 68 4.52 60.20 62.88
N VAL E 69 4.31 60.66 61.65
CA VAL E 69 2.99 60.90 61.11
C VAL E 69 2.84 60.02 59.87
N VAL E 70 1.84 59.15 59.88
CA VAL E 70 1.60 58.25 58.76
C VAL E 70 0.36 58.74 57.99
N VAL E 71 0.55 59.10 56.73
CA VAL E 71 -0.53 59.61 55.89
C VAL E 71 -1.20 58.51 55.08
N CYS E 72 -2.43 58.17 55.43
CA CYS E 72 -3.17 57.10 54.74
C CYS E 72 -4.50 57.56 54.14
N THR E 73 -4.59 58.83 53.79
CA THR E 73 -5.81 59.38 53.19
C THR E 73 -5.78 59.31 51.68
N HIS E 74 -6.77 59.92 51.04
CA HIS E 74 -6.87 59.92 49.58
C HIS E 74 -5.57 60.45 48.96
N ALA E 75 -5.16 59.84 47.86
CA ALA E 75 -3.93 60.22 47.14
C ALA E 75 -3.75 61.70 46.91
N ASP E 76 -4.84 62.41 46.61
CA ASP E 76 -4.77 63.84 46.35
C ASP E 76 -4.37 64.66 47.58
N SER E 77 -4.55 64.08 48.76
CA SER E 77 -4.22 64.80 49.98
C SER E 77 -2.81 64.52 50.51
N HIS E 78 -2.12 63.57 49.89
CA HIS E 78 -0.78 63.20 50.36
C HIS E 78 0.25 64.32 50.43
N PHE E 79 0.45 65.05 49.33
CA PHE E 79 1.43 66.12 49.33
C PHE E 79 1.19 67.15 50.43
N GLU E 80 -0.01 67.70 50.47
CA GLU E 80 -0.34 68.72 51.46
C GLU E 80 -0.19 68.25 52.91
N TYR E 81 -0.64 67.03 53.21
CA TYR E 81 -0.51 66.53 54.57
C TYR E 81 0.95 66.27 54.93
N ALA E 82 1.71 65.75 53.96
CA ALA E 82 3.12 65.47 54.19
C ALA E 82 3.86 66.75 54.53
N LYS E 83 3.65 67.78 53.71
CA LYS E 83 4.28 69.07 53.90
C LYS E 83 3.95 69.70 55.25
N ARG E 84 2.67 69.65 55.63
CA ARG E 84 2.25 70.21 56.92
C ARG E 84 2.84 69.47 58.11
N ALA E 85 2.93 68.15 58.00
CA ALA E 85 3.50 67.34 59.09
C ALA E 85 4.99 67.66 59.20
N LEU E 86 5.64 67.85 58.07
CA LEU E 86 7.07 68.18 58.07
C LEU E 86 7.27 69.56 58.68
N GLU E 87 6.45 70.52 58.27
CA GLU E 87 6.57 71.88 58.79
C GLU E 87 6.33 71.91 60.30
N ALA E 88 5.65 70.88 60.81
CA ALA E 88 5.35 70.78 62.23
C ALA E 88 6.45 70.04 63.00
N GLY E 89 7.50 69.64 62.29
CA GLY E 89 8.60 68.95 62.94
C GLY E 89 8.38 67.46 63.17
N LYS E 90 7.61 66.82 62.28
CA LYS E 90 7.34 65.39 62.41
C LYS E 90 7.87 64.59 61.22
N ASN E 91 8.37 63.39 61.52
CA ASN E 91 8.86 62.50 60.48
C ASN E 91 7.59 62.00 59.80
N VAL E 92 7.66 61.74 58.50
CA VAL E 92 6.46 61.32 57.78
C VAL E 92 6.61 60.07 56.89
N LEU E 93 5.62 59.19 56.98
CA LEU E 93 5.55 57.97 56.18
C LEU E 93 4.30 58.17 55.33
N VAL E 94 4.44 58.17 54.01
CA VAL E 94 3.32 58.38 53.10
C VAL E 94 2.97 57.14 52.28
N GLU E 95 1.71 56.71 52.31
CA GLU E 95 1.31 55.55 51.52
C GLU E 95 1.35 55.98 50.06
N LYS E 96 1.38 55.02 49.14
CA LYS E 96 1.42 55.33 47.72
C LYS E 96 0.13 56.03 47.34
N PRO E 97 0.20 57.04 46.45
CA PRO E 97 1.41 57.56 45.80
C PRO E 97 2.14 58.58 46.67
N PHE E 98 3.47 58.47 46.73
CA PHE E 98 4.27 59.40 47.53
C PHE E 98 3.80 60.82 47.18
N THR E 99 4.03 61.22 45.93
CA THR E 99 3.58 62.52 45.44
C THR E 99 3.05 62.33 44.03
N PRO E 100 2.19 63.25 43.56
CA PRO E 100 1.63 63.14 42.21
C PRO E 100 2.70 63.26 41.12
N THR E 101 3.75 64.03 41.41
CA THR E 101 4.81 64.25 40.44
C THR E 101 6.21 64.15 41.05
N LEU E 102 7.20 63.99 40.17
CA LEU E 102 8.58 63.90 40.59
C LEU E 102 9.02 65.21 41.26
N ALA E 103 8.71 66.34 40.63
CA ALA E 103 9.06 67.65 41.18
C ALA E 103 8.62 67.78 42.64
N GLN E 104 7.39 67.37 42.94
CA GLN E 104 6.87 67.45 44.31
C GLN E 104 7.60 66.54 45.28
N ALA E 105 8.07 65.39 44.79
CA ALA E 105 8.80 64.46 45.66
C ALA E 105 10.06 65.19 46.12
N LYS E 106 10.76 65.80 45.17
CA LYS E 106 11.97 66.54 45.45
C LYS E 106 11.71 67.65 46.48
N GLU E 107 10.62 68.38 46.28
CA GLU E 107 10.27 69.45 47.19
C GLU E 107 10.07 68.89 48.60
N LEU E 108 9.49 67.70 48.67
CA LEU E 108 9.24 67.05 49.95
C LEU E 108 10.53 66.60 50.61
N PHE E 109 11.46 66.05 49.83
CA PHE E 109 12.74 65.60 50.38
C PHE E 109 13.57 66.81 50.80
N ALA E 110 13.51 67.88 50.01
CA ALA E 110 14.25 69.11 50.30
C ALA E 110 13.82 69.70 51.65
N LEU E 111 12.51 69.83 51.84
CA LEU E 111 11.98 70.39 53.10
C LEU E 111 12.35 69.50 54.28
N ALA E 112 12.39 68.19 54.07
CA ALA E 112 12.72 67.25 55.14
C ALA E 112 14.19 67.36 55.54
N LYS E 113 15.06 67.63 54.57
CA LYS E 113 16.49 67.76 54.83
C LYS E 113 16.80 69.02 55.63
N SER E 114 16.11 70.11 55.31
CA SER E 114 16.31 71.38 55.99
C SER E 114 15.97 71.27 57.47
N LYS E 115 15.06 70.36 57.80
CA LYS E 115 14.62 70.15 59.18
C LYS E 115 15.24 68.90 59.82
N GLY E 116 16.10 68.22 59.06
CA GLY E 116 16.72 67.02 59.56
C GLY E 116 15.71 65.94 59.91
N LEU E 117 14.63 65.87 59.13
CA LEU E 117 13.61 64.87 59.37
C LEU E 117 13.55 63.86 58.21
N THR E 118 12.85 62.76 58.43
CA THR E 118 12.73 61.74 57.41
C THR E 118 11.34 61.72 56.82
N VAL E 119 11.27 61.68 55.49
CA VAL E 119 10.00 61.60 54.78
C VAL E 119 10.22 60.46 53.81
N THR E 120 9.32 59.48 53.82
CA THR E 120 9.49 58.32 52.97
C THR E 120 8.17 57.66 52.58
N PRO E 121 8.17 56.88 51.48
CA PRO E 121 6.95 56.20 51.04
C PRO E 121 6.82 54.87 51.81
N TYR E 122 5.62 54.31 51.82
CA TYR E 122 5.34 53.05 52.49
C TYR E 122 5.45 51.93 51.44
N GLN E 123 6.63 51.32 51.33
CA GLN E 123 6.84 50.26 50.36
C GLN E 123 6.85 48.91 51.07
N ASN E 124 5.74 48.59 51.70
CA ASN E 124 5.59 47.34 52.44
C ASN E 124 5.87 46.08 51.61
N ARG E 125 5.68 46.16 50.29
CA ARG E 125 5.91 44.99 49.46
C ARG E 125 7.38 44.59 49.33
N ARG E 126 8.25 45.32 50.00
CA ARG E 126 9.66 44.96 50.00
C ARG E 126 9.76 43.83 51.02
N PHE E 127 8.67 43.59 51.74
CA PHE E 127 8.64 42.53 52.73
C PHE E 127 7.59 41.46 52.40
N ASP E 128 7.24 41.37 51.11
CA ASP E 128 6.31 40.35 50.64
C ASP E 128 7.15 39.07 50.63
N SER E 129 6.57 37.95 51.07
CA SER E 129 7.29 36.68 51.13
C SER E 129 7.79 36.22 49.76
N CYS E 130 6.94 36.35 48.74
CA CYS E 130 7.31 35.94 47.40
C CYS E 130 8.57 36.70 46.95
N PHE E 131 8.58 38.02 47.17
CA PHE E 131 9.72 38.85 46.83
C PHE E 131 10.93 38.47 47.70
N LEU E 132 10.70 38.31 49.00
CA LEU E 132 11.80 37.95 49.91
C LEU E 132 12.43 36.61 49.50
N THR E 133 11.61 35.68 49.02
CA THR E 133 12.13 34.39 48.59
C THR E 133 13.02 34.57 47.34
N ALA E 134 12.55 35.39 46.40
CA ALA E 134 13.30 35.67 45.18
C ALA E 134 14.63 36.34 45.53
N LYS E 135 14.55 37.32 46.43
CA LYS E 135 15.72 38.06 46.89
C LYS E 135 16.75 37.09 47.49
N LYS E 136 16.27 36.13 48.26
CA LYS E 136 17.13 35.13 48.90
C LYS E 136 17.86 34.30 47.84
N ALA E 137 17.10 33.82 46.86
CA ALA E 137 17.67 33.01 45.79
C ALA E 137 18.78 33.79 45.08
N ILE E 138 18.53 35.06 44.80
CA ILE E 138 19.54 35.89 44.12
C ILE E 138 20.77 36.12 44.98
N GLU E 139 20.57 36.47 46.25
CA GLU E 139 21.69 36.72 47.15
C GLU E 139 22.43 35.44 47.51
N SER E 140 21.85 34.28 47.19
CA SER E 140 22.50 33.01 47.50
C SER E 140 23.71 32.78 46.59
N GLY E 141 23.69 33.41 45.41
CA GLY E 141 24.79 33.24 44.48
C GLY E 141 24.72 31.90 43.74
N LYS E 142 23.76 31.09 44.13
CA LYS E 142 23.57 29.77 43.52
C LYS E 142 23.20 29.87 42.03
N LEU E 143 22.59 30.99 41.64
CA LEU E 143 22.17 31.18 40.26
C LEU E 143 23.29 31.72 39.38
N GLY E 144 24.36 32.22 40.00
CA GLY E 144 25.44 32.78 39.20
C GLY E 144 25.07 34.18 38.77
N GLU E 145 25.66 34.66 37.67
CA GLU E 145 25.35 36.00 37.18
C GLU E 145 23.89 36.06 36.75
N ILE E 146 23.14 37.00 37.31
CA ILE E 146 21.72 37.15 36.98
C ILE E 146 21.58 37.85 35.64
N VAL E 147 20.79 37.26 34.74
CA VAL E 147 20.61 37.83 33.40
C VAL E 147 19.17 38.25 33.09
N GLU E 148 18.23 37.76 33.88
CA GLU E 148 16.82 38.08 33.68
C GLU E 148 15.97 37.88 34.93
N VAL E 149 15.08 38.84 35.18
CA VAL E 149 14.17 38.80 36.32
C VAL E 149 12.82 39.20 35.76
N GLU E 150 11.78 38.44 36.08
CA GLU E 150 10.44 38.75 35.59
C GLU E 150 9.46 38.77 36.77
N SER E 151 8.68 39.84 36.87
CA SER E 151 7.72 40.00 37.96
C SER E 151 6.32 40.25 37.40
N HIS E 152 5.36 39.49 37.88
CA HIS E 152 3.97 39.63 37.43
C HIS E 152 3.03 40.00 38.57
N PHE E 153 2.03 40.82 38.24
CA PHE E 153 1.01 41.21 39.20
C PHE E 153 -0.24 41.36 38.34
N ASP E 154 -0.89 40.23 38.05
CA ASP E 154 -2.07 40.20 37.20
C ASP E 154 -3.36 39.81 37.90
N TYR E 155 -4.47 40.01 37.20
CA TYR E 155 -5.80 39.65 37.71
C TYR E 155 -6.57 39.17 36.50
N TYR E 156 -7.73 38.55 36.75
CA TYR E 156 -8.63 38.20 35.67
C TYR E 156 -9.90 38.94 36.08
N ARG E 157 -10.03 40.18 35.59
CA ARG E 157 -11.20 41.04 35.88
C ARG E 157 -11.54 41.71 34.56
N PRO E 158 -12.19 40.97 33.65
CA PRO E 158 -12.58 41.46 32.33
C PRO E 158 -13.50 42.68 32.28
N VAL E 159 -14.34 42.84 33.29
CA VAL E 159 -15.26 43.97 33.29
C VAL E 159 -14.69 45.17 34.02
N ALA E 160 -14.60 46.28 33.30
CA ALA E 160 -14.09 47.52 33.87
C ALA E 160 -15.16 48.58 33.72
N GLU E 161 -15.67 49.09 34.83
CA GLU E 161 -16.69 50.12 34.75
C GLU E 161 -16.06 51.40 34.24
N THR E 162 -16.83 52.14 33.46
CA THR E 162 -16.38 53.39 32.88
C THR E 162 -15.96 54.38 33.96
N LYS E 163 -14.67 54.75 33.95
CA LYS E 163 -14.12 55.67 34.94
C LYS E 163 -12.95 56.44 34.33
N PRO E 164 -13.23 57.57 33.65
CA PRO E 164 -12.14 58.35 33.04
C PRO E 164 -11.14 58.82 34.08
N GLY E 165 -9.90 59.05 33.67
CA GLY E 165 -8.91 59.49 34.64
C GLY E 165 -7.61 59.96 34.00
N LEU E 166 -6.63 60.21 34.86
CA LEU E 166 -5.32 60.67 34.44
C LEU E 166 -4.34 59.51 34.44
N PRO E 167 -3.12 59.74 33.92
CA PRO E 167 -2.11 58.69 33.90
C PRO E 167 -1.91 58.11 35.30
N GLN E 168 -1.97 58.98 36.31
CA GLN E 168 -1.79 58.55 37.70
C GLN E 168 -2.89 57.61 38.14
N ASP E 169 -3.99 57.56 37.41
CA ASP E 169 -5.07 56.66 37.78
C ASP E 169 -5.02 55.32 37.07
N GLY E 170 -3.96 55.09 36.30
CA GLY E 170 -3.84 53.84 35.57
C GLY E 170 -3.09 52.75 36.34
N ALA E 171 -2.99 51.56 35.73
CA ALA E 171 -2.32 50.43 36.35
C ALA E 171 -0.80 50.58 36.46
N PHE E 172 -0.18 51.28 35.50
CA PHE E 172 1.28 51.46 35.55
C PHE E 172 1.63 52.22 36.83
N TYR E 173 0.99 53.36 37.04
CA TYR E 173 1.21 54.12 38.26
C TYR E 173 0.72 53.32 39.47
N GLY E 174 -0.52 52.84 39.37
CA GLY E 174 -1.13 52.11 40.46
C GLY E 174 -0.46 50.83 40.94
N LEU E 175 0.06 50.03 40.02
CA LEU E 175 0.70 48.79 40.40
C LEU E 175 2.21 48.82 40.18
N GLY E 176 2.62 49.49 39.10
CA GLY E 176 4.03 49.58 38.79
C GLY E 176 4.87 50.22 39.89
N VAL E 177 4.27 51.13 40.65
CA VAL E 177 5.01 51.77 41.71
C VAL E 177 5.59 50.74 42.69
N HIS E 178 4.81 49.73 43.03
CA HIS E 178 5.28 48.68 43.95
C HIS E 178 6.23 47.71 43.28
N THR E 179 5.79 47.15 42.16
CA THR E 179 6.57 46.17 41.42
C THR E 179 7.91 46.72 40.92
N MSE E 180 7.93 47.92 40.36
CA MSE E 180 9.20 48.48 39.91
C MSE E 180 10.09 48.82 41.09
O MSE E 180 11.32 48.74 41.01
CB MSE E 180 8.99 49.73 39.06
CG MSE E 180 8.45 49.44 37.68
SE MSE E 180 8.95 50.86 36.48
CE MSE E 180 7.80 52.25 37.18
N ASP E 181 9.47 49.21 42.19
CA ASP E 181 10.22 49.55 43.39
C ASP E 181 11.00 48.32 43.86
N GLN E 182 10.39 47.13 43.75
CA GLN E 182 11.06 45.92 44.17
C GLN E 182 12.30 45.68 43.33
N ILE E 183 12.20 45.93 42.04
CA ILE E 183 13.33 45.73 41.12
C ILE E 183 14.42 46.76 41.42
N ILE E 184 14.01 48.01 41.57
CA ILE E 184 14.95 49.08 41.88
C ILE E 184 15.66 48.83 43.22
N SER E 185 14.96 48.22 44.17
CA SER E 185 15.58 47.97 45.46
C SER E 185 16.65 46.88 45.33
N LEU E 186 16.56 46.10 44.26
CA LEU E 186 17.52 45.02 44.03
C LEU E 186 18.69 45.41 43.15
N PHE E 187 18.42 46.17 42.10
CA PHE E 187 19.47 46.53 41.16
C PHE E 187 19.75 48.01 40.96
N GLY E 188 18.96 48.88 41.59
CA GLY E 188 19.19 50.30 41.45
C GLY E 188 18.56 50.97 40.24
N ARG E 189 19.23 51.98 39.72
CA ARG E 189 18.76 52.72 38.56
C ARG E 189 19.24 52.09 37.25
N PRO E 190 18.31 51.80 36.33
CA PRO E 190 18.65 51.19 35.04
C PRO E 190 19.21 52.18 34.01
N ASP E 191 19.77 51.65 32.93
CA ASP E 191 20.33 52.45 31.85
C ASP E 191 19.26 52.79 30.83
N HIS E 192 18.38 51.84 30.55
CA HIS E 192 17.30 52.03 29.56
C HIS E 192 15.99 51.45 30.09
N VAL E 193 14.88 51.90 29.51
CA VAL E 193 13.56 51.38 29.88
C VAL E 193 12.65 51.32 28.66
N ALA E 194 12.05 50.16 28.45
CA ALA E 194 11.13 49.98 27.33
C ALA E 194 9.73 49.88 27.91
N TYR E 195 8.81 50.65 27.36
CA TYR E 195 7.42 50.67 27.83
C TYR E 195 6.40 50.14 26.85
N ASP E 196 5.40 49.49 27.41
CA ASP E 196 4.24 48.97 26.69
C ASP E 196 3.11 49.30 27.68
N ILE E 197 2.27 50.26 27.29
CA ILE E 197 1.18 50.71 28.15
C ILE E 197 -0.10 50.77 27.31
N ARG E 198 -1.13 50.05 27.72
CA ARG E 198 -2.38 50.06 26.97
C ARG E 198 -3.67 49.90 27.79
N SER E 199 -4.78 50.31 27.18
CA SER E 199 -6.10 50.26 27.80
C SER E 199 -6.90 49.23 27.00
N LEU E 200 -7.07 48.05 27.57
CA LEU E 200 -7.76 46.97 26.88
C LEU E 200 -9.24 46.73 27.15
N ARG E 201 -9.64 46.82 28.41
CA ARG E 201 -11.03 46.55 28.79
C ARG E 201 -12.04 47.64 28.46
N ASN E 202 -11.69 48.88 28.75
CA ASN E 202 -12.61 49.99 28.52
C ASN E 202 -11.83 51.21 28.02
N LYS E 203 -11.98 51.52 26.74
CA LYS E 203 -11.27 52.65 26.12
C LYS E 203 -11.45 54.03 26.77
N ALA E 204 -12.48 54.19 27.59
CA ALA E 204 -12.70 55.47 28.26
C ALA E 204 -11.74 55.63 29.45
N ASN E 205 -11.22 54.50 29.93
CA ASN E 205 -10.35 54.46 31.10
C ASN E 205 -8.84 54.57 30.88
N PRO E 206 -8.12 54.96 31.94
CA PRO E 206 -6.66 55.07 31.84
C PRO E 206 -6.12 53.65 31.63
N ASP E 207 -4.84 53.51 31.30
CA ASP E 207 -4.25 52.18 31.06
C ASP E 207 -4.56 51.12 32.12
N ASP E 208 -4.73 49.88 31.68
CA ASP E 208 -5.00 48.79 32.62
C ASP E 208 -4.05 47.64 32.33
N THR E 209 -3.05 47.90 31.49
CA THR E 209 -2.11 46.86 31.08
C THR E 209 -0.73 47.45 30.82
N PHE E 210 0.30 46.86 31.42
CA PHE E 210 1.64 47.37 31.16
C PHE E 210 2.75 46.35 31.33
N GLU E 211 3.86 46.66 30.67
CA GLU E 211 5.06 45.87 30.74
C GLU E 211 6.20 46.88 30.64
N ALA E 212 7.03 46.93 31.67
CA ALA E 212 8.16 47.83 31.68
C ALA E 212 9.39 46.97 31.81
N GLN E 213 10.34 47.19 30.92
CA GLN E 213 11.59 46.44 30.93
C GLN E 213 12.72 47.38 31.33
N LEU E 214 13.36 47.05 32.45
CA LEU E 214 14.46 47.86 32.97
C LEU E 214 15.77 47.17 32.63
N PHE E 215 16.65 47.89 31.95
CA PHE E 215 17.93 47.34 31.54
C PHE E 215 19.12 47.80 32.38
N TYR E 216 19.81 46.84 32.99
CA TYR E 216 20.99 47.11 33.81
C TYR E 216 22.14 46.41 33.10
N GLY E 217 22.71 47.07 32.09
CA GLY E 217 23.79 46.45 31.34
C GLY E 217 23.24 45.28 30.56
N ASP E 218 23.59 44.06 30.98
CA ASP E 218 23.09 42.88 30.28
C ASP E 218 21.95 42.22 31.03
N LEU E 219 21.62 42.75 32.19
CA LEU E 219 20.52 42.23 32.99
C LEU E 219 19.25 42.97 32.61
N LYS E 220 18.18 42.22 32.36
CA LYS E 220 16.92 42.83 32.02
C LYS E 220 15.88 42.38 33.04
N ALA E 221 15.26 43.35 33.68
CA ALA E 221 14.21 43.10 34.67
C ALA E 221 12.90 43.46 34.00
N ILE E 222 11.94 42.53 34.05
CA ILE E 222 10.64 42.74 33.43
C ILE E 222 9.54 42.83 34.47
N VAL E 223 8.79 43.92 34.42
CA VAL E 223 7.66 44.11 35.30
C VAL E 223 6.42 44.22 34.42
N LYS E 224 5.37 43.49 34.76
CA LYS E 224 4.16 43.60 33.96
C LYS E 224 2.90 43.21 34.71
N THR E 225 1.81 43.84 34.28
CA THR E 225 0.52 43.60 34.88
C THR E 225 -0.55 43.68 33.80
N SER E 226 -1.59 42.89 34.00
CA SER E 226 -2.71 42.85 33.08
C SER E 226 -3.90 42.37 33.88
N HIS E 227 -5.08 42.78 33.46
CA HIS E 227 -6.31 42.37 34.13
C HIS E 227 -7.00 41.29 33.32
N LEU E 228 -6.30 40.75 32.33
CA LEU E 228 -6.86 39.70 31.48
C LEU E 228 -5.91 38.49 31.41
N VAL E 229 -5.70 37.85 32.56
CA VAL E 229 -4.84 36.67 32.65
C VAL E 229 -5.60 35.60 33.44
N LYS E 230 -6.26 34.68 32.72
CA LYS E 230 -7.02 33.62 33.37
C LYS E 230 -6.10 32.63 34.06
N ILE E 231 -5.07 32.15 33.35
CA ILE E 231 -4.08 31.23 33.93
C ILE E 231 -2.85 32.04 34.27
N ASP E 232 -2.57 32.15 35.57
CA ASP E 232 -1.44 32.94 36.07
C ASP E 232 -0.03 32.54 35.68
N TYR E 233 0.82 33.56 35.57
CA TYR E 233 2.23 33.37 35.27
C TYR E 233 2.86 33.18 36.64
N PRO E 234 4.15 32.85 36.69
CA PRO E 234 4.74 32.70 38.03
C PRO E 234 4.79 34.13 38.58
N LYS E 235 4.76 34.27 39.90
CA LYS E 235 4.86 35.59 40.50
C LYS E 235 6.23 36.16 40.14
N PHE E 236 7.26 35.32 40.29
CA PHE E 236 8.65 35.71 40.00
C PHE E 236 9.43 34.65 39.23
N ILE E 237 10.20 35.11 38.25
CA ILE E 237 11.06 34.23 37.46
C ILE E 237 12.44 34.88 37.45
N VAL E 238 13.46 34.10 37.79
CA VAL E 238 14.82 34.64 37.78
C VAL E 238 15.72 33.65 37.07
N HIS E 239 16.46 34.13 36.08
CA HIS E 239 17.38 33.28 35.35
C HIS E 239 18.81 33.81 35.48
N GLY E 240 19.71 32.89 35.81
CA GLY E 240 21.12 33.22 35.95
C GLY E 240 21.90 32.24 35.10
N LYS E 241 23.18 32.51 34.89
CA LYS E 241 24.00 31.63 34.07
C LYS E 241 24.15 30.22 34.64
N LYS E 242 23.91 30.05 35.93
CA LYS E 242 24.03 28.74 36.56
C LYS E 242 22.72 28.09 36.95
N GLY E 243 21.61 28.83 36.85
CA GLY E 243 20.33 28.24 37.22
C GLY E 243 19.10 29.12 37.07
N SER E 244 17.98 28.62 37.60
CA SER E 244 16.71 29.34 37.53
C SER E 244 15.94 29.25 38.85
N PHE E 245 15.15 30.28 39.12
CA PHE E 245 14.30 30.35 40.30
C PHE E 245 12.92 30.67 39.78
N ILE E 246 11.93 29.87 40.21
CA ILE E 246 10.54 30.04 39.81
C ILE E 246 9.67 30.06 41.05
N LYS E 247 8.82 31.07 41.18
CA LYS E 247 7.92 31.17 42.33
C LYS E 247 6.49 31.46 41.88
N TYR E 248 5.59 30.54 42.17
CA TYR E 248 4.19 30.74 41.85
C TYR E 248 3.51 31.16 43.15
N GLY E 249 2.51 32.04 43.05
CA GLY E 249 1.82 32.49 44.24
C GLY E 249 2.38 33.77 44.84
N ILE E 250 1.48 34.61 45.33
CA ILE E 250 1.87 35.88 45.92
C ILE E 250 1.80 35.79 47.44
N ASP E 251 2.44 36.74 48.11
CA ASP E 251 2.44 36.82 49.56
C ASP E 251 1.00 36.76 50.05
N GLN E 252 0.74 35.93 51.05
CA GLN E 252 -0.61 35.73 51.57
C GLN E 252 -1.09 36.64 52.71
N GLN E 253 -0.31 37.66 53.08
CA GLN E 253 -0.75 38.55 54.16
C GLN E 253 -2.08 39.20 53.82
N GLU E 254 -2.20 39.77 52.62
CA GLU E 254 -3.44 40.42 52.21
C GLU E 254 -4.63 39.46 52.34
N THR E 255 -4.40 38.20 51.97
CA THR E 255 -5.42 37.15 52.03
C THR E 255 -5.90 36.90 53.45
N SER E 256 -4.96 36.78 54.38
CA SER E 256 -5.29 36.54 55.78
C SER E 256 -5.99 37.75 56.39
N LEU E 257 -5.44 38.93 56.15
CA LEU E 257 -6.01 40.16 56.67
C LEU E 257 -7.46 40.33 56.21
N LYS E 258 -7.71 40.12 54.92
CA LYS E 258 -9.07 40.25 54.39
C LYS E 258 -9.99 39.23 55.07
N ALA E 259 -9.43 38.06 55.39
CA ALA E 259 -10.20 37.01 56.05
C ALA E 259 -10.20 37.21 57.56
N ASN E 260 -9.95 38.46 57.97
CA ASN E 260 -9.90 38.83 59.38
C ASN E 260 -8.97 37.96 60.23
N ILE E 261 -7.73 37.82 59.76
CA ILE E 261 -6.72 37.04 60.47
C ILE E 261 -5.50 37.93 60.66
N MSE E 262 -5.31 38.43 61.88
CA MSE E 262 -4.21 39.32 62.20
C MSE E 262 -2.87 38.61 62.35
O MSE E 262 -2.81 37.41 62.59
CB MSE E 262 -4.52 40.08 63.49
CG MSE E 262 -5.87 40.80 63.46
SE MSE E 262 -6.06 41.91 61.90
CE MSE E 262 -7.19 40.74 60.84
N PRO E 263 -1.77 39.37 62.23
CA PRO E 263 -0.42 38.79 62.36
C PRO E 263 -0.29 37.98 63.64
N GLY E 264 0.51 36.93 63.60
CA GLY E 264 0.72 36.11 64.78
C GLY E 264 -0.36 35.08 65.08
N GLU E 265 -1.58 35.33 64.61
CA GLU E 265 -2.67 34.39 64.86
C GLU E 265 -2.42 33.11 64.06
N PRO E 266 -3.09 32.01 64.44
CA PRO E 266 -2.92 30.74 63.74
C PRO E 266 -3.37 30.77 62.28
N GLY E 267 -2.48 30.34 61.39
CA GLY E 267 -2.80 30.32 59.97
C GLY E 267 -2.58 31.63 59.25
N PHE E 268 -1.98 32.60 59.92
CA PHE E 268 -1.71 33.89 59.29
C PHE E 268 -0.79 33.72 58.09
N ALA E 269 -1.20 34.28 56.95
CA ALA E 269 -0.41 34.20 55.73
C ALA E 269 0.06 32.78 55.44
N ALA E 270 -0.84 31.81 55.61
CA ALA E 270 -0.51 30.41 55.34
C ALA E 270 -0.19 30.27 53.86
N ASP E 271 0.91 29.62 53.54
CA ASP E 271 1.31 29.46 52.14
C ASP E 271 1.91 28.09 51.83
N ASP E 272 1.23 27.32 50.99
CA ASP E 272 1.70 26.00 50.60
C ASP E 272 2.72 26.05 49.47
N SER E 273 2.67 27.10 48.67
CA SER E 273 3.59 27.24 47.55
C SER E 273 5.04 27.14 47.99
N VAL E 274 5.94 27.01 47.02
CA VAL E 274 7.36 26.91 47.30
C VAL E 274 8.16 27.57 46.18
N GLY E 275 9.33 28.09 46.52
CA GLY E 275 10.18 28.70 45.52
C GLY E 275 11.04 27.59 44.96
N VAL E 276 11.00 27.40 43.65
CA VAL E 276 11.80 26.35 43.04
C VAL E 276 13.11 26.88 42.53
N LEU E 277 14.18 26.23 42.94
CA LEU E 277 15.52 26.62 42.52
C LEU E 277 16.21 25.42 41.88
N GLU E 278 16.65 25.57 40.65
CA GLU E 278 17.36 24.50 39.96
C GLU E 278 18.64 25.14 39.46
N TYR E 279 19.77 24.54 39.81
CA TYR E 279 21.05 25.12 39.41
C TYR E 279 22.16 24.09 39.35
N VAL E 280 23.28 24.48 38.75
CA VAL E 280 24.45 23.61 38.63
C VAL E 280 25.42 24.01 39.75
N ASN E 281 25.62 23.12 40.72
CA ASN E 281 26.54 23.45 41.81
C ASN E 281 27.99 23.46 41.36
N ASP E 282 28.89 23.79 42.27
CA ASP E 282 30.31 23.85 41.96
C ASP E 282 30.89 22.56 41.39
N GLU E 283 30.24 21.44 41.68
CA GLU E 283 30.70 20.14 41.19
C GLU E 283 30.17 19.83 39.79
N GLY E 284 29.47 20.78 39.20
CA GLY E 284 28.92 20.58 37.86
C GLY E 284 27.65 19.76 37.82
N VAL E 285 27.14 19.42 39.00
CA VAL E 285 25.92 18.62 39.09
C VAL E 285 24.67 19.48 39.28
N THR E 286 23.65 19.20 38.49
CA THR E 286 22.39 19.94 38.55
C THR E 286 21.65 19.54 39.82
N VAL E 287 21.34 20.55 40.63
CA VAL E 287 20.63 20.35 41.89
C VAL E 287 19.30 21.09 41.88
N ARG E 288 18.32 20.50 42.54
CA ARG E 288 16.99 21.07 42.62
C ARG E 288 16.57 21.22 44.09
N GLU E 289 16.16 22.43 44.46
CA GLU E 289 15.74 22.73 45.82
C GLU E 289 14.40 23.43 45.86
N GLU E 290 13.58 23.05 46.84
CA GLU E 290 12.27 23.68 47.00
C GLU E 290 12.37 24.52 48.26
N MSE E 291 12.39 25.83 48.06
CA MSE E 291 12.51 26.79 49.16
C MSE E 291 11.16 27.08 49.80
O MSE E 291 10.19 27.42 49.11
CB MSE E 291 13.10 28.10 48.64
CG MSE E 291 14.45 27.93 47.96
SE MSE E 291 14.94 29.55 47.03
CE MSE E 291 15.49 30.63 48.54
N LYS E 292 11.11 26.92 51.11
CA LYS E 292 9.89 27.21 51.84
C LYS E 292 9.83 28.73 51.80
N PRO E 293 8.68 29.31 51.43
CA PRO E 293 8.55 30.77 51.38
C PRO E 293 9.08 31.51 52.60
N GLU E 294 9.87 32.56 52.37
CA GLU E 294 10.39 33.38 53.46
C GLU E 294 9.17 34.00 54.15
N MSE E 295 9.30 34.31 55.44
CA MSE E 295 8.18 34.89 56.18
C MSE E 295 7.96 36.35 55.77
O MSE E 295 8.87 37.16 55.83
CB MSE E 295 8.45 34.83 57.68
CG MSE E 295 7.32 35.43 58.51
SE MSE E 295 7.78 35.69 60.37
CE MSE E 295 8.35 37.54 60.29
N GLY E 296 6.72 36.67 55.39
CA GLY E 296 6.41 38.04 55.01
C GLY E 296 5.93 38.83 56.20
N ASP E 297 6.35 40.08 56.33
CA ASP E 297 5.95 40.92 57.46
C ASP E 297 6.02 42.42 57.15
N TYR E 298 4.88 43.01 56.79
CA TYR E 298 4.82 44.42 56.46
C TYR E 298 5.29 45.29 57.63
N GLY E 299 5.16 44.75 58.85
CA GLY E 299 5.58 45.47 60.04
C GLY E 299 7.06 45.81 60.05
N ARG E 300 7.85 45.15 59.21
CA ARG E 300 9.29 45.42 59.16
C ARG E 300 9.58 46.84 58.70
N VAL E 301 8.56 47.52 58.18
CA VAL E 301 8.74 48.90 57.75
C VAL E 301 8.84 49.78 58.99
N TYR E 302 8.00 49.49 59.99
CA TYR E 302 8.01 50.26 61.22
C TYR E 302 9.24 49.93 62.06
N ASP E 303 9.77 48.72 61.91
CA ASP E 303 10.97 48.35 62.65
C ASP E 303 12.13 49.14 62.07
N ALA E 304 12.14 49.31 60.75
CA ALA E 304 13.19 50.06 60.07
C ALA E 304 13.11 51.54 60.44
N LEU E 305 11.89 52.07 60.47
CA LEU E 305 11.69 53.47 60.83
C LEU E 305 12.06 53.68 62.29
N TYR E 306 11.83 52.66 63.11
CA TYR E 306 12.16 52.75 64.53
C TYR E 306 13.66 53.03 64.70
N GLN E 307 14.49 52.29 63.95
CA GLN E 307 15.94 52.45 64.02
C GLN E 307 16.43 53.74 63.34
N THR E 308 15.67 54.22 62.37
CA THR E 308 16.05 55.44 61.67
C THR E 308 15.84 56.65 62.56
N ILE E 309 14.72 56.64 63.29
CA ILE E 309 14.39 57.74 64.18
C ILE E 309 15.16 57.66 65.50
N THR E 310 15.28 56.45 66.04
CA THR E 310 15.97 56.24 67.31
C THR E 310 17.50 56.28 67.24
N HIS E 311 18.08 55.56 66.29
CA HIS E 311 19.53 55.52 66.17
C HIS E 311 20.11 56.20 64.94
N GLY E 312 19.25 56.85 64.15
CA GLY E 312 19.74 57.53 62.96
C GLY E 312 20.11 56.61 61.80
N ALA E 313 19.71 55.35 61.88
CA ALA E 313 19.99 54.38 60.81
C ALA E 313 19.42 54.88 59.50
N PRO E 314 20.09 54.59 58.38
CA PRO E 314 19.60 55.04 57.07
C PRO E 314 18.18 54.51 56.79
N ASN E 315 17.39 55.30 56.05
CA ASN E 315 16.02 54.91 55.73
C ASN E 315 15.99 53.63 54.89
N TYR E 316 15.05 52.74 55.19
CA TYR E 316 14.94 51.48 54.46
C TYR E 316 14.79 51.70 52.96
N VAL E 317 14.22 52.84 52.59
CA VAL E 317 14.05 53.20 51.18
C VAL E 317 14.94 54.40 50.89
N LYS E 318 15.87 54.24 49.96
CA LYS E 318 16.77 55.34 49.64
C LYS E 318 16.06 56.37 48.78
N GLU E 319 16.39 57.64 49.00
CA GLU E 319 15.80 58.75 48.27
C GLU E 319 15.89 58.53 46.76
N SER E 320 17.09 58.16 46.29
CA SER E 320 17.34 57.92 44.88
C SER E 320 16.39 56.88 44.30
N GLU E 321 16.00 55.91 45.10
CA GLU E 321 15.08 54.87 44.67
C GLU E 321 13.68 55.44 44.44
N VAL E 322 13.25 56.36 45.30
CA VAL E 322 11.93 56.96 45.16
C VAL E 322 11.91 57.80 43.88
N LEU E 323 12.92 58.64 43.72
CA LEU E 323 13.01 59.51 42.55
C LEU E 323 13.12 58.72 41.25
N THR E 324 13.88 57.63 41.29
CA THR E 324 14.06 56.77 40.11
C THR E 324 12.70 56.22 39.68
N ASN E 325 11.96 55.69 40.65
CA ASN E 325 10.65 55.11 40.39
C ASN E 325 9.72 56.14 39.74
N LEU E 326 9.66 57.34 40.30
CA LEU E 326 8.81 58.41 39.76
C LEU E 326 9.22 58.86 38.37
N GLU E 327 10.52 58.98 38.13
CA GLU E 327 10.99 59.40 36.82
C GLU E 327 10.58 58.39 35.75
N ILE E 328 10.81 57.12 36.04
CA ILE E 328 10.46 56.07 35.10
C ILE E 328 8.97 56.09 34.77
N LEU E 329 8.14 56.27 35.80
CA LEU E 329 6.70 56.32 35.58
C LEU E 329 6.35 57.49 34.66
N GLU E 330 6.87 58.67 34.96
CA GLU E 330 6.57 59.85 34.13
C GLU E 330 7.09 59.75 32.71
N ARG E 331 8.32 59.29 32.53
CA ARG E 331 8.85 59.21 31.17
C ARG E 331 8.08 58.18 30.32
N GLY E 332 7.29 57.34 30.97
CA GLY E 332 6.53 56.35 30.23
C GLY E 332 5.44 57.01 29.39
N PHE E 333 5.10 58.24 29.74
CA PHE E 333 4.07 58.99 29.03
C PHE E 333 4.65 60.09 28.16
N GLU E 334 5.96 60.06 28.00
CA GLU E 334 6.69 61.05 27.19
C GLU E 334 6.24 60.98 25.74
N GLN E 335 6.00 59.77 25.26
CA GLN E 335 5.54 59.55 23.89
C GLN E 335 4.60 58.35 23.88
N ALA E 336 3.84 58.20 22.79
CA ALA E 336 2.90 57.10 22.65
C ALA E 336 3.58 55.74 22.80
N SER E 337 2.87 54.79 23.39
CA SER E 337 3.38 53.44 23.58
C SER E 337 3.27 52.68 22.27
N PRO E 338 4.22 51.77 21.98
CA PRO E 338 5.37 51.42 22.82
C PRO E 338 6.54 52.37 22.55
N SER E 339 7.46 52.46 23.50
CA SER E 339 8.61 53.34 23.36
C SER E 339 9.71 52.89 24.29
N THR E 340 10.91 53.41 24.07
CA THR E 340 12.07 53.09 24.90
C THR E 340 12.77 54.42 25.24
N VAL E 341 13.40 54.47 26.40
CA VAL E 341 14.13 55.66 26.83
C VAL E 341 15.43 55.26 27.49
N THR E 342 16.42 56.15 27.38
CA THR E 342 17.72 55.94 28.01
C THR E 342 17.73 56.95 29.16
N LEU E 343 17.97 56.48 30.37
CA LEU E 343 17.99 57.38 31.52
C LEU E 343 19.37 57.99 31.73
N ALA E 344 19.40 59.15 32.38
CA ALA E 344 20.64 59.84 32.69
C ALA E 344 20.78 59.71 34.20
N LYS E 345 19.61 59.58 34.84
CA LYS E 345 19.52 59.44 36.30
C LYS E 345 18.37 58.47 36.61
N VAL F 2 -55.45 -71.07 11.75
CA VAL F 2 -55.16 -70.40 10.45
C VAL F 2 -56.40 -69.71 9.90
N ILE F 3 -56.22 -68.50 9.39
CA ILE F 3 -57.33 -67.74 8.82
C ILE F 3 -57.30 -67.83 7.30
N ASN F 4 -58.45 -68.15 6.71
CA ASN F 4 -58.54 -68.23 5.26
C ASN F 4 -58.84 -66.84 4.75
N CYS F 5 -58.05 -66.36 3.80
CA CYS F 5 -58.26 -65.03 3.24
C CYS F 5 -58.48 -65.14 1.74
N ALA F 6 -59.02 -64.06 1.17
CA ALA F 6 -59.29 -63.98 -0.26
C ALA F 6 -58.88 -62.62 -0.82
N PHE F 7 -58.33 -62.62 -2.03
CA PHE F 7 -57.93 -61.38 -2.65
C PHE F 7 -58.85 -61.09 -3.81
N ILE F 8 -59.28 -59.84 -3.91
CA ILE F 8 -60.13 -59.40 -5.00
C ILE F 8 -59.17 -58.62 -5.91
N GLY F 9 -58.74 -59.26 -6.99
CA GLY F 9 -57.80 -58.63 -7.91
C GLY F 9 -56.44 -59.33 -7.86
N PHE F 10 -55.83 -59.51 -9.01
CA PHE F 10 -54.53 -60.16 -9.07
C PHE F 10 -53.51 -59.30 -9.82
N GLY F 11 -53.55 -58.00 -9.57
CA GLY F 11 -52.63 -57.10 -10.23
C GLY F 11 -51.27 -57.06 -9.56
N LYS F 12 -50.45 -56.10 -9.97
CA LYS F 12 -49.12 -55.96 -9.42
C LYS F 12 -49.15 -55.76 -7.89
N SER F 13 -50.10 -54.97 -7.40
CA SER F 13 -50.20 -54.72 -5.97
C SER F 13 -50.35 -56.04 -5.20
N THR F 14 -51.18 -56.93 -5.73
CA THR F 14 -51.41 -58.22 -5.10
C THR F 14 -50.13 -59.06 -5.04
N THR F 15 -49.55 -59.33 -6.20
CA THR F 15 -48.35 -60.15 -6.32
C THR F 15 -47.06 -59.56 -5.76
N ARG F 16 -47.00 -58.25 -5.55
CA ARG F 16 -45.79 -57.62 -5.04
C ARG F 16 -45.85 -57.15 -3.59
N TYR F 17 -46.93 -56.48 -3.22
CA TYR F 17 -47.07 -55.94 -1.88
C TYR F 17 -47.87 -56.77 -0.88
N HIS F 18 -48.50 -57.85 -1.34
CA HIS F 18 -49.28 -58.66 -0.41
C HIS F 18 -48.83 -60.13 -0.33
N LEU F 19 -49.08 -60.88 -1.40
CA LEU F 19 -48.73 -62.30 -1.43
C LEU F 19 -47.35 -62.66 -0.89
N PRO F 20 -46.32 -61.85 -1.20
CA PRO F 20 -44.99 -62.20 -0.67
C PRO F 20 -44.99 -62.27 0.86
N TYR F 21 -45.73 -61.36 1.49
CA TYR F 21 -45.82 -61.31 2.95
C TYR F 21 -46.79 -62.35 3.51
N VAL F 22 -47.89 -62.58 2.81
CA VAL F 22 -48.89 -63.54 3.27
C VAL F 22 -48.45 -65.00 3.08
N LEU F 23 -47.88 -65.30 1.91
CA LEU F 23 -47.42 -66.65 1.62
C LEU F 23 -46.20 -67.02 2.49
N ASN F 24 -45.75 -66.06 3.29
CA ASN F 24 -44.62 -66.28 4.16
C ASN F 24 -45.13 -66.59 5.58
N ARG F 25 -46.46 -66.61 5.72
CA ARG F 25 -47.11 -66.89 7.00
C ARG F 25 -48.14 -68.01 6.83
N LYS F 26 -47.72 -69.12 6.25
CA LYS F 26 -48.62 -70.26 6.00
C LYS F 26 -49.26 -70.82 7.26
N ASP F 27 -48.60 -70.68 8.40
CA ASP F 27 -49.13 -71.19 9.66
C ASP F 27 -50.16 -70.27 10.29
N SER F 28 -50.41 -69.12 9.66
CA SER F 28 -51.38 -68.17 10.20
C SER F 28 -52.42 -67.79 9.16
N TRP F 29 -52.05 -67.82 7.89
CA TRP F 29 -52.98 -67.46 6.82
C TRP F 29 -52.99 -68.45 5.69
N HIS F 30 -54.13 -68.53 5.02
CA HIS F 30 -54.26 -69.42 3.87
C HIS F 30 -55.01 -68.67 2.78
N VAL F 31 -54.35 -68.48 1.64
CA VAL F 31 -54.97 -67.78 0.53
C VAL F 31 -55.86 -68.79 -0.19
N ALA F 32 -57.13 -68.76 0.16
CA ALA F 32 -58.12 -69.68 -0.40
C ALA F 32 -58.61 -69.31 -1.78
N HIS F 33 -58.86 -68.03 -2.00
CA HIS F 33 -59.38 -67.57 -3.28
C HIS F 33 -58.70 -66.30 -3.80
N ILE F 34 -58.75 -66.15 -5.12
CA ILE F 34 -58.22 -64.95 -5.77
C ILE F 34 -59.13 -64.68 -6.95
N PHE F 35 -59.91 -63.62 -6.83
CA PHE F 35 -60.85 -63.22 -7.85
C PHE F 35 -60.13 -62.31 -8.85
N ARG F 36 -60.55 -62.36 -10.11
CA ARG F 36 -59.98 -61.56 -11.17
C ARG F 36 -60.55 -61.97 -12.52
N ARG F 37 -60.27 -61.19 -13.57
CA ARG F 37 -60.73 -61.54 -14.92
C ARG F 37 -59.53 -62.10 -15.69
N HIS F 38 -58.95 -61.30 -16.58
CA HIS F 38 -57.78 -61.76 -17.34
C HIS F 38 -56.81 -62.43 -16.35
N ALA F 39 -55.90 -63.25 -16.88
CA ALA F 39 -54.94 -63.93 -16.01
C ALA F 39 -53.59 -63.21 -16.01
N LYS F 40 -52.51 -63.99 -16.07
CA LYS F 40 -51.15 -63.44 -16.08
C LYS F 40 -50.21 -64.63 -16.04
N PRO F 41 -49.21 -64.65 -16.93
CA PRO F 41 -48.25 -65.77 -16.97
C PRO F 41 -47.53 -65.91 -15.64
N GLU F 42 -48.00 -65.13 -14.66
CA GLU F 42 -47.43 -65.14 -13.32
C GLU F 42 -48.32 -66.01 -12.42
N GLU F 43 -49.27 -66.72 -13.04
CA GLU F 43 -50.17 -67.62 -12.32
C GLU F 43 -49.70 -69.07 -12.43
N GLN F 44 -49.07 -69.39 -13.56
CA GLN F 44 -48.55 -70.73 -13.80
C GLN F 44 -47.49 -71.11 -12.77
N ALA F 45 -47.14 -70.16 -11.90
CA ALA F 45 -46.12 -70.40 -10.89
C ALA F 45 -46.56 -71.34 -9.77
N PRO F 46 -45.63 -72.17 -9.28
CA PRO F 46 -45.88 -73.14 -8.22
C PRO F 46 -46.30 -72.49 -6.90
N ILE F 47 -45.70 -71.34 -6.58
CA ILE F 47 -46.03 -70.64 -5.35
C ILE F 47 -47.52 -70.35 -5.18
N TYR F 48 -48.26 -70.33 -6.29
CA TYR F 48 -49.69 -70.07 -6.20
C TYR F 48 -50.47 -71.35 -6.49
N SER F 49 -49.75 -72.46 -6.56
CA SER F 49 -50.34 -73.77 -6.83
C SER F 49 -51.51 -74.16 -5.92
N HIS F 50 -51.44 -73.73 -4.66
CA HIS F 50 -52.49 -74.06 -3.69
C HIS F 50 -53.71 -73.14 -3.76
N ILE F 51 -53.61 -72.06 -4.54
CA ILE F 51 -54.71 -71.11 -4.64
C ILE F 51 -55.74 -71.35 -5.73
N HIS F 52 -57.00 -71.10 -5.39
CA HIS F 52 -58.10 -71.27 -6.31
C HIS F 52 -58.41 -69.93 -6.99
N PHE F 53 -57.88 -69.74 -8.20
CA PHE F 53 -58.15 -68.50 -8.93
C PHE F 53 -59.54 -68.62 -9.55
N THR F 54 -60.35 -67.57 -9.45
CA THR F 54 -61.70 -67.61 -9.99
C THR F 54 -62.13 -66.31 -10.64
N SER F 55 -63.05 -66.39 -11.59
CA SER F 55 -63.53 -65.20 -12.27
C SER F 55 -64.96 -64.91 -11.82
N ASP F 56 -65.36 -65.50 -10.69
CA ASP F 56 -66.70 -65.30 -10.16
C ASP F 56 -66.65 -64.99 -8.67
N LEU F 57 -66.79 -63.71 -8.35
CA LEU F 57 -66.75 -63.23 -6.97
C LEU F 57 -67.86 -63.84 -6.12
N ASP F 58 -68.73 -64.59 -6.78
CA ASP F 58 -69.85 -65.27 -6.14
C ASP F 58 -69.33 -66.36 -5.19
N GLU F 59 -68.49 -67.23 -5.74
CA GLU F 59 -67.90 -68.33 -5.00
C GLU F 59 -67.04 -67.90 -3.83
N VAL F 60 -66.45 -66.72 -3.94
CA VAL F 60 -65.59 -66.19 -2.88
C VAL F 60 -66.38 -65.74 -1.65
N LEU F 61 -67.37 -64.87 -1.86
CA LEU F 61 -68.17 -64.34 -0.76
C LEU F 61 -69.12 -65.35 -0.09
N ASN F 62 -69.48 -66.40 -0.82
CA ASN F 62 -70.38 -67.40 -0.25
C ASN F 62 -69.61 -68.51 0.47
N ASP F 63 -68.30 -68.34 0.59
CA ASP F 63 -67.48 -69.34 1.27
C ASP F 63 -67.47 -69.05 2.76
N PRO F 64 -68.15 -69.90 3.55
CA PRO F 64 -68.22 -69.73 5.00
C PRO F 64 -66.86 -69.70 5.69
N ASP F 65 -65.85 -70.27 5.03
CA ASP F 65 -64.51 -70.34 5.58
C ASP F 65 -63.68 -69.07 5.50
N VAL F 66 -63.92 -68.25 4.47
CA VAL F 66 -63.16 -67.02 4.31
C VAL F 66 -63.53 -65.99 5.38
N LYS F 67 -62.53 -65.53 6.12
CA LYS F 67 -62.76 -64.55 7.19
C LYS F 67 -62.28 -63.16 6.78
N LEU F 68 -61.42 -63.10 5.76
CA LEU F 68 -60.89 -61.82 5.30
C LEU F 68 -60.79 -61.67 3.80
N VAL F 69 -61.34 -60.59 3.29
CA VAL F 69 -61.29 -60.27 1.87
C VAL F 69 -60.38 -59.04 1.72
N VAL F 70 -59.44 -59.10 0.78
CA VAL F 70 -58.52 -58.00 0.54
C VAL F 70 -58.82 -57.44 -0.85
N VAL F 71 -59.24 -56.18 -0.90
CA VAL F 71 -59.57 -55.52 -2.16
C VAL F 71 -58.36 -54.80 -2.74
N CYS F 72 -57.84 -55.35 -3.84
CA CYS F 72 -56.67 -54.79 -4.52
C CYS F 72 -56.95 -54.41 -5.97
N THR F 73 -58.21 -54.16 -6.28
CA THR F 73 -58.62 -53.79 -7.63
C THR F 73 -58.49 -52.27 -7.84
N HIS F 74 -58.98 -51.79 -8.98
CA HIS F 74 -58.94 -50.37 -9.29
C HIS F 74 -59.70 -49.59 -8.23
N ALA F 75 -59.27 -48.36 -7.98
CA ALA F 75 -59.89 -47.48 -6.97
C ALA F 75 -61.41 -47.37 -7.07
N ASP F 76 -61.93 -47.15 -8.27
CA ASP F 76 -63.36 -47.00 -8.48
C ASP F 76 -64.23 -48.14 -7.94
N SER F 77 -63.64 -49.32 -7.80
CA SER F 77 -64.41 -50.48 -7.34
C SER F 77 -64.23 -50.81 -5.86
N HIS F 78 -63.40 -50.04 -5.17
CA HIS F 78 -63.14 -50.30 -3.77
C HIS F 78 -64.35 -50.20 -2.85
N PHE F 79 -65.18 -49.18 -3.03
CA PHE F 79 -66.35 -49.02 -2.18
C PHE F 79 -67.34 -50.17 -2.30
N GLU F 80 -67.78 -50.46 -3.52
CA GLU F 80 -68.76 -51.52 -3.74
C GLU F 80 -68.27 -52.91 -3.34
N TYR F 81 -67.01 -53.22 -3.63
CA TYR F 81 -66.49 -54.54 -3.25
C TYR F 81 -66.42 -54.65 -1.73
N ALA F 82 -65.99 -53.58 -1.07
CA ALA F 82 -65.89 -53.56 0.39
C ALA F 82 -67.26 -53.77 1.00
N LYS F 83 -68.27 -53.06 0.49
CA LYS F 83 -69.61 -53.20 1.03
C LYS F 83 -70.14 -54.62 0.82
N ARG F 84 -70.04 -55.13 -0.40
CA ARG F 84 -70.53 -56.49 -0.69
C ARG F 84 -69.87 -57.54 0.20
N ALA F 85 -68.58 -57.39 0.45
CA ALA F 85 -67.85 -58.33 1.29
C ALA F 85 -68.39 -58.32 2.72
N LEU F 86 -68.74 -57.14 3.23
CA LEU F 86 -69.27 -57.00 4.58
C LEU F 86 -70.68 -57.58 4.72
N GLU F 87 -71.50 -57.40 3.69
CA GLU F 87 -72.86 -57.92 3.70
C GLU F 87 -72.81 -59.45 3.64
N ALA F 88 -71.66 -59.98 3.23
CA ALA F 88 -71.46 -61.42 3.14
C ALA F 88 -70.91 -61.89 4.48
N GLY F 89 -70.66 -60.94 5.37
CA GLY F 89 -70.14 -61.25 6.70
C GLY F 89 -68.64 -61.44 6.77
N LYS F 90 -67.90 -60.78 5.90
CA LYS F 90 -66.44 -60.90 5.88
C LYS F 90 -65.73 -59.62 6.30
N ASN F 91 -64.62 -59.77 7.02
CA ASN F 91 -63.81 -58.62 7.42
C ASN F 91 -63.13 -58.15 6.13
N VAL F 92 -62.80 -56.87 6.05
CA VAL F 92 -62.19 -56.33 4.83
C VAL F 92 -60.99 -55.40 4.97
N LEU F 93 -60.01 -55.64 4.11
CA LEU F 93 -58.79 -54.81 4.05
C LEU F 93 -58.86 -54.16 2.67
N VAL F 94 -58.87 -52.83 2.62
CA VAL F 94 -58.96 -52.13 1.33
C VAL F 94 -57.74 -51.27 1.02
N GLU F 95 -57.14 -51.50 -0.14
CA GLU F 95 -55.98 -50.72 -0.51
C GLU F 95 -56.44 -49.31 -0.82
N LYS F 96 -55.51 -48.37 -0.76
CA LYS F 96 -55.81 -46.97 -1.04
C LYS F 96 -56.36 -46.92 -2.47
N PRO F 97 -57.44 -46.14 -2.68
CA PRO F 97 -58.12 -45.33 -1.66
C PRO F 97 -59.09 -46.22 -0.88
N PHE F 98 -59.37 -45.84 0.37
CA PHE F 98 -60.31 -46.60 1.19
C PHE F 98 -61.69 -46.43 0.53
N THR F 99 -62.03 -45.18 0.25
CA THR F 99 -63.28 -44.82 -0.41
C THR F 99 -63.04 -43.48 -1.10
N PRO F 100 -63.81 -43.18 -2.15
CA PRO F 100 -63.63 -41.90 -2.85
C PRO F 100 -63.88 -40.71 -1.92
N THR F 101 -64.93 -40.80 -1.11
CA THR F 101 -65.28 -39.70 -0.21
C THR F 101 -65.33 -40.04 1.28
N LEU F 102 -65.27 -38.99 2.10
CA LEU F 102 -65.34 -39.11 3.55
C LEU F 102 -66.67 -39.71 3.99
N ALA F 103 -67.76 -39.28 3.35
CA ALA F 103 -69.08 -39.80 3.69
C ALA F 103 -69.13 -41.33 3.52
N GLN F 104 -68.59 -41.81 2.41
CA GLN F 104 -68.59 -43.24 2.14
C GLN F 104 -67.76 -44.04 3.15
N ALA F 105 -66.70 -43.43 3.67
CA ALA F 105 -65.87 -44.11 4.66
C ALA F 105 -66.72 -44.36 5.90
N LYS F 106 -67.50 -43.37 6.29
CA LYS F 106 -68.36 -43.49 7.46
C LYS F 106 -69.38 -44.61 7.17
N GLU F 107 -69.92 -44.61 5.97
CA GLU F 107 -70.90 -45.59 5.56
C GLU F 107 -70.32 -46.99 5.76
N LEU F 108 -69.13 -47.20 5.21
CA LEU F 108 -68.46 -48.48 5.30
C LEU F 108 -68.19 -48.88 6.76
N PHE F 109 -67.78 -47.91 7.59
CA PHE F 109 -67.53 -48.21 8.99
C PHE F 109 -68.81 -48.55 9.75
N ALA F 110 -69.92 -47.91 9.38
CA ALA F 110 -71.20 -48.15 10.02
C ALA F 110 -71.67 -49.58 9.78
N LEU F 111 -71.61 -50.01 8.53
CA LEU F 111 -72.02 -51.37 8.18
C LEU F 111 -71.18 -52.41 8.92
N ALA F 112 -69.87 -52.23 8.94
CA ALA F 112 -68.99 -53.17 9.63
C ALA F 112 -69.30 -53.27 11.12
N LYS F 113 -69.52 -52.11 11.75
CA LYS F 113 -69.80 -52.06 13.18
C LYS F 113 -71.08 -52.81 13.54
N SER F 114 -72.11 -52.68 12.71
CA SER F 114 -73.36 -53.39 12.97
C SER F 114 -73.08 -54.89 12.99
N LYS F 115 -72.51 -55.38 11.90
CA LYS F 115 -72.17 -56.80 11.75
C LYS F 115 -71.07 -57.21 12.74
N GLY F 116 -70.47 -56.22 13.38
CA GLY F 116 -69.42 -56.50 14.34
C GLY F 116 -68.12 -56.93 13.66
N LEU F 117 -67.98 -56.54 12.38
CA LEU F 117 -66.78 -56.89 11.60
C LEU F 117 -65.79 -55.75 11.54
N THR F 118 -64.66 -56.01 10.90
CA THR F 118 -63.61 -55.01 10.75
C THR F 118 -63.38 -54.65 9.29
N VAL F 119 -63.37 -53.35 9.01
CA VAL F 119 -63.11 -52.83 7.68
C VAL F 119 -62.01 -51.80 7.90
N THR F 120 -60.90 -51.93 7.18
CA THR F 120 -59.79 -51.01 7.37
C THR F 120 -58.93 -50.86 6.12
N PRO F 121 -58.23 -49.72 6.01
CA PRO F 121 -57.36 -49.50 4.85
C PRO F 121 -56.04 -50.20 5.08
N TYR F 122 -55.27 -50.35 4.01
CA TYR F 122 -53.96 -50.99 4.05
C TYR F 122 -52.92 -49.88 4.21
N GLN F 123 -52.50 -49.64 5.46
CA GLN F 123 -51.52 -48.61 5.76
C GLN F 123 -50.20 -49.30 6.09
N ASN F 124 -49.66 -49.99 5.10
CA ASN F 124 -48.44 -50.73 5.28
C ASN F 124 -47.21 -49.89 5.62
N ARG F 125 -47.26 -48.60 5.31
CA ARG F 125 -46.11 -47.76 5.59
C ARG F 125 -45.92 -47.38 7.06
N ARG F 126 -46.79 -47.87 7.92
CA ARG F 126 -46.62 -47.61 9.33
C ARG F 126 -45.50 -48.54 9.78
N PHE F 127 -45.06 -49.38 8.84
CA PHE F 127 -44.00 -50.31 9.15
C PHE F 127 -42.75 -50.13 8.29
N ASP F 128 -42.59 -48.92 7.73
CA ASP F 128 -41.41 -48.61 6.93
C ASP F 128 -40.26 -48.44 7.91
N SER F 129 -39.08 -48.91 7.54
CA SER F 129 -37.92 -48.81 8.41
C SER F 129 -37.60 -47.36 8.76
N CYS F 130 -37.56 -46.51 7.75
CA CYS F 130 -37.27 -45.09 7.95
C CYS F 130 -38.24 -44.49 8.96
N PHE F 131 -39.53 -44.70 8.74
CA PHE F 131 -40.56 -44.22 9.64
C PHE F 131 -40.38 -44.76 11.05
N LEU F 132 -40.22 -46.07 11.17
CA LEU F 132 -40.07 -46.67 12.49
C LEU F 132 -38.87 -46.11 13.24
N THR F 133 -37.82 -45.75 12.50
CA THR F 133 -36.65 -45.19 13.14
C THR F 133 -36.98 -43.79 13.71
N ALA F 134 -37.77 -43.02 12.97
CA ALA F 134 -38.16 -41.68 13.43
C ALA F 134 -39.08 -41.80 14.65
N LYS F 135 -39.89 -42.86 14.64
CA LYS F 135 -40.82 -43.12 15.74
C LYS F 135 -40.00 -43.47 16.98
N LYS F 136 -39.03 -44.37 16.83
CA LYS F 136 -38.19 -44.76 17.96
C LYS F 136 -37.46 -43.53 18.51
N ALA F 137 -36.97 -42.68 17.62
CA ALA F 137 -36.26 -41.48 18.06
C ALA F 137 -37.18 -40.54 18.84
N ILE F 138 -38.43 -40.40 18.39
CA ILE F 138 -39.38 -39.53 19.08
C ILE F 138 -39.78 -40.08 20.45
N GLU F 139 -39.96 -41.40 20.53
CA GLU F 139 -40.36 -42.05 21.78
C GLU F 139 -39.20 -42.28 22.74
N SER F 140 -37.98 -41.97 22.31
CA SER F 140 -36.81 -42.15 23.17
C SER F 140 -36.77 -41.03 24.21
N GLY F 141 -37.32 -39.87 23.84
CA GLY F 141 -37.34 -38.75 24.75
C GLY F 141 -36.06 -37.95 24.72
N LYS F 142 -35.11 -38.40 23.92
CA LYS F 142 -33.82 -37.72 23.81
C LYS F 142 -33.96 -36.33 23.17
N LEU F 143 -35.00 -36.16 22.36
CA LEU F 143 -35.23 -34.90 21.65
C LEU F 143 -35.99 -33.86 22.47
N GLY F 144 -36.51 -34.26 23.62
CA GLY F 144 -37.28 -33.34 24.44
C GLY F 144 -38.63 -33.11 23.80
N GLU F 145 -39.28 -32.00 24.14
CA GLU F 145 -40.59 -31.68 23.56
C GLU F 145 -40.45 -31.48 22.06
N ILE F 146 -41.26 -32.20 21.28
CA ILE F 146 -41.18 -32.13 19.82
C ILE F 146 -41.86 -30.87 19.26
N VAL F 147 -41.11 -30.09 18.49
CA VAL F 147 -41.68 -28.87 17.93
C VAL F 147 -41.84 -28.90 16.39
N GLU F 148 -41.13 -29.80 15.72
CA GLU F 148 -41.27 -29.89 14.27
C GLU F 148 -40.88 -31.25 13.70
N VAL F 149 -41.68 -31.69 12.74
CA VAL F 149 -41.48 -32.95 12.04
C VAL F 149 -41.67 -32.65 10.56
N GLU F 150 -40.77 -33.15 9.72
CA GLU F 150 -40.86 -32.95 8.29
C GLU F 150 -40.66 -34.29 7.57
N SER F 151 -41.62 -34.64 6.71
CA SER F 151 -41.56 -35.89 5.96
C SER F 151 -41.62 -35.60 4.47
N HIS F 152 -40.69 -36.19 3.72
CA HIS F 152 -40.58 -36.01 2.28
C HIS F 152 -40.79 -37.31 1.51
N PHE F 153 -41.49 -37.22 0.38
CA PHE F 153 -41.71 -38.37 -0.48
C PHE F 153 -41.67 -37.79 -1.89
N ASP F 154 -40.48 -37.72 -2.46
CA ASP F 154 -40.29 -37.13 -3.77
C ASP F 154 -39.65 -38.01 -4.83
N TYR F 155 -39.64 -37.47 -6.03
CA TYR F 155 -39.05 -38.13 -7.18
C TYR F 155 -38.46 -37.05 -8.07
N TYR F 156 -37.72 -37.49 -9.08
CA TYR F 156 -37.24 -36.59 -10.09
C TYR F 156 -37.75 -37.28 -11.35
N ARG F 157 -38.98 -36.93 -11.73
CA ARG F 157 -39.64 -37.47 -12.92
C ARG F 157 -40.29 -36.26 -13.58
N PRO F 158 -39.49 -35.46 -14.28
CA PRO F 158 -39.92 -34.24 -14.97
C PRO F 158 -40.94 -34.43 -16.09
N VAL F 159 -40.99 -35.61 -16.70
CA VAL F 159 -41.92 -35.83 -17.81
C VAL F 159 -43.20 -36.52 -17.37
N ALA F 160 -44.33 -35.84 -17.55
CA ALA F 160 -45.61 -36.41 -17.16
C ALA F 160 -46.55 -36.50 -18.37
N GLU F 161 -46.84 -37.74 -18.79
CA GLU F 161 -47.75 -37.93 -19.91
C GLU F 161 -49.10 -37.37 -19.52
N THR F 162 -49.79 -36.76 -20.48
CA THR F 162 -51.09 -36.16 -20.23
C THR F 162 -52.10 -37.17 -19.72
N LYS F 163 -52.76 -36.83 -18.61
CA LYS F 163 -53.72 -37.73 -18.01
C LYS F 163 -54.60 -36.97 -17.02
N PRO F 164 -55.64 -36.26 -17.51
CA PRO F 164 -56.55 -35.50 -16.67
C PRO F 164 -57.19 -36.38 -15.59
N GLY F 165 -57.67 -35.77 -14.52
CA GLY F 165 -58.28 -36.52 -13.44
C GLY F 165 -58.88 -35.62 -12.39
N LEU F 166 -59.37 -36.22 -11.32
CA LEU F 166 -59.95 -35.46 -10.21
C LEU F 166 -58.94 -35.40 -9.07
N PRO F 167 -59.22 -34.58 -8.05
CA PRO F 167 -58.30 -34.48 -6.91
C PRO F 167 -57.85 -35.84 -6.41
N GLN F 168 -58.77 -36.81 -6.42
CA GLN F 168 -58.44 -38.15 -5.95
C GLN F 168 -57.34 -38.81 -6.77
N ASP F 169 -57.09 -38.30 -7.97
CA ASP F 169 -56.05 -38.86 -8.83
C ASP F 169 -54.71 -38.11 -8.69
N GLY F 170 -54.67 -37.06 -7.87
CA GLY F 170 -53.45 -36.29 -7.70
C GLY F 170 -52.47 -36.85 -6.67
N ALA F 171 -51.29 -36.25 -6.57
CA ALA F 171 -50.28 -36.71 -5.62
C ALA F 171 -50.68 -36.53 -4.16
N PHE F 172 -51.51 -35.53 -3.87
CA PHE F 172 -51.90 -35.30 -2.48
C PHE F 172 -52.65 -36.52 -1.97
N TYR F 173 -53.63 -37.02 -2.73
CA TYR F 173 -54.36 -38.22 -2.34
C TYR F 173 -53.47 -39.45 -2.53
N GLY F 174 -52.77 -39.49 -3.66
CA GLY F 174 -51.92 -40.63 -3.98
C GLY F 174 -50.83 -40.98 -2.97
N LEU F 175 -50.02 -39.99 -2.59
CA LEU F 175 -48.94 -40.21 -1.63
C LEU F 175 -49.23 -39.59 -0.27
N GLY F 176 -49.91 -38.45 -0.26
CA GLY F 176 -50.23 -37.81 1.00
C GLY F 176 -50.99 -38.73 1.96
N VAL F 177 -51.84 -39.61 1.41
CA VAL F 177 -52.61 -40.50 2.25
C VAL F 177 -51.69 -41.36 3.12
N HIS F 178 -50.56 -41.77 2.56
CA HIS F 178 -49.61 -42.58 3.32
C HIS F 178 -48.78 -41.74 4.29
N THR F 179 -48.17 -40.67 3.79
CA THR F 179 -47.33 -39.81 4.62
C THR F 179 -48.10 -39.11 5.74
N MSE F 180 -49.32 -38.67 5.46
CA MSE F 180 -50.11 -38.00 6.50
C MSE F 180 -50.59 -39.00 7.52
O MSE F 180 -50.69 -38.69 8.71
CB MSE F 180 -51.31 -37.26 5.90
CG MSE F 180 -50.94 -35.95 5.21
SE MSE F 180 -52.42 -34.68 5.19
CE MSE F 180 -53.66 -35.71 4.13
N ASP F 181 -50.87 -40.21 7.07
CA ASP F 181 -51.31 -41.27 7.98
C ASP F 181 -50.21 -41.52 9.00
N GLN F 182 -48.95 -41.45 8.56
CA GLN F 182 -47.85 -41.67 9.48
C GLN F 182 -47.87 -40.60 10.59
N ILE F 183 -48.04 -39.35 10.19
CA ILE F 183 -48.08 -38.22 11.12
C ILE F 183 -49.25 -38.36 12.10
N ILE F 184 -50.43 -38.63 11.56
CA ILE F 184 -51.63 -38.81 12.39
C ILE F 184 -51.43 -39.96 13.38
N SER F 185 -50.82 -41.06 12.93
CA SER F 185 -50.61 -42.20 13.81
C SER F 185 -49.74 -41.81 15.00
N LEU F 186 -48.94 -40.77 14.84
CA LEU F 186 -48.06 -40.33 15.92
C LEU F 186 -48.64 -39.25 16.81
N PHE F 187 -49.34 -38.28 16.22
CA PHE F 187 -49.88 -37.16 16.99
C PHE F 187 -51.39 -36.99 17.01
N GLY F 188 -52.10 -37.84 16.29
CA GLY F 188 -53.54 -37.71 16.27
C GLY F 188 -54.09 -36.69 15.29
N ARG F 189 -55.15 -36.01 15.73
CA ARG F 189 -55.84 -35.02 14.93
C ARG F 189 -55.32 -33.60 15.17
N PRO F 190 -54.99 -32.88 14.09
CA PRO F 190 -54.46 -31.51 14.20
C PRO F 190 -55.51 -30.41 14.41
N ASP F 191 -55.06 -29.26 14.90
CA ASP F 191 -55.95 -28.11 15.13
C ASP F 191 -56.17 -27.34 13.83
N HIS F 192 -55.09 -27.18 13.06
CA HIS F 192 -55.14 -26.45 11.79
C HIS F 192 -54.37 -27.21 10.72
N VAL F 193 -54.61 -26.85 9.46
CA VAL F 193 -53.91 -27.45 8.34
C VAL F 193 -53.72 -26.37 7.28
N ALA F 194 -52.49 -26.21 6.81
CA ALA F 194 -52.21 -25.22 5.78
C ALA F 194 -51.88 -26.03 4.54
N TYR F 195 -52.44 -25.62 3.40
CA TYR F 195 -52.21 -26.35 2.17
C TYR F 195 -51.51 -25.54 1.08
N ASP F 196 -50.73 -26.27 0.30
CA ASP F 196 -50.01 -25.76 -0.86
C ASP F 196 -50.10 -26.93 -1.84
N ILE F 197 -50.95 -26.80 -2.84
CA ILE F 197 -51.13 -27.87 -3.82
C ILE F 197 -51.04 -27.34 -5.24
N ARG F 198 -50.20 -27.93 -6.06
CA ARG F 198 -50.15 -27.46 -7.44
C ARG F 198 -49.71 -28.46 -8.50
N SER F 199 -49.96 -28.09 -9.75
CA SER F 199 -49.62 -28.94 -10.90
C SER F 199 -48.50 -28.26 -11.67
N LEU F 200 -47.30 -28.81 -11.55
CA LEU F 200 -46.12 -28.24 -12.20
C LEU F 200 -45.66 -28.83 -13.52
N ARG F 201 -45.64 -30.15 -13.63
CA ARG F 201 -45.17 -30.80 -14.86
C ARG F 201 -46.09 -30.74 -16.07
N ASN F 202 -47.37 -31.04 -15.88
CA ASN F 202 -48.34 -31.02 -16.98
C ASN F 202 -49.64 -30.38 -16.50
N LYS F 203 -49.87 -29.15 -16.93
CA LYS F 203 -51.05 -28.40 -16.51
C LYS F 203 -52.42 -29.05 -16.79
N ALA F 204 -52.43 -30.18 -17.47
CA ALA F 204 -53.70 -30.86 -17.75
C ALA F 204 -53.98 -31.90 -16.67
N ASN F 205 -52.96 -32.22 -15.87
CA ASN F 205 -53.08 -33.22 -14.83
C ASN F 205 -53.43 -32.72 -13.44
N PRO F 206 -53.83 -33.64 -12.55
CA PRO F 206 -54.17 -33.28 -11.16
C PRO F 206 -52.83 -32.90 -10.51
N ASP F 207 -52.88 -32.33 -9.30
CA ASP F 207 -51.66 -31.90 -8.62
C ASP F 207 -50.56 -32.96 -8.60
N ASP F 208 -49.31 -32.53 -8.72
CA ASP F 208 -48.18 -33.44 -8.68
C ASP F 208 -47.18 -32.96 -7.65
N THR F 209 -47.57 -31.92 -6.93
CA THR F 209 -46.74 -31.29 -5.92
C THR F 209 -47.59 -30.77 -4.77
N PHE F 210 -47.21 -31.08 -3.55
CA PHE F 210 -47.99 -30.58 -2.43
C PHE F 210 -47.15 -30.48 -1.17
N GLU F 211 -47.65 -29.69 -0.22
CA GLU F 211 -47.04 -29.52 1.09
C GLU F 211 -48.20 -29.28 2.03
N ALA F 212 -48.37 -30.16 2.98
CA ALA F 212 -49.44 -30.01 3.97
C ALA F 212 -48.75 -29.78 5.32
N GLN F 213 -49.20 -28.76 6.05
CA GLN F 213 -48.63 -28.46 7.36
C GLN F 213 -49.72 -28.70 8.40
N LEU F 214 -49.50 -29.68 9.26
CA LEU F 214 -50.47 -30.02 10.31
C LEU F 214 -50.01 -29.40 11.64
N PHE F 215 -50.88 -28.60 12.24
CA PHE F 215 -50.53 -27.92 13.49
C PHE F 215 -51.17 -28.55 14.72
N TYR F 216 -50.33 -29.03 15.62
CA TYR F 216 -50.80 -29.64 16.86
C TYR F 216 -50.31 -28.75 17.99
N GLY F 217 -51.12 -27.74 18.32
CA GLY F 217 -50.72 -26.82 19.37
C GLY F 217 -49.55 -26.03 18.82
N ASP F 218 -48.36 -26.22 19.39
CA ASP F 218 -47.17 -25.52 18.92
C ASP F 218 -46.27 -26.39 18.05
N LEU F 219 -46.66 -27.65 17.88
CA LEU F 219 -45.88 -28.57 17.05
C LEU F 219 -46.41 -28.48 15.63
N LYS F 220 -45.51 -28.36 14.67
CA LYS F 220 -45.91 -28.32 13.27
C LYS F 220 -45.34 -29.53 12.54
N ALA F 221 -46.22 -30.32 11.93
CA ALA F 221 -45.81 -31.51 11.18
C ALA F 221 -45.98 -31.23 9.69
N ILE F 222 -44.88 -31.29 8.95
CA ILE F 222 -44.90 -31.04 7.52
C ILE F 222 -44.76 -32.30 6.68
N VAL F 223 -45.64 -32.42 5.69
CA VAL F 223 -45.64 -33.54 4.77
C VAL F 223 -45.59 -32.95 3.36
N LYS F 224 -44.61 -33.37 2.57
CA LYS F 224 -44.53 -32.84 1.22
C LYS F 224 -43.96 -33.80 0.20
N THR F 225 -44.40 -33.64 -1.05
CA THR F 225 -43.93 -34.45 -2.15
C THR F 225 -43.85 -33.60 -3.41
N SER F 226 -42.93 -33.99 -4.27
CA SER F 226 -42.73 -33.28 -5.52
C SER F 226 -42.11 -34.26 -6.47
N HIS F 227 -42.44 -34.12 -7.75
CA HIS F 227 -41.88 -35.00 -8.77
C HIS F 227 -40.70 -34.28 -9.42
N LEU F 228 -40.29 -33.16 -8.83
CA LEU F 228 -39.18 -32.36 -9.36
C LEU F 228 -38.05 -32.11 -8.33
N VAL F 229 -37.51 -33.19 -7.78
CA VAL F 229 -36.45 -33.08 -6.79
C VAL F 229 -35.22 -33.88 -7.22
N LYS F 230 -34.23 -33.20 -7.81
CA LYS F 230 -33.01 -33.87 -8.28
C LYS F 230 -32.12 -34.35 -7.12
N ILE F 231 -31.94 -33.48 -6.12
CA ILE F 231 -31.13 -33.81 -4.94
C ILE F 231 -32.10 -33.97 -3.77
N ASP F 232 -32.23 -35.20 -3.29
CA ASP F 232 -33.16 -35.51 -2.20
C ASP F 232 -32.96 -34.82 -0.87
N TYR F 233 -34.09 -34.53 -0.23
CA TYR F 233 -34.09 -33.95 1.10
C TYR F 233 -33.94 -35.20 1.98
N PRO F 234 -33.82 -35.01 3.30
CA PRO F 234 -33.71 -36.17 4.19
C PRO F 234 -35.11 -36.79 4.18
N LYS F 235 -35.24 -38.09 4.41
CA LYS F 235 -36.56 -38.72 4.42
C LYS F 235 -37.41 -38.22 5.59
N PHE F 236 -36.78 -38.07 6.75
CA PHE F 236 -37.43 -37.56 7.95
C PHE F 236 -36.52 -36.59 8.69
N ILE F 237 -37.13 -35.57 9.29
CA ILE F 237 -36.41 -34.57 10.07
C ILE F 237 -37.28 -34.31 11.29
N VAL F 238 -36.70 -34.42 12.47
CA VAL F 238 -37.46 -34.19 13.70
C VAL F 238 -36.66 -33.26 14.61
N HIS F 239 -37.29 -32.15 15.01
CA HIS F 239 -36.67 -31.19 15.89
C HIS F 239 -37.46 -31.08 17.20
N GLY F 240 -36.72 -31.15 18.31
CA GLY F 240 -37.29 -31.06 19.63
C GLY F 240 -36.49 -30.02 20.39
N LYS F 241 -36.95 -29.64 21.57
CA LYS F 241 -36.26 -28.64 22.37
C LYS F 241 -34.87 -29.04 22.83
N LYS F 242 -34.62 -30.34 22.88
CA LYS F 242 -33.32 -30.84 23.34
C LYS F 242 -32.44 -31.40 22.22
N GLY F 243 -33.00 -31.58 21.02
CA GLY F 243 -32.18 -32.10 19.96
C GLY F 243 -32.89 -32.39 18.65
N SER F 244 -32.12 -32.87 17.69
CA SER F 244 -32.63 -33.17 16.36
C SER F 244 -32.32 -34.60 15.92
N PHE F 245 -33.16 -35.10 15.02
CA PHE F 245 -33.02 -36.42 14.42
C PHE F 245 -33.14 -36.22 12.91
N ILE F 246 -32.18 -36.78 12.16
CA ILE F 246 -32.20 -36.69 10.70
C ILE F 246 -32.03 -38.09 10.11
N LYS F 247 -32.85 -38.43 9.12
CA LYS F 247 -32.79 -39.72 8.44
C LYS F 247 -32.87 -39.57 6.93
N TYR F 248 -31.82 -39.99 6.25
CA TYR F 248 -31.78 -39.95 4.79
C TYR F 248 -32.04 -41.37 4.33
N GLY F 249 -32.78 -41.52 3.24
CA GLY F 249 -33.07 -42.85 2.73
C GLY F 249 -34.44 -43.36 3.15
N ILE F 250 -35.10 -44.03 2.22
CA ILE F 250 -36.42 -44.57 2.49
C ILE F 250 -36.37 -46.09 2.63
N ASP F 251 -37.37 -46.65 3.30
CA ASP F 251 -37.48 -48.09 3.51
C ASP F 251 -37.12 -48.79 2.19
N GLN F 252 -36.37 -49.89 2.27
CA GLN F 252 -35.97 -50.59 1.04
C GLN F 252 -36.77 -51.83 0.64
N GLN F 253 -37.84 -52.15 1.36
CA GLN F 253 -38.65 -53.30 1.01
C GLN F 253 -39.09 -53.25 -0.45
N GLU F 254 -39.62 -52.10 -0.87
CA GLU F 254 -40.09 -51.93 -2.24
C GLU F 254 -38.97 -52.11 -3.25
N THR F 255 -37.80 -51.53 -2.97
CA THR F 255 -36.68 -51.66 -3.89
C THR F 255 -36.36 -53.14 -4.08
N SER F 256 -36.32 -53.90 -2.98
CA SER F 256 -36.01 -55.33 -3.05
C SER F 256 -37.05 -56.09 -3.87
N LEU F 257 -38.33 -55.87 -3.55
CA LEU F 257 -39.42 -56.55 -4.24
C LEU F 257 -39.37 -56.33 -5.75
N LYS F 258 -39.07 -55.10 -6.17
CA LYS F 258 -38.97 -54.77 -7.59
C LYS F 258 -37.80 -55.54 -8.24
N ALA F 259 -36.73 -55.75 -7.48
CA ALA F 259 -35.56 -56.47 -7.96
C ALA F 259 -35.76 -57.98 -7.77
N ASN F 260 -37.01 -58.37 -7.63
CA ASN F 260 -37.39 -59.77 -7.46
C ASN F 260 -36.74 -60.47 -6.27
N ILE F 261 -36.65 -59.78 -5.14
CA ILE F 261 -36.10 -60.36 -3.93
C ILE F 261 -37.27 -60.39 -2.93
N MSE F 262 -37.63 -61.58 -2.49
CA MSE F 262 -38.75 -61.76 -1.56
C MSE F 262 -38.37 -61.66 -0.08
O MSE F 262 -37.20 -61.77 0.29
CB MSE F 262 -39.43 -63.11 -1.80
CG MSE F 262 -39.94 -63.31 -3.22
SE MSE F 262 -41.21 -61.97 -3.77
CE MSE F 262 -40.02 -60.80 -4.75
N PRO F 263 -39.38 -61.44 0.79
CA PRO F 263 -39.15 -61.34 2.24
C PRO F 263 -38.46 -62.59 2.77
N GLY F 264 -37.60 -62.42 3.76
CA GLY F 264 -36.89 -63.56 4.33
C GLY F 264 -35.71 -63.98 3.49
N GLU F 265 -35.75 -63.68 2.19
CA GLU F 265 -34.65 -64.04 1.30
C GLU F 265 -33.43 -63.17 1.59
N PRO F 266 -32.23 -63.67 1.27
CA PRO F 266 -30.97 -62.95 1.48
C PRO F 266 -30.88 -61.57 0.84
N GLY F 267 -30.45 -60.60 1.64
CA GLY F 267 -30.31 -59.23 1.14
C GLY F 267 -31.62 -58.48 0.97
N PHE F 268 -32.68 -58.95 1.63
CA PHE F 268 -33.96 -58.28 1.52
C PHE F 268 -33.99 -57.01 2.36
N ALA F 269 -34.43 -55.91 1.74
CA ALA F 269 -34.51 -54.63 2.41
C ALA F 269 -33.14 -54.14 2.85
N ALA F 270 -32.10 -54.54 2.12
CA ALA F 270 -30.74 -54.13 2.43
C ALA F 270 -30.70 -52.61 2.55
N ASP F 271 -30.30 -52.11 3.72
CA ASP F 271 -30.25 -50.68 3.97
C ASP F 271 -28.95 -50.29 4.68
N ASP F 272 -28.15 -49.45 4.03
CA ASP F 272 -26.88 -49.03 4.61
C ASP F 272 -26.93 -47.62 5.21
N SER F 273 -28.12 -47.05 5.30
CA SER F 273 -28.26 -45.72 5.86
C SER F 273 -28.39 -45.81 7.37
N VAL F 274 -28.28 -44.67 8.03
CA VAL F 274 -28.40 -44.63 9.48
C VAL F 274 -29.11 -43.34 9.83
N GLY F 275 -29.77 -43.32 10.98
CA GLY F 275 -30.45 -42.12 11.42
C GLY F 275 -29.46 -41.39 12.29
N VAL F 276 -29.41 -40.07 12.19
CA VAL F 276 -28.50 -39.27 12.99
C VAL F 276 -29.30 -38.63 14.11
N LEU F 277 -28.74 -38.66 15.31
CA LEU F 277 -29.40 -38.11 16.48
C LEU F 277 -28.40 -37.25 17.28
N GLU F 278 -28.68 -35.95 17.38
CA GLU F 278 -27.81 -35.06 18.15
C GLU F 278 -28.67 -34.33 19.16
N TYR F 279 -28.37 -34.56 20.44
CA TYR F 279 -29.13 -33.97 21.52
C TYR F 279 -28.26 -33.67 22.73
N VAL F 280 -28.86 -32.97 23.70
CA VAL F 280 -28.21 -32.59 24.94
C VAL F 280 -28.76 -33.52 26.03
N ASN F 281 -27.91 -34.34 26.63
CA ASN F 281 -28.36 -35.27 27.67
C ASN F 281 -28.60 -34.59 29.00
N ASP F 282 -29.15 -35.35 29.95
CA ASP F 282 -29.45 -34.83 31.29
C ASP F 282 -28.33 -34.00 31.91
N GLU F 283 -27.09 -34.45 31.72
CA GLU F 283 -25.92 -33.76 32.25
C GLU F 283 -25.56 -32.49 31.49
N GLY F 284 -26.33 -32.19 30.45
CA GLY F 284 -26.09 -30.99 29.67
C GLY F 284 -24.99 -31.12 28.62
N VAL F 285 -24.56 -32.35 28.34
CA VAL F 285 -23.51 -32.58 27.35
C VAL F 285 -24.12 -32.95 26.00
N THR F 286 -23.63 -32.33 24.92
CA THR F 286 -24.15 -32.63 23.59
C THR F 286 -23.62 -33.96 23.09
N VAL F 287 -24.55 -34.87 22.78
CA VAL F 287 -24.23 -36.21 22.30
C VAL F 287 -24.74 -36.42 20.87
N ARG F 288 -23.99 -37.17 20.08
CA ARG F 288 -24.39 -37.48 18.70
C ARG F 288 -24.34 -38.98 18.52
N GLU F 289 -25.46 -39.56 18.11
CA GLU F 289 -25.58 -41.01 17.91
C GLU F 289 -26.02 -41.38 16.49
N GLU F 290 -25.56 -42.55 16.03
CA GLU F 290 -25.92 -43.06 14.71
C GLU F 290 -26.82 -44.28 14.92
N MSE F 291 -28.09 -44.13 14.57
CA MSE F 291 -29.04 -45.22 14.75
C MSE F 291 -29.07 -46.18 13.56
O MSE F 291 -29.20 -45.76 12.41
CB MSE F 291 -30.45 -44.66 14.96
CG MSE F 291 -30.63 -43.86 16.24
SE MSE F 291 -32.37 -43.01 16.35
CE MSE F 291 -33.38 -44.46 17.15
N LYS F 292 -28.94 -47.47 13.84
CA LYS F 292 -29.02 -48.46 12.79
C LYS F 292 -30.52 -48.50 12.52
N PRO F 293 -30.93 -48.38 11.25
CA PRO F 293 -32.34 -48.40 10.88
C PRO F 293 -33.15 -49.53 11.49
N GLU F 294 -34.37 -49.22 11.94
CA GLU F 294 -35.25 -50.23 12.51
C GLU F 294 -35.67 -51.10 11.34
N MSE F 295 -36.06 -52.34 11.61
CA MSE F 295 -36.46 -53.24 10.55
C MSE F 295 -37.92 -52.99 10.16
O MSE F 295 -38.77 -52.78 11.02
CB MSE F 295 -36.29 -54.70 10.96
CG MSE F 295 -36.47 -55.69 9.83
SE MSE F 295 -36.48 -57.52 10.46
CE MSE F 295 -38.40 -57.79 10.53
N GLY F 296 -38.19 -53.00 8.85
CA GLY F 296 -39.53 -52.79 8.36
C GLY F 296 -40.12 -54.12 7.90
N ASP F 297 -41.44 -54.23 7.98
CA ASP F 297 -42.10 -55.47 7.60
C ASP F 297 -43.57 -55.17 7.30
N TYR F 298 -43.90 -55.04 6.02
CA TYR F 298 -45.28 -54.76 5.64
C TYR F 298 -46.16 -55.89 6.13
N GLY F 299 -45.55 -57.06 6.36
CA GLY F 299 -46.29 -58.20 6.83
C GLY F 299 -46.97 -57.95 8.16
N ARG F 300 -46.43 -57.03 8.95
CA ARG F 300 -47.01 -56.72 10.25
C ARG F 300 -48.48 -56.30 10.14
N VAL F 301 -48.90 -55.89 8.95
CA VAL F 301 -50.29 -55.52 8.75
C VAL F 301 -51.10 -56.80 9.01
N TYR F 302 -50.69 -57.89 8.36
CA TYR F 302 -51.39 -59.15 8.54
C TYR F 302 -51.27 -59.77 9.93
N ASP F 303 -50.16 -59.52 10.62
CA ASP F 303 -50.00 -60.05 11.97
C ASP F 303 -51.00 -59.34 12.89
N ALA F 304 -51.28 -58.08 12.58
CA ALA F 304 -52.21 -57.29 13.37
C ALA F 304 -53.64 -57.71 13.04
N LEU F 305 -53.90 -57.99 11.76
CA LEU F 305 -55.23 -58.43 11.34
C LEU F 305 -55.55 -59.76 12.02
N TYR F 306 -54.53 -60.61 12.15
CA TYR F 306 -54.70 -61.91 12.78
C TYR F 306 -55.17 -61.69 14.22
N GLN F 307 -54.53 -60.74 14.89
CA GLN F 307 -54.83 -60.38 16.27
C GLN F 307 -56.29 -59.94 16.42
N THR F 308 -56.72 -59.04 15.54
CA THR F 308 -58.07 -58.51 15.55
C THR F 308 -59.12 -59.58 15.28
N ILE F 309 -58.91 -60.33 14.21
CA ILE F 309 -59.86 -61.37 13.84
C ILE F 309 -59.89 -62.52 14.84
N THR F 310 -58.72 -63.01 15.24
CA THR F 310 -58.63 -64.14 16.16
C THR F 310 -58.82 -63.84 17.65
N HIS F 311 -58.34 -62.69 18.12
CA HIS F 311 -58.45 -62.37 19.54
C HIS F 311 -59.20 -61.10 19.89
N GLY F 312 -59.90 -60.51 18.93
CA GLY F 312 -60.64 -59.29 19.19
C GLY F 312 -59.75 -58.07 19.44
N ALA F 313 -58.45 -58.24 19.22
CA ALA F 313 -57.50 -57.14 19.42
C ALA F 313 -57.93 -55.92 18.59
N PRO F 314 -57.76 -54.72 19.13
CA PRO F 314 -58.14 -53.52 18.39
C PRO F 314 -57.45 -53.46 17.03
N ASN F 315 -58.05 -52.74 16.10
CA ASN F 315 -57.49 -52.63 14.75
C ASN F 315 -56.21 -51.79 14.79
N TYR F 316 -55.17 -52.24 14.07
CA TYR F 316 -53.91 -51.52 14.05
C TYR F 316 -54.09 -50.07 13.62
N VAL F 317 -55.16 -49.81 12.87
CA VAL F 317 -55.45 -48.45 12.40
C VAL F 317 -56.78 -48.00 12.97
N LYS F 318 -56.76 -46.96 13.81
CA LYS F 318 -57.99 -46.47 14.42
C LYS F 318 -58.92 -45.79 13.41
N GLU F 319 -60.22 -45.96 13.63
CA GLU F 319 -61.22 -45.37 12.77
C GLU F 319 -61.04 -43.86 12.65
N SER F 320 -60.80 -43.21 13.80
CA SER F 320 -60.63 -41.77 13.82
C SER F 320 -59.46 -41.31 12.96
N GLU F 321 -58.37 -42.09 12.95
CA GLU F 321 -57.20 -41.73 12.15
C GLU F 321 -57.52 -41.76 10.65
N VAL F 322 -58.41 -42.68 10.27
CA VAL F 322 -58.83 -42.83 8.89
C VAL F 322 -59.69 -41.66 8.45
N LEU F 323 -60.67 -41.31 9.27
CA LEU F 323 -61.57 -40.22 8.96
C LEU F 323 -60.83 -38.88 8.97
N THR F 324 -59.92 -38.70 9.93
CA THR F 324 -59.16 -37.46 10.00
C THR F 324 -58.36 -37.27 8.71
N ASN F 325 -57.65 -38.31 8.30
CA ASN F 325 -56.84 -38.30 7.10
C ASN F 325 -57.69 -37.97 5.86
N LEU F 326 -58.84 -38.64 5.74
CA LEU F 326 -59.73 -38.39 4.60
C LEU F 326 -60.28 -36.97 4.64
N GLU F 327 -60.54 -36.48 5.84
CA GLU F 327 -61.09 -35.13 5.97
C GLU F 327 -60.04 -34.07 5.60
N ILE F 328 -58.79 -34.29 6.01
CA ILE F 328 -57.75 -33.33 5.69
C ILE F 328 -57.57 -33.26 4.17
N LEU F 329 -57.58 -34.42 3.53
CA LEU F 329 -57.43 -34.48 2.08
C LEU F 329 -58.51 -33.69 1.34
N GLU F 330 -59.77 -33.87 1.74
CA GLU F 330 -60.87 -33.18 1.08
C GLU F 330 -60.88 -31.66 1.29
N ARG F 331 -60.61 -31.23 2.51
CA ARG F 331 -60.61 -29.79 2.81
C ARG F 331 -59.50 -29.04 2.09
N GLY F 332 -58.51 -29.78 1.61
CA GLY F 332 -57.41 -29.16 0.90
C GLY F 332 -57.89 -28.59 -0.42
N PHE F 333 -59.13 -28.89 -0.77
CA PHE F 333 -59.71 -28.41 -2.02
C PHE F 333 -60.89 -27.45 -1.84
N GLU F 334 -61.18 -27.07 -0.59
CA GLU F 334 -62.28 -26.15 -0.33
C GLU F 334 -62.09 -24.81 -1.03
N GLN F 335 -60.85 -24.34 -1.05
CA GLN F 335 -60.54 -23.07 -1.70
C GLN F 335 -59.22 -23.24 -2.44
N ALA F 336 -58.98 -22.41 -3.45
CA ALA F 336 -57.75 -22.48 -4.24
C ALA F 336 -56.51 -22.38 -3.37
N SER F 337 -55.49 -23.15 -3.72
CA SER F 337 -54.22 -23.15 -2.97
C SER F 337 -53.45 -21.87 -3.25
N PRO F 338 -52.74 -21.32 -2.26
CA PRO F 338 -52.58 -21.81 -0.89
C PRO F 338 -53.73 -21.43 0.03
N SER F 339 -54.02 -22.30 1.01
CA SER F 339 -55.12 -22.04 1.93
C SER F 339 -54.84 -22.62 3.31
N THR F 340 -55.63 -22.20 4.28
CA THR F 340 -55.49 -22.67 5.64
C THR F 340 -56.89 -22.95 6.18
N VAL F 341 -57.00 -23.96 7.03
CA VAL F 341 -58.28 -24.31 7.62
C VAL F 341 -58.07 -24.73 9.08
N THR F 342 -59.17 -24.77 9.82
CA THR F 342 -59.13 -25.17 11.20
C THR F 342 -60.06 -26.37 11.29
N LEU F 343 -59.55 -27.50 11.78
CA LEU F 343 -60.36 -28.70 11.89
C LEU F 343 -61.36 -28.57 13.03
N ALA F 344 -62.65 -28.59 12.69
CA ALA F 344 -63.71 -28.46 13.67
C ALA F 344 -63.69 -29.56 14.73
N LYS F 345 -64.23 -30.72 14.38
CA LYS F 345 -64.28 -31.85 15.31
C LYS F 345 -62.96 -32.03 16.05
#